data_5ZEJ
# 
_entry.id   5ZEJ 
# 
_audit_conform.dict_name       mmcif_pdbx.dic 
_audit_conform.dict_version    5.380 
_audit_conform.dict_location   http://mmcif.pdb.org/dictionaries/ascii/mmcif_pdbx.dic 
# 
loop_
_database_2.database_id 
_database_2.database_code 
_database_2.pdbx_database_accession 
_database_2.pdbx_DOI 
PDB   5ZEJ         pdb_00005zej 10.2210/pdb5zej/pdb 
WWPDB D_1300006933 ?            ?                   
# 
_pdbx_database_PDB_obs_spr.id               SPRSDE 
_pdbx_database_PDB_obs_spr.date             2018-03-21 
_pdbx_database_PDB_obs_spr.pdb_id           5ZEJ 
_pdbx_database_PDB_obs_spr.replace_pdb_id   4WCR 
_pdbx_database_PDB_obs_spr.details          ? 
# 
loop_
_pdbx_database_related.db_name 
_pdbx_database_related.details 
_pdbx_database_related.db_id 
_pdbx_database_related.content_type 
PDB . 5ZEG unspecified 
PDB . 5ZEI unspecified 
# 
_pdbx_database_status.status_code                     REL 
_pdbx_database_status.status_code_sf                  REL 
_pdbx_database_status.status_code_mr                  ? 
_pdbx_database_status.entry_id                        5ZEJ 
_pdbx_database_status.recvd_initial_deposition_date   2018-02-27 
_pdbx_database_status.SG_entry                        N 
_pdbx_database_status.deposit_site                    PDBJ 
_pdbx_database_status.process_site                    PDBJ 
_pdbx_database_status.status_code_cs                  ? 
_pdbx_database_status.methods_development_category    ? 
_pdbx_database_status.pdb_format_compatible           Y 
_pdbx_database_status.status_code_nmr_data            ? 
# 
loop_
_audit_author.name 
_audit_author.pdbx_ordinal 
_audit_author.identifier_ORCID 
'Kanazawa, H.' 1 ? 
'Baba, F.'     2 ? 
'Koganei, M.'  3 ? 
'Kondo, J.'    4 ? 
# 
_citation.abstract                  ? 
_citation.abstract_id_CAS           ? 
_citation.book_id_ISBN              ? 
_citation.book_publisher            ? 
_citation.book_publisher_city       ? 
_citation.book_title                ? 
_citation.coordinate_linkage        ? 
_citation.country                   UK 
_citation.database_id_Medline       ? 
_citation.details                   ? 
_citation.id                        primary 
_citation.journal_abbrev            'Nucleic Acids Res.' 
_citation.journal_id_ASTM           NARHAD 
_citation.journal_id_CSD            0389 
_citation.journal_id_ISSN           1362-4962 
_citation.journal_full              ? 
_citation.journal_issue             ? 
_citation.journal_volume            45 
_citation.language                  ? 
_citation.page_first                12529 
_citation.page_last                 12535 
_citation.title                     
'A structural basis for the antibiotic resistance conferred by an N1-methylation of A1408 in 16S rRNA.' 
_citation.year                      2017 
_citation.database_id_CSD           ? 
_citation.pdbx_database_id_DOI      10.1093/nar/gkx882 
_citation.pdbx_database_id_PubMed   29036479 
_citation.unpublished_flag          ? 
# 
loop_
_citation_author.citation_id 
_citation_author.name 
_citation_author.ordinal 
_citation_author.identifier_ORCID 
primary 'Kanazawa, H.' 1 ? 
primary 'Baba, F.'     2 ? 
primary 'Koganei, M.'  3 ? 
primary 'Kondo, J.'    4 ? 
# 
_cell.angle_alpha                  90.000 
_cell.angle_alpha_esd              ? 
_cell.angle_beta                   90.000 
_cell.angle_beta_esd               ? 
_cell.angle_gamma                  90.000 
_cell.angle_gamma_esd              ? 
_cell.entry_id                     5ZEJ 
_cell.details                      ? 
_cell.formula_units_Z              ? 
_cell.length_a                     31.592 
_cell.length_a_esd                 ? 
_cell.length_b                     90.840 
_cell.length_b_esd                 ? 
_cell.length_c                     46.812 
_cell.length_c_esd                 ? 
_cell.volume                       ? 
_cell.volume_esd                   ? 
_cell.Z_PDB                        8 
_cell.reciprocal_angle_alpha       ? 
_cell.reciprocal_angle_beta        ? 
_cell.reciprocal_angle_gamma       ? 
_cell.reciprocal_angle_alpha_esd   ? 
_cell.reciprocal_angle_beta_esd    ? 
_cell.reciprocal_angle_gamma_esd   ? 
_cell.reciprocal_length_a          ? 
_cell.reciprocal_length_b          ? 
_cell.reciprocal_length_c          ? 
_cell.reciprocal_length_a_esd      ? 
_cell.reciprocal_length_b_esd      ? 
_cell.reciprocal_length_c_esd      ? 
_cell.pdbx_unique_axis             ? 
# 
_symmetry.entry_id                         5ZEJ 
_symmetry.cell_setting                     ? 
_symmetry.Int_Tables_number                18 
_symmetry.space_group_name_Hall            ? 
_symmetry.space_group_name_H-M             'P 21 21 2' 
_symmetry.pdbx_full_space_group_name_H-M   ? 
# 
loop_
_entity.id 
_entity.type 
_entity.src_method 
_entity.pdbx_description 
_entity.formula_weight 
_entity.pdbx_number_of_molecules 
_entity.pdbx_ec 
_entity.pdbx_mutation 
_entity.pdbx_fragment 
_entity.details 
1 polymer     syn 
;RNA (5'-R(P*UP*GP*CP*GP*UP*CP*(1MA)P*CP*GP*UP*CP*GP*AP*CP*GP*AP*AP*GP*UP*CP*GP*C)-3')
;
7063.270 2 ? ? ? ? 
2 non-polymer syn PAROMOMYCIN                                                                             615.628  1 ? ? ? ? 
3 water       nat water                                                                                   18.015   8 ? ? ? ? 
# 
_entity_poly.entity_id                      1 
_entity_poly.type                           polyribonucleotide 
_entity_poly.nstd_linkage                   no 
_entity_poly.nstd_monomer                   yes 
_entity_poly.pdbx_seq_one_letter_code       'UGCGUC(1MA)CGUCGACGAAGUCGC' 
_entity_poly.pdbx_seq_one_letter_code_can   UGCGUCACGUCGACGAAGUCGC 
_entity_poly.pdbx_strand_id                 A,B 
_entity_poly.pdbx_target_identifier         ? 
# 
loop_
_entity_poly_seq.entity_id 
_entity_poly_seq.num 
_entity_poly_seq.mon_id 
_entity_poly_seq.hetero 
1 1  U   n 
1 2  G   n 
1 3  C   n 
1 4  G   n 
1 5  U   n 
1 6  C   n 
1 7  1MA n 
1 8  C   n 
1 9  G   n 
1 10 U   n 
1 11 C   n 
1 12 G   n 
1 13 A   n 
1 14 C   n 
1 15 G   n 
1 16 A   n 
1 17 A   n 
1 18 G   n 
1 19 U   n 
1 20 C   n 
1 21 G   n 
1 22 C   n 
# 
_pdbx_entity_src_syn.entity_id              1 
_pdbx_entity_src_syn.pdbx_src_id            1 
_pdbx_entity_src_syn.pdbx_alt_source_flag   sample 
_pdbx_entity_src_syn.pdbx_beg_seq_num       1 
_pdbx_entity_src_syn.pdbx_end_seq_num       22 
_pdbx_entity_src_syn.organism_scientific    'synthetic construct' 
_pdbx_entity_src_syn.organism_common_name   ? 
_pdbx_entity_src_syn.ncbi_taxonomy_id       32630 
_pdbx_entity_src_syn.details                ? 
# 
_struct_ref.id                         1 
_struct_ref.db_name                    PDB 
_struct_ref.db_code                    5ZEJ 
_struct_ref.pdbx_db_accession          5ZEJ 
_struct_ref.pdbx_db_isoform            ? 
_struct_ref.entity_id                  1 
_struct_ref.pdbx_seq_one_letter_code   ? 
_struct_ref.pdbx_align_begin           1 
# 
loop_
_struct_ref_seq.align_id 
_struct_ref_seq.ref_id 
_struct_ref_seq.pdbx_PDB_id_code 
_struct_ref_seq.pdbx_strand_id 
_struct_ref_seq.seq_align_beg 
_struct_ref_seq.pdbx_seq_align_beg_ins_code 
_struct_ref_seq.seq_align_end 
_struct_ref_seq.pdbx_seq_align_end_ins_code 
_struct_ref_seq.pdbx_db_accession 
_struct_ref_seq.db_align_beg 
_struct_ref_seq.pdbx_db_align_beg_ins_code 
_struct_ref_seq.db_align_end 
_struct_ref_seq.pdbx_db_align_end_ins_code 
_struct_ref_seq.pdbx_auth_seq_align_beg 
_struct_ref_seq.pdbx_auth_seq_align_end 
1 1 5ZEJ A 1 ? 22 ? 5ZEJ 2  ? 23 ? 2  23 
2 1 5ZEJ B 1 ? 22 ? 5ZEJ 25 ? 46 ? 25 46 
# 
loop_
_chem_comp.id 
_chem_comp.type 
_chem_comp.mon_nstd_flag 
_chem_comp.name 
_chem_comp.pdbx_synonyms 
_chem_comp.formula 
_chem_comp.formula_weight 
1MA 'RNA linking' n "6-HYDRO-1-METHYLADENOSINE-5'-MONOPHOSPHATE" ? 'C11 H16 N5 O7 P' 361.248 
A   'RNA linking' y "ADENOSINE-5'-MONOPHOSPHATE"                 ? 'C10 H14 N5 O7 P' 347.221 
C   'RNA linking' y "CYTIDINE-5'-MONOPHOSPHATE"                  ? 'C9 H14 N3 O8 P'  323.197 
G   'RNA linking' y "GUANOSINE-5'-MONOPHOSPHATE"                 ? 'C10 H14 N5 O8 P' 363.221 
HOH non-polymer   . WATER                                        ? 'H2 O'            18.015  
PAR non-polymer   . PAROMOMYCIN                                  
'PAROMOMYCIN I; AMMINOSIDIN; CATENULIN; CRESTOMYCIN; MONOMYCIN A; NEOMYCIN E' 'C23 H45 N5 O14'  615.628 
U   'RNA linking' y "URIDINE-5'-MONOPHOSPHATE"                   ? 'C9 H13 N2 O9 P'  324.181 
# 
_exptl.absorpt_coefficient_mu     ? 
_exptl.absorpt_correction_T_max   ? 
_exptl.absorpt_correction_T_min   ? 
_exptl.absorpt_correction_type    ? 
_exptl.absorpt_process_details    ? 
_exptl.entry_id                   5ZEJ 
_exptl.crystals_number            1 
_exptl.details                    ? 
_exptl.method                     'X-RAY DIFFRACTION' 
_exptl.method_details             ? 
# 
_exptl_crystal.colour                      ? 
_exptl_crystal.density_diffrn              ? 
_exptl_crystal.density_Matthews            2.38 
_exptl_crystal.density_method              ? 
_exptl_crystal.density_percent_sol         48.26 
_exptl_crystal.description                 ? 
_exptl_crystal.F_000                       ? 
_exptl_crystal.id                          1 
_exptl_crystal.preparation                 ? 
_exptl_crystal.size_max                    ? 
_exptl_crystal.size_mid                    ? 
_exptl_crystal.size_min                    ? 
_exptl_crystal.size_rad                    ? 
_exptl_crystal.colour_lustre               ? 
_exptl_crystal.colour_modifier             ? 
_exptl_crystal.colour_primary              ? 
_exptl_crystal.density_meas                ? 
_exptl_crystal.density_meas_esd            ? 
_exptl_crystal.density_meas_gt             ? 
_exptl_crystal.density_meas_lt             ? 
_exptl_crystal.density_meas_temp           ? 
_exptl_crystal.density_meas_temp_esd       ? 
_exptl_crystal.density_meas_temp_gt        ? 
_exptl_crystal.density_meas_temp_lt        ? 
_exptl_crystal.pdbx_crystal_image_url      ? 
_exptl_crystal.pdbx_crystal_image_format   ? 
_exptl_crystal.pdbx_mosaicity              ? 
_exptl_crystal.pdbx_mosaicity_esd          ? 
# 
_exptl_crystal_grow.apparatus       ? 
_exptl_crystal_grow.atmosphere      ? 
_exptl_crystal_grow.crystal_id      1 
_exptl_crystal_grow.details         ? 
_exptl_crystal_grow.method          'VAPOR DIFFUSION, HANGING DROP' 
_exptl_crystal_grow.method_ref      ? 
_exptl_crystal_grow.pH              7.0 
_exptl_crystal_grow.pressure        ? 
_exptl_crystal_grow.pressure_esd    ? 
_exptl_crystal_grow.seeding         ? 
_exptl_crystal_grow.seeding_ref     ? 
_exptl_crystal_grow.temp            293 
_exptl_crystal_grow.temp_details    ? 
_exptl_crystal_grow.temp_esd        ? 
_exptl_crystal_grow.time            ? 
_exptl_crystal_grow.pdbx_details    'Sodium cacodylate, Spermine, MPD, Ammonium chloride' 
_exptl_crystal_grow.pdbx_pH_range   ? 
# 
_diffrn.ambient_environment    ? 
_diffrn.ambient_temp           100 
_diffrn.ambient_temp_details   ? 
_diffrn.ambient_temp_esd       ? 
_diffrn.crystal_id             1 
_diffrn.crystal_support        ? 
_diffrn.crystal_treatment      ? 
_diffrn.details                ? 
_diffrn.id                     1 
_diffrn.ambient_pressure       ? 
_diffrn.ambient_pressure_esd   ? 
_diffrn.ambient_pressure_gt    ? 
_diffrn.ambient_pressure_lt    ? 
_diffrn.ambient_temp_gt        ? 
_diffrn.ambient_temp_lt        ? 
# 
_diffrn_detector.details                      ? 
_diffrn_detector.detector                     CCD 
_diffrn_detector.diffrn_id                    1 
_diffrn_detector.type                         'ADSC QUANTUM 315r' 
_diffrn_detector.area_resol_mean              ? 
_diffrn_detector.dtime                        ? 
_diffrn_detector.pdbx_frames_total            ? 
_diffrn_detector.pdbx_collection_time_total   ? 
_diffrn_detector.pdbx_collection_date         2013-11-18 
# 
_diffrn_radiation.collimation                      ? 
_diffrn_radiation.diffrn_id                        1 
_diffrn_radiation.filter_edge                      ? 
_diffrn_radiation.inhomogeneity                    ? 
_diffrn_radiation.monochromator                    ? 
_diffrn_radiation.polarisn_norm                    ? 
_diffrn_radiation.polarisn_ratio                   ? 
_diffrn_radiation.probe                            ? 
_diffrn_radiation.type                             ? 
_diffrn_radiation.xray_symbol                      ? 
_diffrn_radiation.wavelength_id                    1 
_diffrn_radiation.pdbx_monochromatic_or_laue_m_l   M 
_diffrn_radiation.pdbx_wavelength_list             ? 
_diffrn_radiation.pdbx_wavelength                  ? 
_diffrn_radiation.pdbx_diffrn_protocol             'SINGLE WAVELENGTH' 
_diffrn_radiation.pdbx_analyzer                    ? 
_diffrn_radiation.pdbx_scattering_type             x-ray 
# 
_diffrn_radiation_wavelength.id           1 
_diffrn_radiation_wavelength.wavelength   0.98 
_diffrn_radiation_wavelength.wt           1.0 
# 
_diffrn_source.current                     ? 
_diffrn_source.details                     ? 
_diffrn_source.diffrn_id                   1 
_diffrn_source.power                       ? 
_diffrn_source.size                        ? 
_diffrn_source.source                      SYNCHROTRON 
_diffrn_source.target                      ? 
_diffrn_source.type                        'PHOTON FACTORY BEAMLINE BL-17A' 
_diffrn_source.voltage                     ? 
_diffrn_source.take-off_angle              ? 
_diffrn_source.pdbx_wavelength_list        0.98 
_diffrn_source.pdbx_wavelength             ? 
_diffrn_source.pdbx_synchrotron_beamline   BL-17A 
_diffrn_source.pdbx_synchrotron_site       'Photon Factory' 
# 
_reflns.B_iso_Wilson_estimate            ? 
_reflns.entry_id                         5ZEJ 
_reflns.data_reduction_details           ? 
_reflns.data_reduction_method            ? 
_reflns.d_resolution_high                3.5 
_reflns.d_resolution_low                 32.6 
_reflns.details                          ? 
_reflns.limit_h_max                      ? 
_reflns.limit_h_min                      ? 
_reflns.limit_k_max                      ? 
_reflns.limit_k_min                      ? 
_reflns.limit_l_max                      ? 
_reflns.limit_l_min                      ? 
_reflns.number_all                       ? 
_reflns.number_obs                       1848 
_reflns.observed_criterion               ? 
_reflns.observed_criterion_F_max         ? 
_reflns.observed_criterion_F_min         ? 
_reflns.observed_criterion_I_max         ? 
_reflns.observed_criterion_I_min         ? 
_reflns.observed_criterion_sigma_F       ? 
_reflns.observed_criterion_sigma_I       ? 
_reflns.percent_possible_obs             97.2 
_reflns.R_free_details                   ? 
_reflns.Rmerge_F_all                     ? 
_reflns.Rmerge_F_obs                     ? 
_reflns.Friedel_coverage                 ? 
_reflns.number_gt                        ? 
_reflns.threshold_expression             ? 
_reflns.pdbx_redundancy                  5.8 
_reflns.pdbx_Rmerge_I_obs                0.143 
_reflns.pdbx_Rmerge_I_all                ? 
_reflns.pdbx_Rsym_value                  ? 
_reflns.pdbx_netI_over_av_sigmaI         ? 
_reflns.pdbx_netI_over_sigmaI            8.2 
_reflns.pdbx_res_netI_over_av_sigmaI_2   ? 
_reflns.pdbx_res_netI_over_sigmaI_2      ? 
_reflns.pdbx_chi_squared                 ? 
_reflns.pdbx_scaling_rejects             ? 
_reflns.pdbx_d_res_high_opt              ? 
_reflns.pdbx_d_res_low_opt               ? 
_reflns.pdbx_d_res_opt_method            ? 
_reflns.phase_calculation_details        ? 
_reflns.pdbx_Rrim_I_all                  ? 
_reflns.pdbx_Rpim_I_all                  ? 
_reflns.pdbx_d_opt                       ? 
_reflns.pdbx_number_measured_all         ? 
_reflns.pdbx_diffrn_id                   1 
_reflns.pdbx_ordinal                     1 
_reflns.pdbx_CC_half                     ? 
_reflns.pdbx_R_split                     ? 
# 
_reflns_shell.d_res_high                  3.5 
_reflns_shell.d_res_low                   3.6 
_reflns_shell.meanI_over_sigI_all         ? 
_reflns_shell.meanI_over_sigI_obs         ? 
_reflns_shell.number_measured_all         ? 
_reflns_shell.number_measured_obs         ? 
_reflns_shell.number_possible             ? 
_reflns_shell.number_unique_all           ? 
_reflns_shell.number_unique_obs           ? 
_reflns_shell.percent_possible_all        ? 
_reflns_shell.percent_possible_obs        ? 
_reflns_shell.Rmerge_F_all                ? 
_reflns_shell.Rmerge_F_obs                ? 
_reflns_shell.Rmerge_I_all                ? 
_reflns_shell.Rmerge_I_obs                0.487 
_reflns_shell.meanI_over_sigI_gt          ? 
_reflns_shell.meanI_over_uI_all           ? 
_reflns_shell.meanI_over_uI_gt            ? 
_reflns_shell.number_measured_gt          ? 
_reflns_shell.number_unique_gt            ? 
_reflns_shell.percent_possible_gt         ? 
_reflns_shell.Rmerge_F_gt                 ? 
_reflns_shell.Rmerge_I_gt                 ? 
_reflns_shell.pdbx_redundancy             ? 
_reflns_shell.pdbx_Rsym_value             ? 
_reflns_shell.pdbx_chi_squared            ? 
_reflns_shell.pdbx_netI_over_sigmaI_all   ? 
_reflns_shell.pdbx_netI_over_sigmaI_obs   ? 
_reflns_shell.pdbx_Rrim_I_all             ? 
_reflns_shell.pdbx_Rpim_I_all             ? 
_reflns_shell.pdbx_rejects                ? 
_reflns_shell.pdbx_ordinal                1 
_reflns_shell.pdbx_diffrn_id              1 
_reflns_shell.pdbx_CC_half                ? 
_reflns_shell.pdbx_R_split                ? 
# 
_refine.aniso_B[1][1]                            ? 
_refine.aniso_B[1][2]                            ? 
_refine.aniso_B[1][3]                            ? 
_refine.aniso_B[2][2]                            ? 
_refine.aniso_B[2][3]                            ? 
_refine.aniso_B[3][3]                            ? 
_refine.B_iso_max                                283.000 
_refine.B_iso_mean                               137.0700 
_refine.B_iso_min                                59.070 
_refine.correlation_coeff_Fo_to_Fc               ? 
_refine.correlation_coeff_Fo_to_Fc_free          ? 
_refine.details                                  ? 
_refine.diff_density_max                         ? 
_refine.diff_density_max_esd                     ? 
_refine.diff_density_min                         ? 
_refine.diff_density_min_esd                     ? 
_refine.diff_density_rms                         ? 
_refine.diff_density_rms_esd                     ? 
_refine.entry_id                                 5ZEJ 
_refine.pdbx_refine_id                           'X-RAY DIFFRACTION' 
_refine.ls_abs_structure_details                 ? 
_refine.ls_abs_structure_Flack                   ? 
_refine.ls_abs_structure_Flack_esd               ? 
_refine.ls_abs_structure_Rogers                  ? 
_refine.ls_abs_structure_Rogers_esd              ? 
_refine.ls_d_res_high                            3.5000 
_refine.ls_d_res_low                             32.5980 
_refine.ls_extinction_coef                       ? 
_refine.ls_extinction_coef_esd                   ? 
_refine.ls_extinction_expression                 ? 
_refine.ls_extinction_method                     ? 
_refine.ls_goodness_of_fit_all                   ? 
_refine.ls_goodness_of_fit_all_esd               ? 
_refine.ls_goodness_of_fit_obs                   ? 
_refine.ls_goodness_of_fit_obs_esd               ? 
_refine.ls_hydrogen_treatment                    ? 
_refine.ls_matrix_type                           ? 
_refine.ls_number_constraints                    ? 
_refine.ls_number_parameters                     ? 
_refine.ls_number_reflns_all                     ? 
_refine.ls_number_reflns_obs                     1835 
_refine.ls_number_reflns_R_free                  166 
_refine.ls_number_reflns_R_work                  ? 
_refine.ls_number_restraints                     ? 
_refine.ls_percent_reflns_obs                    96.4300 
_refine.ls_percent_reflns_R_free                 9.0500 
_refine.ls_R_factor_all                          ? 
_refine.ls_R_factor_obs                          0.2076 
_refine.ls_R_factor_R_free                       0.2282 
_refine.ls_R_factor_R_free_error                 ? 
_refine.ls_R_factor_R_free_error_details         ? 
_refine.ls_R_factor_R_work                       0.2054 
_refine.ls_R_Fsqd_factor_obs                     ? 
_refine.ls_R_I_factor_obs                        ? 
_refine.ls_redundancy_reflns_all                 ? 
_refine.ls_redundancy_reflns_obs                 ? 
_refine.ls_restrained_S_all                      ? 
_refine.ls_restrained_S_obs                      ? 
_refine.ls_shift_over_esd_max                    ? 
_refine.ls_shift_over_esd_mean                   ? 
_refine.ls_structure_factor_coef                 ? 
_refine.ls_weighting_details                     ? 
_refine.ls_weighting_scheme                      ? 
_refine.ls_wR_factor_all                         ? 
_refine.ls_wR_factor_obs                         ? 
_refine.ls_wR_factor_R_free                      ? 
_refine.ls_wR_factor_R_work                      ? 
_refine.occupancy_max                            ? 
_refine.occupancy_min                            ? 
_refine.solvent_model_details                    ? 
_refine.solvent_model_param_bsol                 ? 
_refine.solvent_model_param_ksol                 ? 
_refine.ls_R_factor_gt                           ? 
_refine.ls_goodness_of_fit_gt                    ? 
_refine.ls_goodness_of_fit_ref                   ? 
_refine.ls_shift_over_su_max                     ? 
_refine.ls_shift_over_su_max_lt                  ? 
_refine.ls_shift_over_su_mean                    ? 
_refine.ls_shift_over_su_mean_lt                 ? 
_refine.pdbx_ls_sigma_I                          ? 
_refine.pdbx_ls_sigma_F                          1.380 
_refine.pdbx_ls_sigma_Fsqd                       ? 
_refine.pdbx_data_cutoff_high_absF               ? 
_refine.pdbx_data_cutoff_high_rms_absF           ? 
_refine.pdbx_data_cutoff_low_absF                ? 
_refine.pdbx_isotropic_thermal_model             ? 
_refine.pdbx_ls_cross_valid_method               'FREE R-VALUE' 
_refine.pdbx_method_to_determine_struct          'MOLECULAR REPLACEMENT' 
_refine.pdbx_starting_model                      3TD1 
_refine.pdbx_stereochemistry_target_values       ? 
_refine.pdbx_R_Free_selection_details            ? 
_refine.pdbx_stereochem_target_val_spec_case     ? 
_refine.pdbx_overall_ESU_R                       ? 
_refine.pdbx_overall_ESU_R_Free                  ? 
_refine.pdbx_solvent_vdw_probe_radii             1.1100 
_refine.pdbx_solvent_ion_probe_radii             ? 
_refine.pdbx_solvent_shrinkage_radii             0.9000 
_refine.pdbx_real_space_R                        ? 
_refine.pdbx_density_correlation                 ? 
_refine.pdbx_pd_number_of_powder_patterns        ? 
_refine.pdbx_pd_number_of_points                 ? 
_refine.pdbx_pd_meas_number_of_points            ? 
_refine.pdbx_pd_proc_ls_prof_R_factor            ? 
_refine.pdbx_pd_proc_ls_prof_wR_factor           ? 
_refine.pdbx_pd_Marquardt_correlation_coeff      ? 
_refine.pdbx_pd_Fsqrd_R_factor                   ? 
_refine.pdbx_pd_ls_matrix_band_width             ? 
_refine.pdbx_overall_phase_error                 28.6400 
_refine.pdbx_overall_SU_R_free_Cruickshank_DPI   ? 
_refine.pdbx_overall_SU_R_free_Blow_DPI          ? 
_refine.pdbx_overall_SU_R_Blow_DPI               ? 
_refine.pdbx_TLS_residual_ADP_flag               ? 
_refine.pdbx_diffrn_id                           1 
_refine.overall_SU_B                             ? 
_refine.overall_SU_ML                            0.0000 
_refine.overall_SU_R_Cruickshank_DPI             ? 
_refine.overall_SU_R_free                        ? 
_refine.overall_FOM_free_R_set                   ? 
_refine.overall_FOM_work_R_set                   ? 
_refine.pdbx_average_fsc_overall                 ? 
_refine.pdbx_average_fsc_work                    ? 
_refine.pdbx_average_fsc_free                    ? 
# 
_refine_hist.cycle_id                         final 
_refine_hist.pdbx_refine_id                   'X-RAY DIFFRACTION' 
_refine_hist.d_res_high                       3.5000 
_refine_hist.d_res_low                        32.5980 
_refine_hist.pdbx_number_atoms_ligand         42 
_refine_hist.number_atoms_solvent             8 
_refine_hist.number_atoms_total               990 
_refine_hist.pdbx_number_residues_total       44 
_refine_hist.pdbx_B_iso_mean_ligand           132.15 
_refine_hist.pdbx_B_iso_mean_solvent          78.72 
_refine_hist.pdbx_number_atoms_protein        0 
_refine_hist.pdbx_number_atoms_nucleic_acid   940 
# 
loop_
_refine_ls_restr.pdbx_refine_id 
_refine_ls_restr.criterion 
_refine_ls_restr.dev_ideal 
_refine_ls_restr.dev_ideal_target 
_refine_ls_restr.number 
_refine_ls_restr.rejects 
_refine_ls_restr.type 
_refine_ls_restr.weight 
_refine_ls_restr.pdbx_restraint_function 
'X-RAY DIFFRACTION' ? 0.058  ? 1093 ? f_bond_d           ? ? 
'X-RAY DIFFRACTION' ? 0.998  ? 1697 ? f_angle_d          ? ? 
'X-RAY DIFFRACTION' ? 0.185  ? 237  ? f_chiral_restr     ? ? 
'X-RAY DIFFRACTION' ? 0.003  ? 44   ? f_plane_restr      ? ? 
'X-RAY DIFFRACTION' ? 12.294 ? 510  ? f_dihedral_angle_d ? ? 
# 
_refine_ls_shell.pdbx_refine_id                   'X-RAY DIFFRACTION' 
_refine_ls_shell.d_res_high                       3.5 
_refine_ls_shell.d_res_low                        3.6 
_refine_ls_shell.number_reflns_all                1835 
_refine_ls_shell.number_reflns_obs                ? 
_refine_ls_shell.number_reflns_R_free             166 
_refine_ls_shell.number_reflns_R_work             1669 
_refine_ls_shell.percent_reflns_obs               96.0000 
_refine_ls_shell.percent_reflns_R_free            ? 
_refine_ls_shell.R_factor_all                     ? 
_refine_ls_shell.R_factor_obs                     ? 
_refine_ls_shell.R_factor_R_free                  0.2282 
_refine_ls_shell.R_factor_R_free_error            0.0000 
_refine_ls_shell.R_factor_R_work                  0.2054 
_refine_ls_shell.redundancy_reflns_all            ? 
_refine_ls_shell.redundancy_reflns_obs            ? 
_refine_ls_shell.wR_factor_all                    ? 
_refine_ls_shell.wR_factor_obs                    ? 
_refine_ls_shell.wR_factor_R_free                 ? 
_refine_ls_shell.wR_factor_R_work                 ? 
_refine_ls_shell.pdbx_total_number_of_bins_used   1 
_refine_ls_shell.pdbx_phase_error                 ? 
_refine_ls_shell.pdbx_fsc_work                    ? 
_refine_ls_shell.pdbx_fsc_free                    ? 
# 
_struct.entry_id                     5ZEJ 
_struct.title                        
'Crystal structure of the bacterial A1408me1A-mutant ribosomal decoding site in complex with paromomycin' 
_struct.pdbx_model_details           ? 
_struct.pdbx_formula_weight          ? 
_struct.pdbx_formula_weight_method   ? 
_struct.pdbx_model_type_details      ? 
_struct.pdbx_CASP_flag               N 
# 
_struct_keywords.entry_id        5ZEJ 
_struct_keywords.text            'ribosome, RNA, aminoglycoside, antibiotic-resistance' 
_struct_keywords.pdbx_keywords   RNA 
# 
loop_
_struct_asym.id 
_struct_asym.pdbx_blank_PDB_chainid_flag 
_struct_asym.pdbx_modified 
_struct_asym.entity_id 
_struct_asym.details 
A N N 1 ? 
B N N 1 ? 
C N N 2 ? 
D N N 3 ? 
E N N 3 ? 
# 
loop_
_struct_conn.id 
_struct_conn.conn_type_id 
_struct_conn.pdbx_leaving_atom_flag 
_struct_conn.pdbx_PDB_id 
_struct_conn.ptnr1_label_asym_id 
_struct_conn.ptnr1_label_comp_id 
_struct_conn.ptnr1_label_seq_id 
_struct_conn.ptnr1_label_atom_id 
_struct_conn.pdbx_ptnr1_label_alt_id 
_struct_conn.pdbx_ptnr1_PDB_ins_code 
_struct_conn.pdbx_ptnr1_standard_comp_id 
_struct_conn.ptnr1_symmetry 
_struct_conn.ptnr2_label_asym_id 
_struct_conn.ptnr2_label_comp_id 
_struct_conn.ptnr2_label_seq_id 
_struct_conn.ptnr2_label_atom_id 
_struct_conn.pdbx_ptnr2_label_alt_id 
_struct_conn.pdbx_ptnr2_PDB_ins_code 
_struct_conn.ptnr1_auth_asym_id 
_struct_conn.ptnr1_auth_comp_id 
_struct_conn.ptnr1_auth_seq_id 
_struct_conn.ptnr2_auth_asym_id 
_struct_conn.ptnr2_auth_comp_id 
_struct_conn.ptnr2_auth_seq_id 
_struct_conn.ptnr2_symmetry 
_struct_conn.pdbx_ptnr3_label_atom_id 
_struct_conn.pdbx_ptnr3_label_seq_id 
_struct_conn.pdbx_ptnr3_label_comp_id 
_struct_conn.pdbx_ptnr3_label_asym_id 
_struct_conn.pdbx_ptnr3_label_alt_id 
_struct_conn.pdbx_ptnr3_PDB_ins_code 
_struct_conn.details 
_struct_conn.pdbx_dist_value 
_struct_conn.pdbx_value_order 
_struct_conn.pdbx_role 
covale1  covale both ? A C   6  "O3'" ? ? ? 1_555 A 1MA 7  P  ? ? A C   7  A 1MA 8  1_555 ? ? ? ? ? ? ?             1.601 ? ? 
covale2  covale both ? A 1MA 7  "O3'" ? ? ? 1_555 A C   8  P  ? ? A 1MA 8  A C   9  1_555 ? ? ? ? ? ? ?             1.608 ? ? 
covale3  covale both ? B C   6  "O3'" ? ? ? 1_555 B 1MA 7  P  ? ? B C   30 B 1MA 31 1_555 ? ? ? ? ? ? ?             1.597 ? ? 
covale4  covale both ? B 1MA 7  "O3'" ? ? ? 1_555 B C   8  P  ? ? B 1MA 31 B C   32 1_555 ? ? ? ? ? ? ?             1.602 ? ? 
hydrog1  hydrog ?    ? A G   2  N1    ? ? ? 1_555 B C   22 N3 ? ? A G   3  B C   46 1_555 ? ? ? ? ? ? WATSON-CRICK  ?     ? ? 
hydrog2  hydrog ?    ? A G   2  N2    ? ? ? 1_555 B C   22 O2 ? ? A G   3  B C   46 1_555 ? ? ? ? ? ? WATSON-CRICK  ?     ? ? 
hydrog3  hydrog ?    ? A G   2  O6    ? ? ? 1_555 B C   22 N4 ? ? A G   3  B C   46 1_555 ? ? ? ? ? ? WATSON-CRICK  ?     ? ? 
hydrog4  hydrog ?    ? A C   3  N3    ? ? ? 1_555 B G   21 N1 ? ? A C   4  B G   45 1_555 ? ? ? ? ? ? WATSON-CRICK  ?     ? ? 
hydrog5  hydrog ?    ? A C   3  N4    ? ? ? 1_555 B G   21 O6 ? ? A C   4  B G   45 1_555 ? ? ? ? ? ? WATSON-CRICK  ?     ? ? 
hydrog6  hydrog ?    ? A C   3  O2    ? ? ? 1_555 B G   21 N2 ? ? A C   4  B G   45 1_555 ? ? ? ? ? ? WATSON-CRICK  ?     ? ? 
hydrog7  hydrog ?    ? A G   4  N1    ? ? ? 1_555 B C   20 N3 ? ? A G   5  B C   44 1_555 ? ? ? ? ? ? WATSON-CRICK  ?     ? ? 
hydrog8  hydrog ?    ? A G   4  N2    ? ? ? 1_555 B C   20 O2 ? ? A G   5  B C   44 1_555 ? ? ? ? ? ? WATSON-CRICK  ?     ? ? 
hydrog9  hydrog ?    ? A G   4  O6    ? ? ? 1_555 B C   20 N4 ? ? A G   5  B C   44 1_555 ? ? ? ? ? ? WATSON-CRICK  ?     ? ? 
hydrog10 hydrog ?    ? A U   5  N3    ? ? ? 1_555 B C   20 N3 ? ? A U   6  B C   44 1_555 ? ? ? ? ? ? TYPE_18_PAIR  ?     ? ? 
hydrog11 hydrog ?    ? A U   5  O4    ? ? ? 1_555 B C   20 N4 ? ? A U   6  B C   44 1_555 ? ? ? ? ? ? TYPE_18_PAIR  ?     ? ? 
hydrog12 hydrog ?    ? A C   6  N3    ? ? ? 1_555 B G   18 N1 ? ? A C   7  B G   42 1_555 ? ? ? ? ? ? WATSON-CRICK  ?     ? ? 
hydrog13 hydrog ?    ? A C   6  N4    ? ? ? 1_555 B G   18 O6 ? ? A C   7  B G   42 1_555 ? ? ? ? ? ? WATSON-CRICK  ?     ? ? 
hydrog14 hydrog ?    ? A C   6  O2    ? ? ? 1_555 B G   18 N2 ? ? A C   7  B G   42 1_555 ? ? ? ? ? ? WATSON-CRICK  ?     ? ? 
hydrog15 hydrog ?    ? A C   8  N3    ? ? ? 1_555 B G   15 N1 ? ? A C   9  B G   39 1_555 ? ? ? ? ? ? WATSON-CRICK  ?     ? ? 
hydrog16 hydrog ?    ? A C   8  N4    ? ? ? 1_555 B G   15 O6 ? ? A C   9  B G   39 1_555 ? ? ? ? ? ? WATSON-CRICK  ?     ? ? 
hydrog17 hydrog ?    ? A C   8  O2    ? ? ? 1_555 B G   15 N2 ? ? A C   9  B G   39 1_555 ? ? ? ? ? ? WATSON-CRICK  ?     ? ? 
hydrog18 hydrog ?    ? A G   9  N1    ? ? ? 1_555 B C   14 N3 ? ? A G   10 B C   38 1_555 ? ? ? ? ? ? WATSON-CRICK  ?     ? ? 
hydrog19 hydrog ?    ? A G   9  N2    ? ? ? 1_555 B C   14 O2 ? ? A G   10 B C   38 1_555 ? ? ? ? ? ? WATSON-CRICK  ?     ? ? 
hydrog20 hydrog ?    ? A G   9  O6    ? ? ? 1_555 B C   14 N4 ? ? A G   10 B C   38 1_555 ? ? ? ? ? ? WATSON-CRICK  ?     ? ? 
hydrog21 hydrog ?    ? A U   10 N3    ? ? ? 1_555 B A   13 N1 ? ? A U   11 B A   37 1_555 ? ? ? ? ? ? WATSON-CRICK  ?     ? ? 
hydrog22 hydrog ?    ? A U   10 O4    ? ? ? 1_555 B A   13 N6 ? ? A U   11 B A   37 1_555 ? ? ? ? ? ? WATSON-CRICK  ?     ? ? 
hydrog23 hydrog ?    ? A C   11 N3    ? ? ? 1_555 B G   12 N1 ? ? A C   12 B G   36 1_555 ? ? ? ? ? ? WATSON-CRICK  ?     ? ? 
hydrog24 hydrog ?    ? A C   11 N4    ? ? ? 1_555 B G   12 O6 ? ? A C   12 B G   36 1_555 ? ? ? ? ? ? WATSON-CRICK  ?     ? ? 
hydrog25 hydrog ?    ? A C   11 O2    ? ? ? 1_555 B G   12 N2 ? ? A C   12 B G   36 1_555 ? ? ? ? ? ? WATSON-CRICK  ?     ? ? 
hydrog26 hydrog ?    ? A G   12 N1    ? ? ? 1_555 B C   11 N3 ? ? A G   13 B C   35 1_555 ? ? ? ? ? ? WATSON-CRICK  ?     ? ? 
hydrog27 hydrog ?    ? A G   12 N2    ? ? ? 1_555 B C   11 O2 ? ? A G   13 B C   35 1_555 ? ? ? ? ? ? WATSON-CRICK  ?     ? ? 
hydrog28 hydrog ?    ? A G   12 O6    ? ? ? 1_555 B C   11 N4 ? ? A G   13 B C   35 1_555 ? ? ? ? ? ? WATSON-CRICK  ?     ? ? 
hydrog29 hydrog ?    ? A A   13 N1    ? ? ? 1_555 B U   10 N3 ? ? A A   14 B U   34 1_555 ? ? ? ? ? ? WATSON-CRICK  ?     ? ? 
hydrog30 hydrog ?    ? A A   13 N6    ? ? ? 1_555 B U   10 O4 ? ? A A   14 B U   34 1_555 ? ? ? ? ? ? WATSON-CRICK  ?     ? ? 
hydrog31 hydrog ?    ? A C   14 N3    ? ? ? 1_555 B G   9  N1 ? ? A C   15 B G   33 1_555 ? ? ? ? ? ? WATSON-CRICK  ?     ? ? 
hydrog32 hydrog ?    ? A C   14 N4    ? ? ? 1_555 B G   9  O6 ? ? A C   15 B G   33 1_555 ? ? ? ? ? ? WATSON-CRICK  ?     ? ? 
hydrog33 hydrog ?    ? A C   14 O2    ? ? ? 1_555 B G   9  N2 ? ? A C   15 B G   33 1_555 ? ? ? ? ? ? WATSON-CRICK  ?     ? ? 
hydrog34 hydrog ?    ? A G   15 N1    ? ? ? 1_555 B C   8  N3 ? ? A G   16 B C   32 1_555 ? ? ? ? ? ? WATSON-CRICK  ?     ? ? 
hydrog35 hydrog ?    ? A G   15 N2    ? ? ? 1_555 B C   8  O2 ? ? A G   16 B C   32 1_555 ? ? ? ? ? ? WATSON-CRICK  ?     ? ? 
hydrog36 hydrog ?    ? A G   15 O6    ? ? ? 1_555 B C   8  N4 ? ? A G   16 B C   32 1_555 ? ? ? ? ? ? WATSON-CRICK  ?     ? ? 
hydrog37 hydrog ?    ? A G   18 N1    ? ? ? 1_555 B C   6  N3 ? ? A G   19 B C   30 1_555 ? ? ? ? ? ? WATSON-CRICK  ?     ? ? 
hydrog38 hydrog ?    ? A G   18 N2    ? ? ? 1_555 B C   6  O2 ? ? A G   19 B C   30 1_555 ? ? ? ? ? ? WATSON-CRICK  ?     ? ? 
hydrog39 hydrog ?    ? A G   18 O6    ? ? ? 1_555 B C   6  N4 ? ? A G   19 B C   30 1_555 ? ? ? ? ? ? WATSON-CRICK  ?     ? ? 
hydrog40 hydrog ?    ? A U   19 N3    ? ? ? 1_555 B U   5  O4 ? ? A U   20 B U   29 1_555 ? ? ? ? ? ? 'U-U MISPAIR' ?     ? ? 
hydrog41 hydrog ?    ? A C   20 N3    ? ? ? 1_555 B G   4  N1 ? ? A C   21 B G   28 1_555 ? ? ? ? ? ? WATSON-CRICK  ?     ? ? 
hydrog42 hydrog ?    ? A C   20 N4    ? ? ? 1_555 B G   4  O6 ? ? A C   21 B G   28 1_555 ? ? ? ? ? ? WATSON-CRICK  ?     ? ? 
hydrog43 hydrog ?    ? A C   20 O2    ? ? ? 1_555 B G   4  N2 ? ? A C   21 B G   28 1_555 ? ? ? ? ? ? WATSON-CRICK  ?     ? ? 
hydrog44 hydrog ?    ? A G   21 N1    ? ? ? 1_555 B C   3  N3 ? ? A G   22 B C   27 1_555 ? ? ? ? ? ? WATSON-CRICK  ?     ? ? 
hydrog45 hydrog ?    ? A G   21 N2    ? ? ? 1_555 B C   3  O2 ? ? A G   22 B C   27 1_555 ? ? ? ? ? ? WATSON-CRICK  ?     ? ? 
hydrog46 hydrog ?    ? A G   21 O6    ? ? ? 1_555 B C   3  N4 ? ? A G   22 B C   27 1_555 ? ? ? ? ? ? WATSON-CRICK  ?     ? ? 
hydrog47 hydrog ?    ? A C   22 N3    ? ? ? 1_555 B G   2  N1 ? ? A C   23 B G   26 1_555 ? ? ? ? ? ? WATSON-CRICK  ?     ? ? 
hydrog48 hydrog ?    ? A C   22 N4    ? ? ? 1_555 B G   2  O6 ? ? A C   23 B G   26 1_555 ? ? ? ? ? ? WATSON-CRICK  ?     ? ? 
hydrog49 hydrog ?    ? A C   22 O2    ? ? ? 1_555 B G   2  N2 ? ? A C   23 B G   26 1_555 ? ? ? ? ? ? WATSON-CRICK  ?     ? ? 
# 
loop_
_struct_conn_type.id 
_struct_conn_type.criteria 
_struct_conn_type.reference 
covale ? ? 
hydrog ? ? 
# 
loop_
_struct_site.id 
_struct_site.pdbx_evidence_code 
_struct_site.pdbx_auth_asym_id 
_struct_site.pdbx_auth_comp_id 
_struct_site.pdbx_auth_seq_id 
_struct_site.pdbx_auth_ins_code 
_struct_site.pdbx_num_residues 
_struct_site.details 
AC1 Software B PAR 101 ? 10 'binding site for residue PAR B 101'                 
AC2 Software B C   30  ? 6  'binding site for Di-nucleotide C B 30 and 1MA B 31' 
AC3 Software B 1MA 31  ? 4  'binding site for Di-nucleotide 1MA B 31 and C B 32' 
# 
loop_
_struct_site_gen.id 
_struct_site_gen.site_id 
_struct_site_gen.pdbx_num_res 
_struct_site_gen.label_comp_id 
_struct_site_gen.label_asym_id 
_struct_site_gen.label_seq_id 
_struct_site_gen.pdbx_auth_ins_code 
_struct_site_gen.auth_comp_id 
_struct_site_gen.auth_asym_id 
_struct_site_gen.auth_seq_id 
_struct_site_gen.label_atom_id 
_struct_site_gen.label_alt_id 
_struct_site_gen.symmetry 
_struct_site_gen.details 
1  AC1 10 G   A 4  ? G   A 5  . ? 1_555 ? 
2  AC1 10 U   A 5  ? U   A 6  . ? 1_555 ? 
3  AC1 10 C   A 6  ? C   A 7  . ? 1_555 ? 
4  AC1 10 1MA A 7  ? 1MA A 8  . ? 1_555 ? 
5  AC1 10 A   B 13 ? A   B 37 . ? 1_555 ? 
6  AC1 10 G   B 15 ? G   B 39 . ? 1_555 ? 
7  AC1 10 A   B 16 ? A   B 40 . ? 1_555 ? 
8  AC1 10 A   B 17 ? A   B 41 . ? 1_555 ? 
9  AC1 10 G   B 18 ? G   B 42 . ? 1_555 ? 
10 AC1 10 U   B 19 ? U   B 43 . ? 1_555 ? 
11 AC2 6  G   A 15 ? G   A 16 . ? 1_555 ? 
12 AC2 6  G   A 18 ? G   A 19 . ? 1_555 ? 
13 AC2 6  U   A 19 ? U   A 20 . ? 1_555 ? 
14 AC2 6  U   B 5  ? U   B 29 . ? 1_555 ? 
15 AC2 6  C   B 8  ? C   B 32 . ? 1_555 ? 
16 AC2 6  G   B 18 ? G   B 42 . ? 4_556 ? 
17 AC3 4  G   A 15 ? G   A 16 . ? 1_555 ? 
18 AC3 4  G   A 18 ? G   A 19 . ? 1_555 ? 
19 AC3 4  C   B 6  ? C   B 30 . ? 1_555 ? 
20 AC3 4  G   B 9  ? G   B 33 . ? 1_555 ? 
# 
_atom_sites.entry_id                    5ZEJ 
_atom_sites.fract_transf_matrix[1][1]   0.03109409 
_atom_sites.fract_transf_matrix[1][2]   -0.00264210 
_atom_sites.fract_transf_matrix[1][3]   -0.00530593 
_atom_sites.fract_transf_matrix[2][1]   0.00054672 
_atom_sites.fract_transf_matrix[2][2]   -0.00822258 
_atom_sites.fract_transf_matrix[2][3]   0.00729837 
_atom_sites.fract_transf_matrix[3][1]   -0.00385687 
_atom_sites.fract_transf_matrix[3][2]   -0.01409046 
_atom_sites.fract_transf_matrix[3][3]   -0.01558585 
_atom_sites.fract_transf_vector[1]      0.046785 
_atom_sites.fract_transf_vector[2]      0.129843 
_atom_sites.fract_transf_vector[3]      0.503740 
# 
loop_
_atom_type.symbol 
C 
N 
O 
P 
# 
loop_
_atom_site.group_PDB 
_atom_site.id 
_atom_site.type_symbol 
_atom_site.label_atom_id 
_atom_site.label_alt_id 
_atom_site.label_comp_id 
_atom_site.label_asym_id 
_atom_site.label_entity_id 
_atom_site.label_seq_id 
_atom_site.pdbx_PDB_ins_code 
_atom_site.Cartn_x 
_atom_site.Cartn_y 
_atom_site.Cartn_z 
_atom_site.occupancy 
_atom_site.B_iso_or_equiv 
_atom_site.pdbx_formal_charge 
_atom_site.auth_seq_id 
_atom_site.auth_comp_id 
_atom_site.auth_asym_id 
_atom_site.auth_atom_id 
_atom_site.pdbx_PDB_model_num 
ATOM   1   P P     . U   A 1 1  ? -13.261 -21.253 -20.288 1.00 197.95 ? 2   U   A P     1 
ATOM   2   O OP1   . U   A 1 1  ? -13.202 -20.252 -21.384 1.00 201.13 ? 2   U   A OP1   1 
ATOM   3   O OP2   . U   A 1 1  ? -14.555 -21.919 -19.984 1.00 195.23 ? 2   U   A OP2   1 
ATOM   4   O "O5'" . U   A 1 1  ? -12.719 -20.555 -18.959 1.00 200.08 ? 2   U   A "O5'" 1 
ATOM   5   C "C5'" . U   A 1 1  ? -13.209 -19.288 -18.534 1.00 200.22 ? 2   U   A "C5'" 1 
ATOM   6   C "C4'" . U   A 1 1  ? -13.571 -19.311 -17.064 1.00 195.74 ? 2   U   A "C4'" 1 
ATOM   7   O "O4'" . U   A 1 1  ? -14.608 -20.295 -16.863 1.00 190.49 ? 2   U   A "O4'" 1 
ATOM   8   C "C3'" . U   A 1 1  ? -12.434 -19.700 -16.118 1.00 197.06 ? 2   U   A "C3'" 1 
ATOM   9   O "O3'" . U   A 1 1  ? -11.719 -18.564 -15.644 1.00 199.14 ? 2   U   A "O3'" 1 
ATOM   10  C "C2'" . U   A 1 1  ? -13.138 -20.461 -14.983 1.00 191.69 ? 2   U   A "C2'" 1 
ATOM   11  O "O2'" . U   A 1 1  ? -13.440 -19.591 -13.898 1.00 184.82 ? 2   U   A "O2'" 1 
ATOM   12  C "C1'" . U   A 1 1  ? -14.447 -20.938 -15.619 1.00 188.69 ? 2   U   A "C1'" 1 
ATOM   13  N N1    . U   A 1 1  ? -14.546 -22.404 -15.819 1.00 190.72 ? 2   U   A N1    1 
ATOM   14  C C2    . U   A 1 1  ? -14.774 -23.195 -14.705 1.00 186.88 ? 2   U   A C2    1 
ATOM   15  O O2    . U   A 1 1  ? -14.863 -22.744 -13.573 1.00 181.67 ? 2   U   A O2    1 
ATOM   16  N N3    . U   A 1 1  ? -14.876 -24.542 -14.967 1.00 184.49 ? 2   U   A N3    1 
ATOM   17  C C4    . U   A 1 1  ? -14.795 -25.166 -16.199 1.00 183.52 ? 2   U   A C4    1 
ATOM   18  O O4    . U   A 1 1  ? -14.912 -26.394 -16.266 1.00 179.25 ? 2   U   A O4    1 
ATOM   19  C C5    . U   A 1 1  ? -14.577 -24.276 -17.301 1.00 187.34 ? 2   U   A C5    1 
ATOM   20  C C6    . U   A 1 1  ? -14.472 -22.961 -17.078 1.00 190.61 ? 2   U   A C6    1 
ATOM   21  P P     . G   A 1 2  ? -10.419 -17.971 -16.400 1.00 169.72 ? 3   G   A P     1 
ATOM   22  O OP1   . G   A 1 2  ? -10.214 -18.694 -17.685 1.00 166.08 ? 3   G   A OP1   1 
ATOM   23  O OP2   . G   A 1 2  ? -9.321  -17.945 -15.394 1.00 159.69 ? 3   G   A OP2   1 
ATOM   24  O "O5'" . G   A 1 2  ? -10.805 -16.448 -16.705 1.00 149.70 ? 3   G   A "O5'" 1 
ATOM   25  C "C5'" . G   A 1 2  ? -10.167 -15.707 -17.741 1.00 141.22 ? 3   G   A "C5'" 1 
ATOM   26  C "C4'" . G   A 1 2  ? -11.108 -14.697 -18.354 1.00 138.23 ? 3   G   A "C4'" 1 
ATOM   27  O "O4'" . G   A 1 2  ? -12.451 -15.245 -18.382 1.00 139.58 ? 3   G   A "O4'" 1 
ATOM   28  C "C3'" . G   A 1 2  ? -11.253 -13.377 -17.608 1.00 135.73 ? 3   G   A "C3'" 1 
ATOM   29  O "O3'" . G   A 1 2  ? -10.248 -12.445 -17.960 1.00 134.22 ? 3   G   A "O3'" 1 
ATOM   30  C "C2'" . G   A 1 2  ? -12.650 -12.908 -17.995 1.00 137.02 ? 3   G   A "C2'" 1 
ATOM   31  O "O2'" . G   A 1 2  ? -12.636 -12.266 -19.262 1.00 137.58 ? 3   G   A "O2'" 1 
ATOM   32  C "C1'" . G   A 1 2  ? -13.399 -14.233 -18.126 1.00 136.49 ? 3   G   A "C1'" 1 
ATOM   33  N N9    . G   A 1 2  ? -14.129 -14.591 -16.895 1.00 139.17 ? 3   G   A N9    1 
ATOM   34  C C8    . G   A 1 2  ? -13.858 -15.676 -16.100 1.00 143.34 ? 3   G   A C8    1 
ATOM   35  N N7    . G   A 1 2  ? -14.653 -15.770 -15.072 1.00 141.81 ? 3   G   A N7    1 
ATOM   36  C C5    . G   A 1 2  ? -15.503 -14.681 -15.196 1.00 139.79 ? 3   G   A C5    1 
ATOM   37  C C6    . G   A 1 2  ? -16.576 -14.263 -14.369 1.00 139.44 ? 3   G   A C6    1 
ATOM   38  O O6    . G   A 1 2  ? -17.000 -14.786 -13.334 1.00 139.83 ? 3   G   A O6    1 
ATOM   39  N N1    . G   A 1 2  ? -17.180 -13.108 -14.850 1.00 140.72 ? 3   G   A N1    1 
ATOM   40  C C2    . G   A 1 2  ? -16.797 -12.441 -15.983 1.00 145.05 ? 3   G   A C2    1 
ATOM   41  N N2    . G   A 1 2  ? -17.510 -11.343 -16.275 1.00 150.11 ? 3   G   A N2    1 
ATOM   42  N N3    . G   A 1 2  ? -15.796 -12.817 -16.766 1.00 143.76 ? 3   G   A N3    1 
ATOM   43  C C4    . G   A 1 2  ? -15.197 -13.941 -16.318 1.00 140.37 ? 3   G   A C4    1 
ATOM   44  P P     . C   A 1 3  ? -9.847  -11.262 -16.951 1.00 145.70 ? 4   C   A P     1 
ATOM   45  O OP1   . C   A 1 3  ? -8.768  -10.464 -17.590 1.00 152.03 ? 4   C   A OP1   1 
ATOM   46  O OP2   . C   A 1 3  ? -9.644  -11.878 -15.615 1.00 148.02 ? 4   C   A OP2   1 
ATOM   47  O "O5'" . C   A 1 3  ? -11.137 -10.329 -16.883 1.00 138.94 ? 4   C   A "O5'" 1 
ATOM   48  C "C5'" . C   A 1 3  ? -11.292 -9.237  -17.775 1.00 138.99 ? 4   C   A "C5'" 1 
ATOM   49  C "C4'" . C   A 1 3  ? -12.535 -8.437  -17.466 1.00 139.16 ? 4   C   A "C4'" 1 
ATOM   50  O "O4'" . C   A 1 3  ? -13.666 -9.330  -17.306 1.00 141.90 ? 4   C   A "O4'" 1 
ATOM   51  C "C3'" . C   A 1 3  ? -12.513 -7.637  -16.174 1.00 136.15 ? 4   C   A "C3'" 1 
ATOM   52  O "O3'" . C   A 1 3  ? -11.833 -6.407  -16.299 1.00 132.34 ? 4   C   A "O3'" 1 
ATOM   53  C "C2'" . C   A 1 3  ? -13.991 -7.477  -15.857 1.00 139.29 ? 4   C   A "C2'" 1 
ATOM   54  O "O2'" . C   A 1 3  ? -14.563 -6.449  -16.651 1.00 141.10 ? 4   C   A "O2'" 1 
ATOM   55  C "C1'" . C   A 1 3  ? -14.548 -8.821  -16.325 1.00 142.95 ? 4   C   A "C1'" 1 
ATOM   56  N N1    . C   A 1 3  ? -14.647 -9.804  -15.220 1.00 143.18 ? 4   C   A N1    1 
ATOM   57  C C2    . C   A 1 3  ? -15.711 -9.712  -14.317 1.00 141.72 ? 4   C   A C2    1 
ATOM   58  O O2    . C   A 1 3  ? -16.551 -8.812  -14.463 1.00 143.02 ? 4   C   A O2    1 
ATOM   59  N N3    . C   A 1 3  ? -15.806 -10.610 -13.308 1.00 140.83 ? 4   C   A N3    1 
ATOM   60  C C4    . C   A 1 3  ? -14.888 -11.570 -13.178 1.00 142.05 ? 4   C   A C4    1 
ATOM   61  N N4    . C   A 1 3  ? -15.017 -12.434 -12.169 1.00 142.02 ? 4   C   A N4    1 
ATOM   62  C C5    . C   A 1 3  ? -13.793 -11.689 -14.079 1.00 144.31 ? 4   C   A C5    1 
ATOM   63  C C6    . C   A 1 3  ? -13.713 -10.796 -15.074 1.00 143.44 ? 4   C   A C6    1 
ATOM   64  P P     . G   A 1 4  ? -10.809 -5.956  -15.153 1.00 130.45 ? 5   G   A P     1 
ATOM   65  O OP1   . G   A 1 4  ? -9.837  -5.018  -15.766 1.00 133.24 ? 5   G   A OP1   1 
ATOM   66  O OP2   . G   A 1 4  ? -10.325 -7.204  -14.513 1.00 129.54 ? 5   G   A OP2   1 
ATOM   67  O "O5'" . G   A 1 4  ? -11.706 -5.152  -14.105 1.00 126.26 ? 5   G   A "O5'" 1 
ATOM   68  C "C5'" . G   A 1 4  ? -12.056 -3.795  -14.339 1.00 124.55 ? 5   G   A "C5'" 1 
ATOM   69  C "C4'" . G   A 1 4  ? -13.325 -3.405  -13.623 1.00 123.80 ? 5   G   A "C4'" 1 
ATOM   70  O "O4'" . G   A 1 4  ? -14.319 -4.452  -13.777 1.00 121.24 ? 5   G   A "O4'" 1 
ATOM   71  C "C3'" . G   A 1 4  ? -13.220 -3.234  -12.114 1.00 126.00 ? 5   G   A "C3'" 1 
ATOM   72  O "O3'" . G   A 1 4  ? -12.662 -2.007  -11.705 1.00 129.75 ? 5   G   A "O3'" 1 
ATOM   73  C "C2'" . G   A 1 4  ? -14.655 -3.446  -11.669 1.00 121.41 ? 5   G   A "C2'" 1 
ATOM   74  O "O2'" . G   A 1 4  ? -15.465 -2.329  -12.000 1.00 113.46 ? 5   G   A "O2'" 1 
ATOM   75  C "C1'" . G   A 1 4  ? -15.047 -4.605  -12.572 1.00 123.12 ? 5   G   A "C1'" 1 
ATOM   76  N N9    . G   A 1 4  ? -14.634 -5.877  -11.955 1.00 128.46 ? 5   G   A N9    1 
ATOM   77  C C8    . G   A 1 4  ? -13.727 -6.783  -12.454 1.00 130.75 ? 5   G   A C8    1 
ATOM   78  N N7    . G   A 1 4  ? -13.552 -7.812  -11.667 1.00 133.01 ? 5   G   A N7    1 
ATOM   79  C C5    . G   A 1 4  ? -14.380 -7.562  -10.579 1.00 129.80 ? 5   G   A C5    1 
ATOM   80  C C6    . G   A 1 4  ? -14.607 -8.330  -9.407  1.00 127.66 ? 5   G   A C6    1 
ATOM   81  O O6    . G   A 1 4  ? -14.105 -9.415  -9.089  1.00 126.08 ? 5   G   A O6    1 
ATOM   82  N N1    . G   A 1 4  ? -15.527 -7.712  -8.567  1.00 125.62 ? 5   G   A N1    1 
ATOM   83  C C2    . G   A 1 4  ? -16.145 -6.514  -8.812  1.00 125.34 ? 5   G   A C2    1 
ATOM   84  N N2    . G   A 1 4  ? -16.996 -6.094  -7.866  1.00 125.52 ? 5   G   A N2    1 
ATOM   85  N N3    . G   A 1 4  ? -15.942 -5.786  -9.897  1.00 123.75 ? 5   G   A N3    1 
ATOM   86  C C4    . G   A 1 4  ? -15.052 -6.367  -10.735 1.00 127.15 ? 5   G   A C4    1 
ATOM   87  P P     . U   A 1 5  ? -11.541 -2.021  -10.556 1.00 154.56 ? 6   U   A P     1 
ATOM   88  O OP1   . U   A 1 5  ? -10.780 -0.747  -10.622 1.00 157.10 ? 6   U   A OP1   1 
ATOM   89  O OP2   . U   A 1 5  ? -10.825 -3.313  -10.700 1.00 150.67 ? 6   U   A OP2   1 
ATOM   90  O "O5'" . U   A 1 5  ? -12.375 -2.046  -9.196  1.00 140.31 ? 6   U   A "O5'" 1 
ATOM   91  C "C5'" . U   A 1 5  ? -13.127 -0.910  -8.805  1.00 142.67 ? 6   U   A "C5'" 1 
ATOM   92  C "C4'" . U   A 1 5  ? -13.999 -1.167  -7.602  1.00 142.04 ? 6   U   A "C4'" 1 
ATOM   93  O "O4'" . U   A 1 5  ? -14.885 -2.296  -7.833  1.00 144.75 ? 6   U   A "O4'" 1 
ATOM   94  C "C3'" . U   A 1 5  ? -13.301 -1.551  -6.314  1.00 139.56 ? 6   U   A "C3'" 1 
ATOM   95  O "O3'" . U   A 1 5  ? -12.618 -0.508  -5.661  1.00 137.20 ? 6   U   A "O3'" 1 
ATOM   96  C "C2'" . U   A 1 5  ? -14.451 -2.138  -5.516  1.00 142.82 ? 6   U   A "C2'" 1 
ATOM   97  O "O2'" . U   A 1 5  ? -15.340 -1.119  -5.085  1.00 149.61 ? 6   U   A "O2'" 1 
ATOM   98  C "C1'" . U   A 1 5  ? -15.139 -2.952  -6.598  1.00 145.39 ? 6   U   A "C1'" 1 
ATOM   99  N N1    . U   A 1 5  ? -14.542 -4.302  -6.633  1.00 145.71 ? 6   U   A N1    1 
ATOM   100 C C2    . U   A 1 5  ? -14.884 -5.161  -5.594  1.00 144.51 ? 6   U   A C2    1 
ATOM   101 O O2    . U   A 1 5  ? -15.668 -4.874  -4.696  1.00 142.02 ? 6   U   A O2    1 
ATOM   102 N N3    . U   A 1 5  ? -14.280 -6.392  -5.654  1.00 140.66 ? 6   U   A N3    1 
ATOM   103 C C4    . U   A 1 5  ? -13.383 -6.834  -6.607  1.00 140.74 ? 6   U   A C4    1 
ATOM   104 O O4    . U   A 1 5  ? -12.930 -7.974  -6.527  1.00 141.52 ? 6   U   A O4    1 
ATOM   105 C C5    . U   A 1 5  ? -13.068 -5.885  -7.630  1.00 139.85 ? 6   U   A C5    1 
ATOM   106 C C6    . U   A 1 5  ? -13.640 -4.677  -7.606  1.00 140.81 ? 6   U   A C6    1 
ATOM   107 P P     . C   A 1 6  ? -11.321 -0.895  -4.802  1.00 137.02 ? 7   C   A P     1 
ATOM   108 O OP1   . C   A 1 6  ? -10.817 0.315   -4.113  1.00 152.72 ? 7   C   A OP1   1 
ATOM   109 O OP2   . C   A 1 6  ? -10.438 -1.701  -5.683  1.00 132.03 ? 7   C   A OP2   1 
ATOM   110 O "O5'" . C   A 1 6  ? -11.891 -1.850  -3.669  1.00 129.74 ? 7   C   A "O5'" 1 
ATOM   111 C "C5'" . C   A 1 6  ? -12.831 -1.359  -2.732  1.00 130.01 ? 7   C   A "C5'" 1 
ATOM   112 C "C4'" . C   A 1 6  ? -13.313 -2.460  -1.838  1.00 134.27 ? 7   C   A "C4'" 1 
ATOM   113 O "O4'" . C   A 1 6  ? -13.697 -3.622  -2.626  1.00 133.48 ? 7   C   A "O4'" 1 
ATOM   114 C "C3'" . C   A 1 6  ? -12.273 -3.013  -0.894  1.00 140.00 ? 7   C   A "C3'" 1 
ATOM   115 O "O3'" . C   A 1 6  ? -12.024 -2.173  0.210   1.00 145.18 ? 7   C   A "O3'" 1 
ATOM   116 C "C2'" . C   A 1 6  ? -12.851 -4.371  -0.543  1.00 137.22 ? 7   C   A "C2'" 1 
ATOM   117 O "O2'" . C   A 1 6  ? -13.951 -4.236  0.344   1.00 133.61 ? 7   C   A "O2'" 1 
ATOM   118 C "C1'" . C   A 1 6  ? -13.384 -4.801  -1.907  1.00 135.41 ? 7   C   A "C1'" 1 
ATOM   119 N N1    . C   A 1 6  ? -12.363 -5.565  -2.664  1.00 131.98 ? 7   C   A N1    1 
ATOM   120 C C2    . C   A 1 6  ? -11.949 -6.821  -2.190  1.00 129.79 ? 7   C   A C2    1 
ATOM   121 O O2    . C   A 1 6  ? -12.437 -7.294  -1.152  1.00 130.75 ? 7   C   A O2    1 
ATOM   122 N N3    . C   A 1 6  ? -11.009 -7.511  -2.874  1.00 127.69 ? 7   C   A N3    1 
ATOM   123 C C4    . C   A 1 6  ? -10.486 -7.001  -3.988  1.00 130.51 ? 7   C   A C4    1 
ATOM   124 N N4    . C   A 1 6  ? -9.564  -7.719  -4.632  1.00 129.74 ? 7   C   A N4    1 
ATOM   125 C C5    . C   A 1 6  ? -10.883 -5.729  -4.495  1.00 131.76 ? 7   C   A C5    1 
ATOM   126 C C6    . C   A 1 6  ? -11.813 -5.051  -3.807  1.00 130.65 ? 7   C   A C6    1 
HETATM 127 P P     . 1MA A 1 7  ? -10.529 -1.657  0.460   1.00 149.53 ? 8   1MA A P     1 
HETATM 128 O OP1   . 1MA A 1 7  ? -10.615 -0.258  1.048   1.00 156.78 ? 8   1MA A OP1   1 
HETATM 129 O OP2   . 1MA A 1 7  ? -9.724  -1.898  -0.820  1.00 133.94 ? 8   1MA A OP2   1 
HETATM 130 O "O5'" . 1MA A 1 7  ? -9.994  -2.651  1.578   1.00 134.58 ? 8   1MA A "O5'" 1 
HETATM 131 C "C5'" . 1MA A 1 7  ? -10.889 -3.185  2.538   1.00 127.43 ? 8   1MA A "C5'" 1 
HETATM 132 C "C4'" . 1MA A 1 7  ? -10.542 -4.607  2.876   1.00 123.69 ? 8   1MA A "C4'" 1 
HETATM 133 O "O4'" . 1MA A 1 7  ? -11.027 -5.505  1.837   1.00 121.67 ? 8   1MA A "O4'" 1 
HETATM 134 C "C3'" . 1MA A 1 7  ? -9.058  -4.922  2.968   1.00 124.62 ? 8   1MA A "C3'" 1 
HETATM 135 O "O3'" . 1MA A 1 7  ? -8.478  -4.524  4.200   1.00 127.34 ? 8   1MA A "O3'" 1 
HETATM 136 C "C2'" . 1MA A 1 7  ? -9.036  -6.422  2.726   1.00 121.88 ? 8   1MA A "C2'" 1 
HETATM 137 O "O2'" . 1MA A 1 7  ? -9.502  -7.114  3.872   1.00 125.20 ? 8   1MA A "O2'" 1 
HETATM 138 C "C1'" . 1MA A 1 7  ? -10.092 -6.543  1.628   1.00 121.77 ? 8   1MA A "C1'" 1 
HETATM 139 N N9    . 1MA A 1 7  ? -9.490  -6.357  0.294   1.00 122.03 ? 8   1MA A N9    1 
HETATM 140 C C8    . 1MA A 1 7  ? -9.413  -5.410  -0.665  1.00 123.31 ? 8   1MA A C8    1 
HETATM 141 N N7    . 1MA A 1 7  ? -8.639  -5.915  -1.666  1.00 118.91 ? 8   1MA A N7    1 
HETATM 142 C C5    . 1MA A 1 7  ? -8.243  -7.160  -1.314  1.00 115.68 ? 8   1MA A C5    1 
HETATM 143 C C6    . 1MA A 1 7  ? -7.382  -8.184  -2.020  1.00 116.04 ? 8   1MA A C6    1 
HETATM 144 N N6    . 1MA A 1 7  ? -6.864  -7.897  -3.241  1.00 111.56 ? 8   1MA A N6    1 
HETATM 145 N N1    . 1MA A 1 7  ? -7.125  -9.432  -1.399  1.00 121.52 ? 8   1MA A N1    1 
HETATM 146 C CM1   . 1MA A 1 7  ? -6.307  -10.412 -2.063  1.00 121.42 ? 8   1MA A CM1   1 
HETATM 147 C C2    . 1MA A 1 7  ? -7.670  -9.724  -0.121  1.00 117.65 ? 8   1MA A C2    1 
HETATM 148 N N3    . 1MA A 1 7  ? -8.498  -8.743  0.554   1.00 115.06 ? 8   1MA A N3    1 
HETATM 149 C C4    . 1MA A 1 7  ? -8.764  -7.443  -0.090  1.00 116.93 ? 8   1MA A C4    1 
ATOM   150 P P     . C   A 1 8  ? -6.962  -3.989  4.252   1.00 125.98 ? 9   C   A P     1 
ATOM   151 O OP1   . C   A 1 8  ? -6.736  -3.389  5.593   1.00 123.48 ? 9   C   A OP1   1 
ATOM   152 O OP2   . C   A 1 8  ? -6.680  -3.193  3.027   1.00 120.48 ? 9   C   A OP2   1 
ATOM   153 O "O5'" . C   A 1 8  ? -6.100  -5.320  4.164   1.00 117.72 ? 9   C   A "O5'" 1 
ATOM   154 C "C5'" . C   A 1 8  ? -6.341  -6.400  5.050   1.00 112.04 ? 9   C   A "C5'" 1 
ATOM   155 C "C4'" . C   A 1 8  ? -5.508  -7.591  4.672   1.00 107.85 ? 9   C   A "C4'" 1 
ATOM   156 O "O4'" . C   A 1 8  ? -5.983  -8.139  3.415   1.00 103.52 ? 9   C   A "O4'" 1 
ATOM   157 C "C3'" . C   A 1 8  ? -4.046  -7.298  4.409   1.00 112.30 ? 9   C   A "C3'" 1 
ATOM   158 O "O3'" . C   A 1 8  ? -3.284  -7.181  5.594   1.00 113.62 ? 9   C   A "O3'" 1 
ATOM   159 C "C2'" . C   A 1 8  ? -3.633  -8.458  3.515   1.00 108.33 ? 9   C   A "C2'" 1 
ATOM   160 O "O2'" . C   A 1 8  ? -3.449  -9.636  4.281   1.00 106.16 ? 9   C   A "O2'" 1 
ATOM   161 C "C1'" . C   A 1 8  ? -4.893  -8.633  2.668   1.00 104.62 ? 9   C   A "C1'" 1 
ATOM   162 N N1    . C   A 1 8  ? -4.815  -7.880  1.397   1.00 105.13 ? 9   C   A N1    1 
ATOM   163 C C2    . C   A 1 8  ? -4.113  -8.444  0.328   1.00 108.90 ? 9   C   A C2    1 
ATOM   164 O O2    . C   A 1 8  ? -3.575  -9.554  0.475   1.00 108.99 ? 9   C   A O2    1 
ATOM   165 N N3    . C   A 1 8  ? -4.040  -7.764  -0.840  1.00 110.44 ? 9   C   A N3    1 
ATOM   166 C C4    . C   A 1 8  ? -4.631  -6.572  -0.957  1.00 110.01 ? 9   C   A C4    1 
ATOM   167 N N4    . C   A 1 8  ? -4.531  -5.936  -2.122  1.00 114.22 ? 9   C   A N4    1 
ATOM   168 C C5    . C   A 1 8  ? -5.351  -5.972  0.111   1.00 107.88 ? 9   C   A C5    1 
ATOM   169 C C6    . C   A 1 8  ? -5.419  -6.658  1.259   1.00 107.51 ? 9   C   A C6    1 
ATOM   170 P P     . G   A 1 9  ? -2.203  -6.003  5.727   1.00 127.47 ? 10  G   A P     1 
ATOM   171 O OP1   . G   A 1 9  ? -1.936  -5.799  7.174   1.00 132.91 ? 10  G   A OP1   1 
ATOM   172 O OP2   . G   A 1 9  ? -2.653  -4.859  4.894   1.00 123.33 ? 10  G   A OP2   1 
ATOM   173 O "O5'" . G   A 1 9  ? -0.901  -6.621  5.058   1.00 118.25 ? 10  G   A "O5'" 1 
ATOM   174 C "C5'" . G   A 1 9  ? -0.446  -7.902  5.454   1.00 117.65 ? 10  G   A "C5'" 1 
ATOM   175 C "C4'" . G   A 1 9  ? 0.387   -8.554  4.384   1.00 116.97 ? 10  G   A "C4'" 1 
ATOM   176 O "O4'" . G   A 1 9  ? -0.435  -8.914  3.244   1.00 117.12 ? 10  G   A "O4'" 1 
ATOM   177 C "C3'" . G   A 1 9  ? 1.485   -7.704  3.783   1.00 117.20 ? 10  G   A "C3'" 1 
ATOM   178 O "O3'" . G   A 1 9  ? 2.624   -7.630  4.618   1.00 117.28 ? 10  G   A "O3'" 1 
ATOM   179 C "C2'" . G   A 1 9  ? 1.750   -8.396  2.451   1.00 119.88 ? 10  G   A "C2'" 1 
ATOM   180 O "O2'" . G   A 1 9  ? 2.580   -9.536  2.627   1.00 119.16 ? 10  G   A "O2'" 1 
ATOM   181 C "C1'" . G   A 1 9  ? 0.342   -8.865  2.065   1.00 119.66 ? 10  G   A "C1'" 1 
ATOM   182 N N9    . G   A 1 9  ? -0.298  -7.948  1.103   1.00 119.69 ? 10  G   A N9    1 
ATOM   183 C C8    . G   A 1 9  ? -1.320  -7.060  1.338   1.00 121.02 ? 10  G   A C8    1 
ATOM   184 N N7    . G   A 1 9  ? -1.657  -6.377  0.278   1.00 118.07 ? 10  G   A N7    1 
ATOM   185 C C5    . G   A 1 9  ? -0.804  -6.845  -0.708  1.00 114.77 ? 10  G   A C5    1 
ATOM   186 C C6    . G   A 1 9  ? -0.702  -6.480  -2.065  1.00 115.18 ? 10  G   A C6    1 
ATOM   187 O O6    . G   A 1 9  ? -1.373  -5.637  -2.668  1.00 116.53 ? 10  G   A O6    1 
ATOM   188 N N1    . G   A 1 9  ? 0.298   -7.204  -2.709  1.00 115.89 ? 10  G   A N1    1 
ATOM   189 C C2    . G   A 1 9  ? 1.099   -8.153  -2.124  1.00 115.42 ? 10  G   A C2    1 
ATOM   190 N N2    . G   A 1 9  ? 2.011   -8.742  -2.911  1.00 115.07 ? 10  G   A N2    1 
ATOM   191 N N3    . G   A 1 9  ? 1.009   -8.505  -0.855  1.00 114.82 ? 10  G   A N3    1 
ATOM   192 C C4    . G   A 1 9  ? 0.043   -7.813  -0.219  1.00 116.24 ? 10  G   A C4    1 
ATOM   193 P P     . U   A 1 10 ? 3.538   -6.313  4.614   1.00 129.91 ? 11  U   A P     1 
ATOM   194 O OP1   . U   A 1 10 ? 4.548   -6.484  5.688   1.00 130.35 ? 11  U   A OP1   1 
ATOM   195 O OP2   . U   A 1 10 ? 2.650   -5.120  4.618   1.00 123.67 ? 11  U   A OP2   1 
ATOM   196 O "O5'" . U   A 1 10 ? 4.300   -6.386  3.217   1.00 127.52 ? 11  U   A "O5'" 1 
ATOM   197 C "C5'" . U   A 1 10 ? 5.185   -7.460  2.937   1.00 122.57 ? 11  U   A "C5'" 1 
ATOM   198 C "C4'" . U   A 1 10 ? 5.701   -7.407  1.522   1.00 124.00 ? 11  U   A "C4'" 1 
ATOM   199 O "O4'" . U   A 1 10 ? 4.625   -7.660  0.578   1.00 123.85 ? 11  U   A "O4'" 1 
ATOM   200 C "C3'" . U   A 1 10 ? 6.274   -6.078  1.063   1.00 129.97 ? 11  U   A "C3'" 1 
ATOM   201 O "O3'" . U   A 1 10 ? 7.584   -5.836  1.548   1.00 132.48 ? 11  U   A "O3'" 1 
ATOM   202 C "C2'" . U   A 1 10 ? 6.190   -6.193  -0.453  1.00 129.42 ? 11  U   A "C2'" 1 
ATOM   203 O "O2'" . U   A 1 10 ? 7.241   -7.006  -0.950  1.00 128.59 ? 11  U   A "O2'" 1 
ATOM   204 C "C1'" . U   A 1 10 ? 4.872   -6.956  -0.624  1.00 126.07 ? 11  U   A "C1'" 1 
ATOM   205 N N1    . U   A 1 10 ? 3.728   -6.056  -0.909  1.00 125.18 ? 11  U   A N1    1 
ATOM   206 C C2    . U   A 1 10 ? 3.493   -5.723  -2.231  1.00 122.21 ? 11  U   A C2    1 
ATOM   207 O O2    . U   A 1 10 ? 4.181   -6.139  -3.150  1.00 119.61 ? 11  U   A O2    1 
ATOM   208 N N3    . U   A 1 10 ? 2.418   -4.886  -2.436  1.00 121.61 ? 11  U   A N3    1 
ATOM   209 C C4    . U   A 1 10 ? 1.568   -4.357  -1.483  1.00 120.38 ? 11  U   A C4    1 
ATOM   210 O O4    . U   A 1 10 ? 0.640   -3.620  -1.817  1.00 114.76 ? 11  U   A O4    1 
ATOM   211 C C5    . U   A 1 10 ? 1.878   -4.748  -0.144  1.00 124.11 ? 11  U   A C5    1 
ATOM   212 C C6    . U   A 1 10 ? 2.916   -5.560  0.088   1.00 126.07 ? 11  U   A C6    1 
ATOM   213 P P     . C   A 1 11 ? 8.078   -4.328  1.806   1.00 144.17 ? 12  C   A P     1 
ATOM   214 O OP1   . C   A 1 11 ? 9.337   -4.376  2.596   1.00 146.81 ? 12  C   A OP1   1 
ATOM   215 O OP2   . C   A 1 11 ? 6.928   -3.530  2.302   1.00 138.88 ? 12  C   A OP2   1 
ATOM   216 O "O5'" . C   A 1 11 ? 8.435   -3.799  0.350   1.00 142.69 ? 12  C   A "O5'" 1 
ATOM   217 C "C5'" . C   A 1 11 ? 9.419   -4.449  -0.438  1.00 143.74 ? 12  C   A "C5'" 1 
ATOM   218 C "C4'" . C   A 1 11 ? 9.408   -3.924  -1.848  1.00 146.06 ? 12  C   A "C4'" 1 
ATOM   219 O "O4'" . C   A 1 11 ? 8.147   -4.267  -2.483  1.00 147.69 ? 12  C   A "O4'" 1 
ATOM   220 C "C3'" . C   A 1 11 ? 9.479   -2.414  -1.982  1.00 150.23 ? 12  C   A "C3'" 1 
ATOM   221 O "O3'" . C   A 1 11 ? 10.786  -1.890  -1.840  1.00 145.13 ? 12  C   A "O3'" 1 
ATOM   222 C "C2'" . C   A 1 11 ? 8.861   -2.176  -3.352  1.00 150.76 ? 12  C   A "C2'" 1 
ATOM   223 O "O2'" . C   A 1 11 ? 9.784   -2.497  -4.384  1.00 146.62 ? 12  C   A "O2'" 1 
ATOM   224 C "C1'" . C   A 1 11 ? 7.749   -3.224  -3.355  1.00 150.35 ? 12  C   A "C1'" 1 
ATOM   225 N N1    . C   A 1 11 ? 6.452   -2.670  -2.887  1.00 145.33 ? 12  C   A N1    1 
ATOM   226 C C2    . C   A 1 11 ? 5.710   -1.827  -3.733  1.00 141.60 ? 12  C   A C2    1 
ATOM   227 O O2    . C   A 1 11 ? 6.135   -1.541  -4.864  1.00 140.62 ? 12  C   A O2    1 
ATOM   228 N N3    . C   A 1 11 ? 4.530   -1.329  -3.299  1.00 138.69 ? 12  C   A N3    1 
ATOM   229 C C4    . C   A 1 11 ? 4.081   -1.639  -2.081  1.00 138.91 ? 12  C   A C4    1 
ATOM   230 N N4    . C   A 1 11 ? 2.909   -1.123  -1.698  1.00 140.36 ? 12  C   A N4    1 
ATOM   231 C C5    . C   A 1 11 ? 4.808   -2.491  -1.199  1.00 136.51 ? 12  C   A C5    1 
ATOM   232 C C6    . C   A 1 11 ? 5.974   -2.976  -1.640  1.00 138.29 ? 12  C   A C6    1 
ATOM   233 P P     . G   A 1 12 ? 10.974  -0.371  -1.356  1.00 139.64 ? 13  G   A P     1 
ATOM   234 O OP1   . G   A 1 12 ? 12.416  -0.151  -1.091  1.00 149.27 ? 13  G   A OP1   1 
ATOM   235 O OP2   . G   A 1 12 ? 9.983   -0.108  -0.280  1.00 139.64 ? 13  G   A OP2   1 
ATOM   236 O "O5'" . G   A 1 12 ? 10.578  0.493   -2.637  1.00 133.65 ? 13  G   A "O5'" 1 
ATOM   237 C "C5'" . G   A 1 12 ? 11.407  0.498   -3.791  1.00 132.99 ? 13  G   A "C5'" 1 
ATOM   238 C "C4'" . G   A 1 12 ? 10.808  1.309   -4.909  1.00 132.43 ? 13  G   A "C4'" 1 
ATOM   239 O "O4'" . G   A 1 12 ? 9.596   0.668   -5.385  1.00 130.97 ? 13  G   A "O4'" 1 
ATOM   240 C "C3'" . G   A 1 12 ? 10.358  2.715   -4.544  1.00 134.63 ? 13  G   A "C3'" 1 
ATOM   241 O "O3'" . G   A 1 12 ? 11.413  3.656   -4.515  1.00 138.13 ? 13  G   A "O3'" 1 
ATOM   242 C "C2'" . G   A 1 12 ? 9.313   3.006   -5.605  1.00 132.13 ? 13  G   A "C2'" 1 
ATOM   243 O "O2'" . G   A 1 12 ? 9.933   3.314   -6.842  1.00 129.28 ? 13  G   A "O2'" 1 
ATOM   244 C "C1'" . G   A 1 12 ? 8.635   1.645   -5.723  1.00 132.76 ? 13  G   A "C1'" 1 
ATOM   245 N N9    . G   A 1 12 ? 7.528   1.538   -4.761  1.00 134.68 ? 13  G   A N9    1 
ATOM   246 C C8    . G   A 1 12 ? 7.584   1.017   -3.492  1.00 135.91 ? 13  G   A C8    1 
ATOM   247 N N7    . G   A 1 12 ? 6.446   1.083   -2.858  1.00 135.48 ? 13  G   A N7    1 
ATOM   248 C C5    . G   A 1 12 ? 5.591   1.694   -3.761  1.00 132.35 ? 13  G   A C5    1 
ATOM   249 C C6    . G   A 1 12 ? 4.222   2.036   -3.639  1.00 131.19 ? 13  G   A C6    1 
ATOM   250 O O6    . G   A 1 12 ? 3.461   1.862   -2.679  1.00 130.30 ? 13  G   A O6    1 
ATOM   251 N N1    . G   A 1 12 ? 3.752   2.646   -4.794  1.00 133.73 ? 13  G   A N1    1 
ATOM   252 C C2    . G   A 1 12 ? 4.494   2.894   -5.921  1.00 134.90 ? 13  G   A C2    1 
ATOM   253 N N2    . G   A 1 12 ? 3.848   3.492   -6.934  1.00 135.97 ? 13  G   A N2    1 
ATOM   254 N N3    . G   A 1 12 ? 5.773   2.579   -6.050  1.00 133.38 ? 13  G   A N3    1 
ATOM   255 C C4    . G   A 1 12 ? 6.248   1.988   -4.938  1.00 133.44 ? 13  G   A C4    1 
ATOM   256 P P     . A   A 1 13 ? 11.291  4.952   -3.574  1.00 151.00 ? 14  A   A P     1 
ATOM   257 O OP1   . A   A 1 13 ? 12.624  5.593   -3.458  1.00 155.02 ? 14  A   A OP1   1 
ATOM   258 O OP2   . A   A 1 13 ? 10.532  4.564   -2.358  1.00 147.48 ? 14  A   A OP2   1 
ATOM   259 O "O5'" . A   A 1 13 ? 10.365  5.938   -4.401  1.00 132.31 ? 14  A   A "O5'" 1 
ATOM   260 C "C5'" . A   A 1 13 ? 10.735  6.378   -5.693  1.00 133.22 ? 14  A   A "C5'" 1 
ATOM   261 C "C4'" . A   A 1 13 ? 9.603   7.150   -6.301  1.00 138.84 ? 14  A   A "C4'" 1 
ATOM   262 O "O4'" . A   A 1 13 ? 8.479   6.256   -6.503  1.00 138.12 ? 14  A   A "O4'" 1 
ATOM   263 C "C3'" . A   A 1 13 ? 9.051   8.254   -5.415  1.00 142.25 ? 14  A   A "C3'" 1 
ATOM   264 O "O3'" . A   A 1 13 ? 9.782   9.461   -5.527  1.00 145.21 ? 14  A   A "O3'" 1 
ATOM   265 C "C2'" . A   A 1 13 ? 7.603   8.372   -5.867  1.00 142.82 ? 14  A   A "C2'" 1 
ATOM   266 O "O2'" . A   A 1 13 ? 7.508   9.155   -7.048  1.00 138.49 ? 14  A   A "O2'" 1 
ATOM   267 C "C1'" . A   A 1 13 ? 7.269   6.922   -6.216  1.00 144.15 ? 14  A   A "C1'" 1 
ATOM   268 N N9    . A   A 1 13 ? 6.603   6.207   -5.108  1.00 149.83 ? 14  A   A N9    1 
ATOM   269 C C8    . A   A 1 13 ? 7.119   5.166   -4.374  1.00 147.36 ? 14  A   A C8    1 
ATOM   270 N N7    . A   A 1 13 ? 6.304   4.704   -3.454  1.00 149.05 ? 14  A   A N7    1 
ATOM   271 C C5    . A   A 1 13 ? 5.166   5.486   -3.590  1.00 148.71 ? 14  A   A C5    1 
ATOM   272 C C6    . A   A 1 13 ? 3.938   5.494   -2.902  1.00 144.85 ? 14  A   A C6    1 
ATOM   273 N N6    . A   A 1 13 ? 3.643   4.656   -1.905  1.00 140.59 ? 14  A   A N6    1 
ATOM   274 N N1    . A   A 1 13 ? 3.014   6.402   -3.281  1.00 146.25 ? 14  A   A N1    1 
ATOM   275 C C2    . A   A 1 13 ? 3.311   7.240   -4.282  1.00 148.50 ? 14  A   A C2    1 
ATOM   276 N N3    . A   A 1 13 ? 4.428   7.329   -5.004  1.00 150.09 ? 14  A   A N3    1 
ATOM   277 C C4    . A   A 1 13 ? 5.332   6.414   -4.608  1.00 150.39 ? 14  A   A C4    1 
ATOM   278 P P     . C   A 1 14 ? 9.860   10.471  -4.283  1.00 154.83 ? 15  C   A P     1 
ATOM   279 O OP1   . C   A 1 14 ? 10.832  11.552  -4.596  1.00 162.06 ? 15  C   A OP1   1 
ATOM   280 O OP2   . C   A 1 14 ? 10.026  9.636   -3.066  1.00 149.95 ? 15  C   A OP2   1 
ATOM   281 O "O5'" . C   A 1 14 ? 8.414   11.129  -4.231  1.00 147.57 ? 15  C   A "O5'" 1 
ATOM   282 C "C5'" . C   A 1 14 ? 7.924   11.910  -5.306  1.00 143.83 ? 15  C   A "C5'" 1 
ATOM   283 C "C4'" . C   A 1 14 ? 6.516   12.357  -5.030  1.00 146.71 ? 15  C   A "C4'" 1 
ATOM   284 O "O4'" . C   A 1 14 ? 5.629   11.205  -5.027  1.00 147.04 ? 15  C   A "O4'" 1 
ATOM   285 C "C3'" . C   A 1 14 ? 6.293   12.986  -3.668  1.00 152.24 ? 15  C   A "C3'" 1 
ATOM   286 O "O3'" . C   A 1 14 ? 6.702   14.343  -3.604  1.00 152.82 ? 15  C   A "O3'" 1 
ATOM   287 C "C2'" . C   A 1 14 ? 4.802   12.776  -3.450  1.00 153.41 ? 15  C   A "C2'" 1 
ATOM   288 O "O2'" . C   A 1 14 ? 4.056   13.707  -4.218  1.00 155.09 ? 15  C   A "O2'" 1 
ATOM   289 C "C1'" . C   A 1 14 ? 4.606   11.391  -4.068  1.00 148.94 ? 15  C   A "C1'" 1 
ATOM   290 N N1    . C   A 1 14 ? 4.676   10.298  -3.061  1.00 149.25 ? 15  C   A N1    1 
ATOM   291 C C2    . C   A 1 14 ? 3.584   10.049  -2.211  1.00 146.44 ? 15  C   A C2    1 
ATOM   292 O O2    . C   A 1 14 ? 2.568   10.753  -2.300  1.00 147.75 ? 15  C   A O2    1 
ATOM   293 N N3    . C   A 1 14 ? 3.653   9.049   -1.297  1.00 143.41 ? 15  C   A N3    1 
ATOM   294 C C4    . C   A 1 14 ? 4.750   8.298   -1.205  1.00 145.13 ? 15  C   A C4    1 
ATOM   295 N N4    . C   A 1 14 ? 4.773   7.326   -0.292  1.00 146.91 ? 15  C   A N4    1 
ATOM   296 C C5    . C   A 1 14 ? 5.874   8.517   -2.050  1.00 148.30 ? 15  C   A C5    1 
ATOM   297 C C6    . C   A 1 14 ? 5.792   9.510   -2.951  1.00 150.31 ? 15  C   A C6    1 
ATOM   298 P P     . G   A 1 15 ? 7.446   14.898  -2.293  1.00 159.43 ? 16  G   A P     1 
ATOM   299 O OP1   . G   A 1 15 ? 7.989   16.242  -2.606  1.00 170.96 ? 16  G   A OP1   1 
ATOM   300 O OP2   . G   A 1 15 ? 8.363   13.840  -1.793  1.00 155.17 ? 16  G   A OP2   1 
ATOM   301 O "O5'" . G   A 1 15 ? 6.272   15.074  -1.228  1.00 167.80 ? 16  G   A "O5'" 1 
ATOM   302 C "C5'" . G   A 1 15 ? 5.161   15.921  -1.490  1.00 172.54 ? 16  G   A "C5'" 1 
ATOM   303 C "C4'" . G   A 1 15 ? 3.972   15.553  -0.630  1.00 174.33 ? 16  G   A "C4'" 1 
ATOM   304 O "O4'" . G   A 1 15 ? 3.733   14.130  -0.739  1.00 165.60 ? 16  G   A "O4'" 1 
ATOM   305 C "C3'" . G   A 1 15 ? 4.117   15.815  0.862   1.00 183.59 ? 16  G   A "C3'" 1 
ATOM   306 O "O3'" . G   A 1 15 ? 3.745   17.145  1.205   1.00 197.87 ? 16  G   A "O3'" 1 
ATOM   307 C "C2'" . G   A 1 15 ? 3.208   14.758  1.508   1.00 171.83 ? 16  G   A "C2'" 1 
ATOM   308 O "O2'" . G   A 1 15 ? 1.890   15.257  1.670   1.00 176.09 ? 16  G   A "O2'" 1 
ATOM   309 C "C1'" . G   A 1 15 ? 3.180   13.644  0.462   1.00 160.39 ? 16  G   A "C1'" 1 
ATOM   310 N N9    . G   A 1 15 ? 3.885   12.402  0.858   1.00 153.91 ? 16  G   A N9    1 
ATOM   311 C C8    . G   A 1 15 ? 5.011   11.876  0.273   1.00 154.22 ? 16  G   A C8    1 
ATOM   312 N N7    . G   A 1 15 ? 5.396   10.751  0.809   1.00 149.49 ? 16  G   A N7    1 
ATOM   313 C C5    . G   A 1 15 ? 4.458   10.509  1.799   1.00 146.36 ? 16  G   A C5    1 
ATOM   314 C C6    . G   A 1 15 ? 4.358   9.433   2.714   1.00 142.21 ? 16  G   A C6    1 
ATOM   315 O O6    . G   A 1 15 ? 5.105   8.457   2.829   1.00 144.05 ? 16  G   A O6    1 
ATOM   316 N N1    . G   A 1 15 ? 3.260   9.571   3.551   1.00 139.06 ? 16  G   A N1    1 
ATOM   317 C C2    . G   A 1 15 ? 2.370   10.613  3.510   1.00 143.29 ? 16  G   A C2    1 
ATOM   318 N N2    . G   A 1 15 ? 1.375   10.560  4.405   1.00 142.53 ? 16  G   A N2    1 
ATOM   319 N N3    . G   A 1 15 ? 2.449   11.625  2.660   1.00 147.34 ? 16  G   A N3    1 
ATOM   320 C C4    . G   A 1 15 ? 3.511   11.510  1.837   1.00 148.74 ? 16  G   A C4    1 
ATOM   321 P P     . A   A 1 16 ? 4.836   18.221  1.709   1.00 248.43 ? 17  A   A P     1 
ATOM   322 O OP1   . A   A 1 16 ? 4.117   19.259  2.499   1.00 239.36 ? 17  A   A OP1   1 
ATOM   323 O OP2   . A   A 1 16 ? 5.662   18.655  0.548   1.00 239.64 ? 17  A   A OP2   1 
ATOM   324 O "O5'" . A   A 1 16 ? 5.756   17.392  2.712   1.00 243.36 ? 17  A   A "O5'" 1 
ATOM   325 C "C5'" . A   A 1 16 ? 7.001   17.912  3.168   1.00 241.65 ? 17  A   A "C5'" 1 
ATOM   326 C "C4'" . A   A 1 16 ? 7.036   18.030  4.671   1.00 237.95 ? 17  A   A "C4'" 1 
ATOM   327 O "O4'" . A   A 1 16 ? 7.540   19.345  5.019   1.00 237.29 ? 17  A   A "O4'" 1 
ATOM   328 C "C3'" . A   A 1 16 ? 5.682   17.896  5.361   1.00 235.43 ? 17  A   A "C3'" 1 
ATOM   329 O "O3'" . A   A 1 16 ? 5.869   17.306  6.646   1.00 233.74 ? 17  A   A "O3'" 1 
ATOM   330 C "C2'" . A   A 1 16 ? 5.230   19.348  5.496   1.00 232.29 ? 17  A   A "C2'" 1 
ATOM   331 O "O2'" . A   A 1 16 ? 4.306   19.597  6.538   1.00 227.76 ? 17  A   A "O2'" 1 
ATOM   332 C "C1'" . A   A 1 16 ? 6.553   20.079  5.722   1.00 236.36 ? 17  A   A "C1'" 1 
ATOM   333 N N9    . A   A 1 16 ? 6.559   21.443  5.182   1.00 238.62 ? 17  A   A N9    1 
ATOM   334 C C8    . A   A 1 16 ? 6.481   21.795  3.855   1.00 234.77 ? 17  A   A C8    1 
ATOM   335 N N7    . A   A 1 16 ? 6.509   23.087  3.642   1.00 232.85 ? 17  A   A N7    1 
ATOM   336 C C5    . A   A 1 16 ? 6.615   23.627  4.915   1.00 235.87 ? 17  A   A C5    1 
ATOM   337 C C6    . A   A 1 16 ? 6.690   24.954  5.369   1.00 234.48 ? 17  A   A C6    1 
ATOM   338 N N6    . A   A 1 16 ? 6.669   26.015  4.561   1.00 230.91 ? 17  A   A N6    1 
ATOM   339 N N1    . A   A 1 16 ? 6.789   25.155  6.702   1.00 238.06 ? 17  A   A N1    1 
ATOM   340 C C2    . A   A 1 16 ? 6.813   24.091  7.515   1.00 236.01 ? 17  A   A C2    1 
ATOM   341 N N3    . A   A 1 16 ? 6.748   22.797  7.208   1.00 238.88 ? 17  A   A N3    1 
ATOM   342 C C4    . A   A 1 16 ? 6.652   22.628  5.876   1.00 238.57 ? 17  A   A C4    1 
ATOM   343 P P     . A   A 1 17 ? 4.616   16.771  7.495   1.00 190.21 ? 18  A   A P     1 
ATOM   344 O OP1   . A   A 1 17 ? 4.997   15.497  8.161   1.00 179.48 ? 18  A   A OP1   1 
ATOM   345 O OP2   . A   A 1 17 ? 3.407   16.821  6.631   1.00 189.70 ? 18  A   A OP2   1 
ATOM   346 O "O5'" . A   A 1 17 ? 4.454   17.884  8.616   1.00 179.53 ? 18  A   A "O5'" 1 
ATOM   347 C "C5'" . A   A 1 17 ? 5.552   18.236  9.452   1.00 173.29 ? 18  A   A "C5'" 1 
ATOM   348 C "C4'" . A   A 1 17 ? 5.077   18.742  10.786  1.00 164.67 ? 18  A   A "C4'" 1 
ATOM   349 O "O4'" . A   A 1 17 ? 4.228   19.896  10.566  1.00 168.24 ? 18  A   A "O4'" 1 
ATOM   350 C "C3'" . A   A 1 17 ? 4.238   17.750  11.573  1.00 157.41 ? 18  A   A "C3'" 1 
ATOM   351 O "O3'" . A   A 1 17 ? 4.414   17.989  12.962  1.00 157.35 ? 18  A   A "O3'" 1 
ATOM   352 C "C2'" . A   A 1 17 ? 2.817   18.107  11.163  1.00 160.74 ? 18  A   A "C2'" 1 
ATOM   353 O "O2'" . A   A 1 17 ? 1.825   17.738  12.094  1.00 157.99 ? 18  A   A "O2'" 1 
ATOM   354 C "C1'" . A   A 1 17 ? 2.909   19.621  11.005  1.00 165.72 ? 18  A   A "C1'" 1 
ATOM   355 N N9    . A   A 1 17 ? 2.001   20.139  9.986   1.00 169.74 ? 18  A   A N9    1 
ATOM   356 C C8    . A   A 1 17 ? 1.495   19.464  8.903   1.00 167.81 ? 18  A   A C8    1 
ATOM   357 N N7    . A   A 1 17 ? 0.718   20.200  8.149   1.00 170.37 ? 18  A   A N7    1 
ATOM   358 C C5    . A   A 1 17 ? 0.721   21.437  8.782   1.00 176.05 ? 18  A   A C5    1 
ATOM   359 C C6    . A   A 1 17 ? 0.090   22.656  8.486   1.00 179.09 ? 18  A   A C6    1 
ATOM   360 N N6    . A   A 1 17 ? -0.701  22.835  7.431   1.00 182.56 ? 18  A   A N6    1 
ATOM   361 N N1    . A   A 1 17 ? 0.303   23.699  9.318   1.00 176.40 ? 18  A   A N1    1 
ATOM   362 C C2    . A   A 1 17 ? 1.095   23.518  10.381  1.00 176.38 ? 18  A   A C2    1 
ATOM   363 N N3    . A   A 1 17 ? 1.750   22.427  10.764  1.00 175.17 ? 18  A   A N3    1 
ATOM   364 C C4    . A   A 1 17 ? 1.514   21.415  9.912   1.00 174.28 ? 18  A   A C4    1 
ATOM   365 P P     . G   A 1 18 ? 4.830   16.767  13.907  1.00 166.62 ? 19  G   A P     1 
ATOM   366 O OP1   . G   A 1 18 ? 4.533   17.140  15.313  1.00 169.45 ? 19  G   A OP1   1 
ATOM   367 O OP2   . G   A 1 18 ? 6.197   16.330  13.521  1.00 159.21 ? 19  G   A OP2   1 
ATOM   368 O "O5'" . G   A 1 18 ? 3.814   15.622  13.477  1.00 150.22 ? 19  G   A "O5'" 1 
ATOM   369 C "C5'" . G   A 1 18 ? 2.556   15.492  14.117  1.00 148.44 ? 19  G   A "C5'" 1 
ATOM   370 C "C4'" . G   A 1 18 ? 2.285   14.053  14.453  1.00 147.35 ? 19  G   A "C4'" 1 
ATOM   371 O "O4'" . G   A 1 18 ? 2.052   13.312  13.228  1.00 150.43 ? 19  G   A "O4'" 1 
ATOM   372 C "C3'" . G   A 1 18 ? 3.441   13.322  15.119  1.00 143.85 ? 19  G   A "C3'" 1 
ATOM   373 O "O3'" . G   A 1 18 ? 3.506   13.545  16.515  1.00 143.89 ? 19  G   A "O3'" 1 
ATOM   374 C "C2'" . G   A 1 18 ? 3.179   11.872  14.741  1.00 145.43 ? 19  G   A "C2'" 1 
ATOM   375 O "O2'" . G   A 1 18 ? 2.170   11.310  15.570  1.00 154.66 ? 19  G   A "O2'" 1 
ATOM   376 C "C1'" . G   A 1 18 ? 2.623   12.025  13.323  1.00 147.41 ? 19  G   A "C1'" 1 
ATOM   377 N N9    . G   A 1 18 ? 3.684   11.915  12.305  1.00 142.02 ? 19  G   A N9    1 
ATOM   378 C C8    . G   A 1 18 ? 4.150   12.907  11.471  1.00 142.04 ? 19  G   A C8    1 
ATOM   379 N N7    . G   A 1 18 ? 5.106   12.501  10.679  1.00 138.69 ? 19  G   A N7    1 
ATOM   380 C C5    . G   A 1 18 ? 5.284   11.166  11.020  1.00 135.13 ? 19  G   A C5    1 
ATOM   381 C C6    . G   A 1 18 ? 6.183   10.198  10.511  1.00 130.96 ? 19  G   A C6    1 
ATOM   382 O O6    . G   A 1 18 ? 7.028   10.334  9.622   1.00 132.96 ? 19  G   A O6    1 
ATOM   383 N N1    . G   A 1 18 ? 6.022   8.968   11.142  1.00 129.37 ? 19  G   A N1    1 
ATOM   384 C C2    . G   A 1 18 ? 5.119   8.695   12.139  1.00 132.46 ? 19  G   A C2    1 
ATOM   385 N N2    . G   A 1 18 ? 5.116   7.443   12.622  1.00 129.10 ? 19  G   A N2    1 
ATOM   386 N N3    . G   A 1 18 ? 4.276   9.588   12.622  1.00 137.95 ? 19  G   A N3    1 
ATOM   387 C C4    . G   A 1 18 ? 4.415   10.788  12.020  1.00 138.02 ? 19  G   A C4    1 
ATOM   388 P P     . U   A 1 19 ? 4.921   13.817  17.227  1.00 143.41 ? 20  U   A P     1 
ATOM   389 O OP1   . U   A 1 19 ? 4.659   14.354  18.587  1.00 145.03 ? 20  U   A OP1   1 
ATOM   390 O OP2   . U   A 1 19 ? 5.783   14.569  16.275  1.00 139.27 ? 20  U   A OP2   1 
ATOM   391 O "O5'" . U   A 1 19 ? 5.550   12.368  17.412  1.00 132.48 ? 20  U   A "O5'" 1 
ATOM   392 C "C5'" . U   A 1 19 ? 4.851   11.354  18.114  1.00 127.23 ? 20  U   A "C5'" 1 
ATOM   393 C "C4'" . U   A 1 19 ? 5.449   10.002  17.836  1.00 125.09 ? 20  U   A "C4'" 1 
ATOM   394 O "O4'" . U   A 1 19 ? 5.311   9.690   16.424  1.00 129.39 ? 20  U   A "O4'" 1 
ATOM   395 C "C3'" . U   A 1 19 ? 6.941   9.881   18.083  1.00 120.31 ? 20  U   A "C3'" 1 
ATOM   396 O "O3'" . U   A 1 19 ? 7.276   9.714   19.446  1.00 116.69 ? 20  U   A "O3'" 1 
ATOM   397 C "C2'" . U   A 1 19 ? 7.329   8.702   17.204  1.00 121.33 ? 20  U   A "C2'" 1 
ATOM   398 O "O2'" . U   A 1 19 ? 6.957   7.481   17.824  1.00 119.94 ? 20  U   A "O2'" 1 
ATOM   399 C "C1'" . U   A 1 19 ? 6.422   8.929   15.990  1.00 126.62 ? 20  U   A "C1'" 1 
ATOM   400 N N1    . U   A 1 19 ? 7.113   9.652   14.890  1.00 127.59 ? 20  U   A N1    1 
ATOM   401 C C2    . U   A 1 19 ? 7.822   8.897   13.967  1.00 125.80 ? 20  U   A C2    1 
ATOM   402 O O2    . U   A 1 19 ? 7.895   7.682   14.010  1.00 125.12 ? 20  U   A O2    1 
ATOM   403 N N3    . U   A 1 19 ? 8.445   9.611   12.974  1.00 127.25 ? 20  U   A N3    1 
ATOM   404 C C4    . U   A 1 19 ? 8.443   10.980  12.805  1.00 133.69 ? 20  U   A C4    1 
ATOM   405 O O4    . U   A 1 19 ? 9.056   11.473  11.852  1.00 136.96 ? 20  U   A O4    1 
ATOM   406 C C5    . U   A 1 19 ? 7.696   11.693  13.798  1.00 135.44 ? 20  U   A C5    1 
ATOM   407 C C6    . U   A 1 19 ? 7.072   11.025  14.778  1.00 130.72 ? 20  U   A C6    1 
ATOM   408 P P     . C   A 1 20 ? 8.397   10.664  20.082  1.00 101.61 ? 21  C   A P     1 
ATOM   409 O OP1   . C   A 1 20 ? 8.075   10.880  21.518  1.00 101.55 ? 21  C   A OP1   1 
ATOM   410 O OP2   . C   A 1 20 ? 8.544   11.818  19.159  1.00 100.26 ? 21  C   A OP2   1 
ATOM   411 O "O5'" . C   A 1 20 ? 9.737   9.817   19.950  1.00 92.61  ? 21  C   A "O5'" 1 
ATOM   412 C "C5'" . C   A 1 20 ? 9.855   8.556   20.583  1.00 94.81  ? 21  C   A "C5'" 1 
ATOM   413 C "C4'" . C   A 1 20 ? 10.655  7.596   19.746  1.00 91.78  ? 21  C   A "C4'" 1 
ATOM   414 O "O4'" . C   A 1 20 ? 10.104  7.538   18.412  1.00 88.34  ? 21  C   A "O4'" 1 
ATOM   415 C "C3'" . C   A 1 20 ? 12.109  7.968   19.520  1.00 89.20  ? 21  C   A "C3'" 1 
ATOM   416 O "O3'" . C   A 1 20 ? 12.941  7.624   20.601  1.00 93.16  ? 21  C   A "O3'" 1 
ATOM   417 C "C2'" . C   A 1 20 ? 12.443  7.216   18.247  1.00 89.18  ? 21  C   A "C2'" 1 
ATOM   418 O "O2'" . C   A 1 20 ? 12.651  5.838   18.519  1.00 91.93  ? 21  C   A "O2'" 1 
ATOM   419 C "C1'" . C   A 1 20 ? 11.139  7.357   17.472  1.00 88.26  ? 21  C   A "C1'" 1 
ATOM   420 N N1    . C   A 1 20 ? 11.158  8.530   16.584  1.00 91.50  ? 21  C   A N1    1 
ATOM   421 C C2    . C   A 1 20 ? 11.737  8.367   15.328  1.00 96.24  ? 21  C   A C2    1 
ATOM   422 O O2    . C   A 1 20 ? 12.207  7.256   15.032  1.00 97.54  ? 21  C   A O2    1 
ATOM   423 N N3    . C   A 1 20 ? 11.768  9.417   14.478  1.00 98.10  ? 21  C   A N3    1 
ATOM   424 C C4    . C   A 1 20 ? 11.246  10.584  14.854  1.00 97.80  ? 21  C   A C4    1 
ATOM   425 N N4    . C   A 1 20 ? 11.301  11.591  13.984  1.00 99.14  ? 21  C   A N4    1 
ATOM   426 C C5    . C   A 1 20 ? 10.649  10.779  16.134  1.00 98.87  ? 21  C   A C5    1 
ATOM   427 C C6    . C   A 1 20 ? 10.626  9.732   16.964  1.00 95.15  ? 21  C   A C6    1 
ATOM   428 P P     . G   A 1 21 ? 14.319  8.410   20.807  1.00 108.27 ? 22  G   A P     1 
ATOM   429 O OP1   . G   A 1 21 ? 14.847  8.019   22.142  1.00 119.85 ? 22  G   A OP1   1 
ATOM   430 O OP2   . G   A 1 21 ? 14.068  9.838   20.468  1.00 106.83 ? 22  G   A OP2   1 
ATOM   431 O "O5'" . G   A 1 21 ? 15.280  7.795   19.697  1.00 99.20  ? 22  G   A "O5'" 1 
ATOM   432 C "C5'" . G   A 1 21 ? 15.754  6.466   19.816  1.00 101.97 ? 22  G   A "C5'" 1 
ATOM   433 C "C4'" . G   A 1 21 ? 16.794  6.177   18.774  1.00 100.12 ? 22  G   A "C4'" 1 
ATOM   434 O "O4'" . G   A 1 21 ? 16.188  6.238   17.461  1.00 99.12  ? 22  G   A "O4'" 1 
ATOM   435 C "C3'" . G   A 1 21 ? 17.923  7.180   18.696  1.00 101.47 ? 22  G   A "C3'" 1 
ATOM   436 O "O3'" . G   A 1 21 ? 18.926  6.949   19.659  1.00 103.07 ? 22  G   A "O3'" 1 
ATOM   437 C "C2'" . G   A 1 21 ? 18.413  7.023   17.268  1.00 104.80 ? 22  G   A "C2'" 1 
ATOM   438 O "O2'" . G   A 1 21 ? 19.219  5.862   17.146  1.00 106.00 ? 22  G   A "O2'" 1 
ATOM   439 C "C1'" . G   A 1 21 ? 17.102  6.772   16.535  1.00 102.06 ? 22  G   A "C1'" 1 
ATOM   440 N N9    . G   A 1 21 ? 16.518  8.006   15.985  1.00 105.56 ? 22  G   A N9    1 
ATOM   441 C C8    . G   A 1 21 ? 15.497  8.734   16.544  1.00 107.53 ? 22  G   A C8    1 
ATOM   442 N N7    . G   A 1 21 ? 15.169  9.775   15.830  1.00 111.08 ? 22  G   A N7    1 
ATOM   443 C C5    . G   A 1 21 ? 16.021  9.726   14.734  1.00 108.51 ? 22  G   A C5    1 
ATOM   444 C C6    . G   A 1 21 ? 16.138  10.592  13.620  1.00 109.47 ? 22  G   A C6    1 
ATOM   445 O O6    . G   A 1 21 ? 15.489  11.608  13.368  1.00 111.89 ? 22  G   A O6    1 
ATOM   446 N N1    . G   A 1 21 ? 17.130  10.179  12.741  1.00 111.67 ? 22  G   A N1    1 
ATOM   447 C C2    . G   A 1 21 ? 17.919  9.071   12.913  1.00 115.06 ? 22  G   A C2    1 
ATOM   448 N N2    . G   A 1 21 ? 18.824  8.842   11.949  1.00 118.84 ? 22  G   A N2    1 
ATOM   449 N N3    . G   A 1 21 ? 17.823  8.252   13.950  1.00 113.76 ? 22  G   A N3    1 
ATOM   450 C C4    . G   A 1 21 ? 16.862  8.639   14.814  1.00 109.27 ? 22  G   A C4    1 
ATOM   451 P P     . C   A 1 22 ? 19.709  8.202   20.278  1.00 128.26 ? 23  C   A P     1 
ATOM   452 O OP1   . C   A 1 22 ? 20.414  7.768   21.513  1.00 126.19 ? 23  C   A OP1   1 
ATOM   453 O OP2   . C   A 1 22 ? 18.734  9.325   20.334  1.00 129.04 ? 23  C   A OP2   1 
ATOM   454 O "O5'" . C   A 1 22 ? 20.790  8.563   19.167  1.00 123.87 ? 23  C   A "O5'" 1 
ATOM   455 C "C5'" . C   A 1 22 ? 21.673  7.579   18.648  1.00 125.98 ? 23  C   A "C5'" 1 
ATOM   456 C "C4'" . C   A 1 22 ? 22.350  8.079   17.400  1.00 134.12 ? 23  C   A "C4'" 1 
ATOM   457 O "O4'" . C   A 1 22 ? 21.350  8.331   16.380  1.00 136.01 ? 23  C   A "O4'" 1 
ATOM   458 C "C3'" . C   A 1 22 ? 23.084  9.403   17.538  1.00 141.37 ? 23  C   A "C3'" 1 
ATOM   459 O "O3'" . C   A 1 22 ? 24.389  9.259   18.076  1.00 150.63 ? 23  C   A "O3'" 1 
ATOM   460 C "C2'" . C   A 1 22 ? 23.069  9.955   16.117  1.00 142.35 ? 23  C   A "C2'" 1 
ATOM   461 O "O2'" . C   A 1 22 ? 24.099  9.372   15.343  1.00 152.12 ? 23  C   A "O2'" 1 
ATOM   462 C "C1'" . C   A 1 22 ? 21.726  9.442   15.596  1.00 135.90 ? 23  C   A "C1'" 1 
ATOM   463 N N1    . C   A 1 22 ? 20.671  10.478  15.672  1.00 133.74 ? 23  C   A N1    1 
ATOM   464 C C2    . C   A 1 22 ? 20.501  11.300  14.556  1.00 134.39 ? 23  C   A C2    1 
ATOM   465 O O2    . C   A 1 22 ? 21.224  11.109  13.567  1.00 137.41 ? 23  C   A O2    1 
ATOM   466 N N3    . C   A 1 22 ? 19.556  12.270  14.578  1.00 131.93 ? 23  C   A N3    1 
ATOM   467 C C4    . C   A 1 22 ? 18.800  12.431  15.665  1.00 128.93 ? 23  C   A C4    1 
ATOM   468 N N4    . C   A 1 22 ? 17.881  13.397  15.645  1.00 126.79 ? 23  C   A N4    1 
ATOM   469 C C5    . C   A 1 22 ? 18.952  11.612  16.821  1.00 127.58 ? 23  C   A C5    1 
ATOM   470 C C6    . C   A 1 22 ? 19.893  10.658  16.786  1.00 130.12 ? 23  C   A C6    1 
ATOM   471 P P     . U   B 1 1  ? 15.169  18.504  12.116  1.00 283.00 ? 25  U   B P     1 
ATOM   472 O OP1   . U   B 1 1  ? 14.028  19.052  12.960  1.00 270.88 ? 25  U   B OP1   1 
ATOM   473 O OP2   . U   B 1 1  ? 14.794  17.227  11.383  1.00 265.58 ? 25  U   B OP2   1 
ATOM   474 O "O5'" . U   B 1 1  ? 15.473  19.609  10.953  1.00 256.66 ? 25  U   B "O5'" 1 
ATOM   475 C "C5'" . U   B 1 1  ? 14.510  20.599  10.621  1.00 247.10 ? 25  U   B "C5'" 1 
ATOM   476 C "C4'" . U   B 1 1  ? 15.091  21.645  9.705   1.00 236.84 ? 25  U   B "C4'" 1 
ATOM   477 O "O4'" . U   B 1 1  ? 16.152  22.367  10.394  1.00 236.74 ? 25  U   B "O4'" 1 
ATOM   478 C "C3'" . U   B 1 1  ? 15.764  21.122  8.448   1.00 230.99 ? 25  U   B "C3'" 1 
ATOM   479 O "O3'" . U   B 1 1  ? 14.856  20.782  7.408   1.00 227.28 ? 25  U   B "O3'" 1 
ATOM   480 C "C2'" . U   B 1 1  ? 16.714  22.254  8.089   1.00 230.15 ? 25  U   B "C2'" 1 
ATOM   481 O "O2'" . U   B 1 1  ? 15.999  23.309  7.463   1.00 226.29 ? 25  U   B "O2'" 1 
ATOM   482 C "C1'" . U   B 1 1  ? 17.163  22.727  9.476   1.00 233.43 ? 25  U   B "C1'" 1 
ATOM   483 N N1    . U   B 1 1  ? 18.457  22.127  9.902   1.00 231.07 ? 25  U   B N1    1 
ATOM   484 C C2    . U   B 1 1  ? 19.646  22.756  9.555   1.00 225.31 ? 25  U   B C2    1 
ATOM   485 O O2    . U   B 1 1  ? 19.707  23.787  8.915   1.00 225.58 ? 25  U   B O2    1 
ATOM   486 N N3    . U   B 1 1  ? 20.796  22.140  9.978   1.00 219.25 ? 25  U   B N3    1 
ATOM   487 C C4    . U   B 1 1  ? 20.900  20.978  10.709  1.00 216.00 ? 25  U   B C4    1 
ATOM   488 O O4    . U   B 1 1  ? 22.011  20.548  11.019  1.00 210.72 ? 25  U   B O4    1 
ATOM   489 C C5    . U   B 1 1  ? 19.645  20.382  11.036  1.00 222.35 ? 25  U   B C5    1 
ATOM   490 C C6    . U   B 1 1  ? 18.506  20.962  10.635  1.00 229.34 ? 25  U   B C6    1 
ATOM   491 P P     . G   B 1 2  ? 15.228  19.616  6.361   1.00 168.02 ? 26  G   B P     1 
ATOM   492 O OP1   . G   B 1 2  ? 15.277  20.201  5.000   1.00 169.51 ? 26  G   B OP1   1 
ATOM   493 O OP2   . G   B 1 2  ? 14.361  18.436  6.603   1.00 165.90 ? 26  G   B OP2   1 
ATOM   494 O "O5'" . G   B 1 2  ? 16.707  19.199  6.769   1.00 160.75 ? 26  G   B "O5'" 1 
ATOM   495 C "C5'" . G   B 1 2  ? 17.833  19.725  6.086   1.00 162.42 ? 26  G   B "C5'" 1 
ATOM   496 C "C4'" . G   B 1 2  ? 19.018  18.835  6.292   1.00 161.63 ? 26  G   B "C4'" 1 
ATOM   497 O "O4'" . G   B 1 2  ? 19.475  18.925  7.665   1.00 160.95 ? 26  G   B "O4'" 1 
ATOM   498 C "C3'" . G   B 1 2  ? 18.725  17.363  6.107   1.00 157.35 ? 26  G   B "C3'" 1 
ATOM   499 O "O3'" . G   B 1 2  ? 18.706  16.986  4.749   1.00 157.49 ? 26  G   B "O3'" 1 
ATOM   500 C "C2'" . G   B 1 2  ? 19.820  16.696  6.920   1.00 158.68 ? 26  G   B "C2'" 1 
ATOM   501 O "O2'" . G   B 1 2  ? 21.038  16.686  6.192   1.00 158.61 ? 26  G   B "O2'" 1 
ATOM   502 C "C1'" . G   B 1 2  ? 19.957  17.668  8.092   1.00 160.17 ? 26  G   B "C1'" 1 
ATOM   503 N N9    . G   B 1 2  ? 19.184  17.245  9.277   1.00 159.39 ? 26  G   B N9    1 
ATOM   504 C C8    . G   B 1 2  ? 18.081  17.879  9.794   1.00 164.67 ? 26  G   B C8    1 
ATOM   505 N N7    . G   B 1 2  ? 17.602  17.305  10.864  1.00 166.61 ? 26  G   B N7    1 
ATOM   506 C C5    . G   B 1 2  ? 18.438  16.217  11.070  1.00 157.41 ? 26  G   B C5    1 
ATOM   507 C C6    . G   B 1 2  ? 18.413  15.221  12.078  1.00 149.26 ? 26  G   B C6    1 
ATOM   508 O O6    . G   B 1 2  ? 17.621  15.099  13.016  1.00 146.94 ? 26  G   B O6    1 
ATOM   509 N N1    . G   B 1 2  ? 19.442  14.301  11.921  1.00 143.83 ? 26  G   B N1    1 
ATOM   510 C C2    . G   B 1 2  ? 20.380  14.331  10.922  1.00 149.31 ? 26  G   B C2    1 
ATOM   511 N N2    . G   B 1 2  ? 21.293  13.348  10.949  1.00 148.94 ? 26  G   B N2    1 
ATOM   512 N N3    . G   B 1 2  ? 20.418  15.253  9.971   1.00 155.35 ? 26  G   B N3    1 
ATOM   513 C C4    . G   B 1 2  ? 19.425  16.164  10.103  1.00 156.32 ? 26  G   B C4    1 
ATOM   514 P P     . C   B 1 3  ? 17.555  16.001  4.234   1.00 174.41 ? 27  C   B P     1 
ATOM   515 O OP1   . C   B 1 3  ? 17.392  16.207  2.767   1.00 185.68 ? 27  C   B OP1   1 
ATOM   516 O OP2   . C   B 1 3  ? 16.383  16.211  5.134   1.00 161.04 ? 27  C   B OP2   1 
ATOM   517 O "O5'" . C   B 1 3  ? 18.171  14.553  4.503   1.00 163.51 ? 27  C   B "O5'" 1 
ATOM   518 C "C5'" . C   B 1 3  ? 19.535  14.284  4.205   1.00 151.60 ? 27  C   B "C5'" 1 
ATOM   519 C "C4'" . C   B 1 3  ? 20.100  13.161  5.042   1.00 146.52 ? 27  C   B "C4'" 1 
ATOM   520 O "O4'" . C   B 1 3  ? 20.243  13.571  6.429   1.00 147.87 ? 27  C   B "O4'" 1 
ATOM   521 C "C3'" . C   B 1 3  ? 19.278  11.890  5.132   1.00 139.36 ? 27  C   B "C3'" 1 
ATOM   522 O "O3'" . C   B 1 3  ? 19.364  11.077  3.981   1.00 136.15 ? 27  C   B "O3'" 1 
ATOM   523 C "C2'" . C   B 1 3  ? 19.841  11.230  6.384   1.00 137.45 ? 27  C   B "C2'" 1 
ATOM   524 O "O2'" . C   B 1 3  ? 21.082  10.599  6.108   1.00 135.15 ? 27  C   B "O2'" 1 
ATOM   525 C "C1'" . C   B 1 3  ? 20.094  12.446  7.275   1.00 142.32 ? 27  C   B "C1'" 1 
ATOM   526 N N1    . C   B 1 3  ? 18.957  12.672  8.197   1.00 140.51 ? 27  C   B N1    1 
ATOM   527 C C2    . C   B 1 3  ? 18.829  11.836  9.311   1.00 135.34 ? 27  C   B C2    1 
ATOM   528 O O2    . C   B 1 3  ? 19.678  10.953  9.512   1.00 136.92 ? 27  C   B O2    1 
ATOM   529 N N3    . C   B 1 3  ? 17.785  12.017  10.150  1.00 130.70 ? 27  C   B N3    1 
ATOM   530 C C4    . C   B 1 3  ? 16.891  12.975  9.907   1.00 134.79 ? 27  C   B C4    1 
ATOM   531 N N4    . C   B 1 3  ? 15.880  13.114  10.764  1.00 134.29 ? 27  C   B N4    1 
ATOM   532 C C5    . C   B 1 3  ? 16.986  13.832  8.775   1.00 143.44 ? 27  C   B C5    1 
ATOM   533 C C6    . C   B 1 3  ? 18.025  13.643  7.953   1.00 146.56 ? 27  C   B C6    1 
ATOM   534 P P     . G   B 1 4  ? 18.199  10.016  3.679   1.00 141.63 ? 28  G   B P     1 
ATOM   535 O OP1   . G   B 1 4  ? 18.759  8.951   2.801   1.00 140.76 ? 28  G   B OP1   1 
ATOM   536 O OP2   . G   B 1 4  ? 17.000  10.797  3.254   1.00 139.47 ? 28  G   B OP2   1 
ATOM   537 O "O5'" . G   B 1 4  ? 17.893  9.377   5.109   1.00 134.92 ? 28  G   B "O5'" 1 
ATOM   538 C "C5'" . G   B 1 4  ? 17.134  8.187   5.252   1.00 132.59 ? 28  G   B "C5'" 1 
ATOM   539 C "C4'" . G   B 1 4  ? 17.427  7.517   6.572   1.00 130.34 ? 28  G   B "C4'" 1 
ATOM   540 O "O4'" . G   B 1 4  ? 17.710  8.522   7.584   1.00 131.45 ? 28  G   B "O4'" 1 
ATOM   541 C "C3'" . G   B 1 4  ? 16.299  6.698   7.177   1.00 128.56 ? 28  G   B "C3'" 1 
ATOM   542 O "O3'" . G   B 1 4  ? 16.172  5.409   6.610   1.00 128.66 ? 28  G   B "O3'" 1 
ATOM   543 C "C2'" . G   B 1 4  ? 16.663  6.682   8.652   1.00 127.19 ? 28  G   B "C2'" 1 
ATOM   544 O "O2'" . G   B 1 4  ? 17.725  5.770   8.889   1.00 129.19 ? 28  G   B "O2'" 1 
ATOM   545 C "C1'" . G   B 1 4  ? 17.199  8.101   8.834   1.00 126.83 ? 28  G   B "C1'" 1 
ATOM   546 N N9    . G   B 1 4  ? 16.138  9.041   9.242   1.00 121.98 ? 28  G   B N9    1 
ATOM   547 C C8    . G   B 1 4  ? 15.784  10.186  8.572   1.00 125.61 ? 28  G   B C8    1 
ATOM   548 N N7    . G   B 1 4  ? 14.812  10.840  9.143   1.00 124.94 ? 28  G   B N7    1 
ATOM   549 C C5    . G   B 1 4  ? 14.504  10.078  10.260  1.00 122.50 ? 28  G   B C5    1 
ATOM   550 C C6    . G   B 1 4  ? 13.524  10.293  11.260  1.00 121.78 ? 28  G   B C6    1 
ATOM   551 O O6    . G   B 1 4  ? 12.714  11.223  11.360  1.00 121.38 ? 28  G   B O6    1 
ATOM   552 N N1    . G   B 1 4  ? 13.543  9.283   12.213  1.00 119.18 ? 28  G   B N1    1 
ATOM   553 C C2    . G   B 1 4  ? 14.389  8.208   12.203  1.00 119.27 ? 28  G   B C2    1 
ATOM   554 N N2    . G   B 1 4  ? 14.239  7.347   13.217  1.00 121.62 ? 28  G   B N2    1 
ATOM   555 N N3    . G   B 1 4  ? 15.307  7.992   11.276  1.00 117.04 ? 28  G   B N3    1 
ATOM   556 C C4    . G   B 1 4  ? 15.311  8.964   10.340  1.00 119.17 ? 28  G   B C4    1 
ATOM   557 P P     . U   B 1 5  ? 14.718  4.870   6.203   1.00 128.93 ? 29  U   B P     1 
ATOM   558 O OP1   . U   B 1 5  ? 14.903  3.763   5.232   1.00 132.42 ? 29  U   B OP1   1 
ATOM   559 O OP2   . U   B 1 5  ? 13.884  6.048   5.847   1.00 120.31 ? 29  U   B OP2   1 
ATOM   560 O "O5'" . U   B 1 5  ? 14.132  4.259   7.552   1.00 127.70 ? 29  U   B "O5'" 1 
ATOM   561 C "C5'" . U   B 1 5  ? 14.747  3.136   8.164   1.00 126.10 ? 29  U   B "C5'" 1 
ATOM   562 C "C4'" . U   B 1 5  ? 14.179  2.872   9.534   1.00 123.20 ? 29  U   B "C4'" 1 
ATOM   563 O "O4'" . U   B 1 5  ? 14.383  4.029   10.386  1.00 119.05 ? 29  U   B "O4'" 1 
ATOM   564 C "C3'" . U   B 1 5  ? 12.682  2.645   9.601   1.00 116.13 ? 29  U   B "C3'" 1 
ATOM   565 O "O3'" . U   B 1 5  ? 12.284  1.352   9.211   1.00 115.31 ? 29  U   B "O3'" 1 
ATOM   566 C "C2'" . U   B 1 5  ? 12.372  2.971   11.047  1.00 113.51 ? 29  U   B "C2'" 1 
ATOM   567 O "O2'" . U   B 1 5  ? 12.804  1.918   11.894  1.00 110.96 ? 29  U   B "O2'" 1 
ATOM   568 C "C1'" . U   B 1 5  ? 13.288  4.170   11.264  1.00 114.06 ? 29  U   B "C1'" 1 
ATOM   569 N N1    . U   B 1 5  ? 12.602  5.433   10.934  1.00 116.62 ? 29  U   B N1    1 
ATOM   570 C C2    . U   B 1 5  ? 11.687  5.902   11.849  1.00 118.34 ? 29  U   B C2    1 
ATOM   571 O O2    . U   B 1 5  ? 11.438  5.321   12.892  1.00 117.42 ? 29  U   B O2    1 
ATOM   572 N N3    . U   B 1 5  ? 11.075  7.077   11.501  1.00 118.96 ? 29  U   B N3    1 
ATOM   573 C C4    . U   B 1 5  ? 11.285  7.810   10.353  1.00 121.84 ? 29  U   B C4    1 
ATOM   574 O O4    . U   B 1 5  ? 10.649  8.853   10.196  1.00 123.66 ? 29  U   B O4    1 
ATOM   575 C C5    . U   B 1 5  ? 12.249  7.254   9.450   1.00 122.34 ? 29  U   B C5    1 
ATOM   576 C C6    . U   B 1 5  ? 12.863  6.110   9.765   1.00 118.15 ? 29  U   B C6    1 
ATOM   577 P P     . C   B 1 6  ? 11.040  1.220   8.215   1.00 118.35 ? 30  C   B P     1 
ATOM   578 O OP1   . C   B 1 6  ? 11.067  -0.118  7.567   1.00 124.90 ? 30  C   B OP1   1 
ATOM   579 O OP2   . C   B 1 6  ? 11.042  2.474   7.417   1.00 119.65 ? 30  C   B OP2   1 
ATOM   580 O "O5'" . C   B 1 6  ? 9.780   1.280   9.178   1.00 107.78 ? 30  C   B "O5'" 1 
ATOM   581 C "C5'" . C   B 1 6  ? 9.718   0.446   10.318  1.00 109.48 ? 30  C   B "C5'" 1 
ATOM   582 C "C4'" . C   B 1 6  ? 8.789   1.020   11.350  1.00 110.01 ? 30  C   B "C4'" 1 
ATOM   583 O "O4'" . C   B 1 6  ? 9.325   2.278   11.843  1.00 112.09 ? 30  C   B "O4'" 1 
ATOM   584 C "C3'" . C   B 1 6  ? 7.408   1.393   10.854  1.00 108.24 ? 30  C   B "C3'" 1 
ATOM   585 O "O3'" . C   B 1 6  ? 6.532   0.293   10.748  1.00 106.38 ? 30  C   B "O3'" 1 
ATOM   586 C "C2'" . C   B 1 6  ? 6.964   2.417   11.877  1.00 108.07 ? 30  C   B "C2'" 1 
ATOM   587 O "O2'" . C   B 1 6  ? 6.620   1.779   13.097  1.00 108.00 ? 30  C   B "O2'" 1 
ATOM   588 C "C1'" . C   B 1 6  ? 8.268   3.178   12.089  1.00 110.39 ? 30  C   B "C1'" 1 
ATOM   589 N N1    . C   B 1 6  ? 8.390   4.297   11.134  1.00 111.96 ? 30  C   B N1    1 
ATOM   590 C C2    . C   B 1 6  ? 7.608   5.435   11.337  1.00 110.35 ? 30  C   B C2    1 
ATOM   591 O O2    . C   B 1 6  ? 6.840   5.492   12.309  1.00 109.93 ? 30  C   B O2    1 
ATOM   592 N N3    . C   B 1 6  ? 7.715   6.453   10.462  1.00 111.68 ? 30  C   B N3    1 
ATOM   593 C C4    . C   B 1 6  ? 8.551   6.353   9.429   1.00 116.75 ? 30  C   B C4    1 
ATOM   594 N N4    . C   B 1 6  ? 8.619   7.387   8.595   1.00 122.80 ? 30  C   B N4    1 
ATOM   595 C C5    . C   B 1 6  ? 9.360   5.204   9.195   1.00 117.21 ? 30  C   B C5    1 
ATOM   596 C C6    . C   B 1 6  ? 9.245   4.204   10.068  1.00 114.06 ? 30  C   B C6    1 
HETATM 597 P P     . 1MA B 1 7  ? 5.535   0.223   9.502   1.00 107.73 ? 31  1MA B P     1 
HETATM 598 O OP1   . 1MA B 1 7  ? 4.853   -1.134  9.513   1.00 117.56 ? 31  1MA B OP1   1 
HETATM 599 O OP2   . 1MA B 1 7  ? 6.330   0.702   8.289   1.00 111.88 ? 31  1MA B OP2   1 
HETATM 600 O "O5'" . 1MA B 1 7  ? 4.450   1.327   9.831   1.00 96.23  ? 31  1MA B "O5'" 1 
HETATM 601 C "C5'" . 1MA B 1 7  ? 3.686   1.251   11.016  1.00 98.02  ? 31  1MA B "C5'" 1 
HETATM 602 C "C4'" . 1MA B 1 7  ? 3.054   2.580   11.291  1.00 106.73 ? 31  1MA B "C4'" 1 
HETATM 603 O "O4'" . 1MA B 1 7  ? 4.068   3.614   11.252  1.00 111.05 ? 31  1MA B "O4'" 1 
HETATM 604 C "C3'" . 1MA B 1 7  ? 2.046   3.028   10.251  1.00 113.87 ? 31  1MA B "C3'" 1 
HETATM 605 O "O3'" . 1MA B 1 7  ? 0.783   2.418   10.411  1.00 115.29 ? 31  1MA B "O3'" 1 
HETATM 606 C "C2'" . 1MA B 1 7  ? 2.045   4.538   10.423  1.00 113.40 ? 31  1MA B "C2'" 1 
HETATM 607 O "O2'" . 1MA B 1 7  ? 1.265   4.921   11.547  1.00 106.18 ? 31  1MA B "O2'" 1 
HETATM 608 C "C1'" . 1MA B 1 7  ? 3.518   4.809   10.732  1.00 114.31 ? 31  1MA B "C1'" 1 
HETATM 609 N N9    . 1MA B 1 7  ? 4.290   5.187   9.528   1.00 114.24 ? 31  1MA B N9    1 
HETATM 610 C C8    . 1MA B 1 7  ? 5.122   4.620   8.624   1.00 112.92 ? 31  1MA B C8    1 
HETATM 611 N N7    . 1MA B 1 7  ? 5.502   5.594   7.744   1.00 110.61 ? 31  1MA B N7    1 
HETATM 612 C C5    . 1MA B 1 7  ? 4.913   6.756   8.108   1.00 110.49 ? 31  1MA B C5    1 
HETATM 613 C C6    . 1MA B 1 7  ? 4.966   8.149   7.514   1.00 110.24 ? 31  1MA B C6    1 
HETATM 614 N N6    . 1MA B 1 7  ? 5.712   8.380   6.411   1.00 105.87 ? 31  1MA B N6    1 
HETATM 615 N N1    . 1MA B 1 7  ? 4.230   9.198   8.117   1.00 113.71 ? 31  1MA B N1    1 
HETATM 616 C CM1   . 1MA B 1 7  ? 4.271   10.528  7.559   1.00 115.99 ? 31  1MA B CM1   1 
HETATM 617 C C2    . 1MA B 1 7  ? 3.444   8.942   9.272   1.00 113.32 ? 31  1MA B C2    1 
HETATM 618 N N3    . 1MA B 1 7  ? 3.395   7.607   9.848   1.00 111.94 ? 31  1MA B N3    1 
HETATM 619 C C4    . 1MA B 1 7  ? 4.159   6.512   9.220   1.00 112.84 ? 31  1MA B C4    1 
ATOM   620 P P     . C   B 1 8  ? 0.009   1.865   9.122   1.00 125.30 ? 32  C   B P     1 
ATOM   621 O OP1   . C   B 1 8  ? -1.007  0.886   9.596   1.00 125.37 ? 32  C   B OP1   1 
ATOM   622 O OP2   . C   B 1 8  ? 1.018   1.472   8.098   1.00 122.97 ? 32  C   B OP2   1 
ATOM   623 O "O5'" . C   B 1 8  ? -0.751  3.155   8.594   1.00 119.47 ? 32  C   B "O5'" 1 
ATOM   624 C "C5'" . C   B 1 8  ? -1.442  3.985   9.512   1.00 123.64 ? 32  C   B "C5'" 1 
ATOM   625 C "C4'" . C   B 1 8  ? -1.517  5.408   9.027   1.00 132.98 ? 32  C   B "C4'" 1 
ATOM   626 O "O4'" . C   B 1 8  ? -0.200  6.017   9.019   1.00 134.66 ? 32  C   B "O4'" 1 
ATOM   627 C "C3'" . C   B 1 8  ? -2.011  5.609   7.608   1.00 138.94 ? 32  C   B "C3'" 1 
ATOM   628 O "O3'" . C   B 1 8  ? -3.416  5.480   7.488   1.00 133.80 ? 32  C   B "O3'" 1 
ATOM   629 C "C2'" . C   B 1 8  ? -1.490  7.004   7.277   1.00 138.97 ? 32  C   B "C2'" 1 
ATOM   630 O "O2'" . C   B 1 8  ? -2.322  7.996   7.862   1.00 132.90 ? 32  C   B "O2'" 1 
ATOM   631 C "C1'" . C   B 1 8  ? -0.143  7.009   8.011   1.00 136.59 ? 32  C   B "C1'" 1 
ATOM   632 N N1    . C   B 1 8  ? 1.014   6.756   7.106   1.00 137.79 ? 32  C   B N1    1 
ATOM   633 C C2    . C   B 1 8  ? 1.571   7.842   6.400   1.00 135.37 ? 32  C   B C2    1 
ATOM   634 O O2    . C   B 1 8  ? 1.095   8.979   6.545   1.00 134.08 ? 32  C   B O2    1 
ATOM   635 N N3    . C   B 1 8  ? 2.620   7.644   5.568   1.00 132.12 ? 32  C   B N3    1 
ATOM   636 C C4    . C   B 1 8  ? 3.126   6.421   5.416   1.00 132.34 ? 32  C   B C4    1 
ATOM   637 N N4    . C   B 1 8  ? 4.164   6.275   4.588   1.00 135.47 ? 32  C   B N4    1 
ATOM   638 C C5    . C   B 1 8  ? 2.589   5.295   6.112   1.00 133.29 ? 32  C   B C5    1 
ATOM   639 C C6    . C   B 1 8  ? 1.548   5.503   6.936   1.00 135.08 ? 32  C   B C6    1 
ATOM   640 P P     . G   B 1 9  ? -4.048  4.814   6.171   1.00 131.89 ? 33  G   B P     1 
ATOM   641 O OP1   . G   B 1 9  ? -5.440  4.408   6.484   1.00 141.38 ? 33  G   B OP1   1 
ATOM   642 O OP2   . G   B 1 9  ? -3.092  3.794   5.667   1.00 136.46 ? 33  G   B OP2   1 
ATOM   643 O "O5'" . G   B 1 9  ? -4.103  6.017   5.127   1.00 135.41 ? 33  G   B "O5'" 1 
ATOM   644 C "C5'" . G   B 1 9  ? -4.910  7.159   5.377   1.00 136.28 ? 33  G   B "C5'" 1 
ATOM   645 C "C4'" . G   B 1 9  ? -4.666  8.247   4.362   1.00 140.32 ? 33  G   B "C4'" 1 
ATOM   646 O "O4'" . G   B 1 9  ? -3.325  8.786   4.529   1.00 139.48 ? 33  G   B "O4'" 1 
ATOM   647 C "C3'" . G   B 1 9  ? -4.707  7.828   2.904   1.00 144.17 ? 33  G   B "C3'" 1 
ATOM   648 O "O3'" . G   B 1 9  ? -6.021  7.711   2.390   1.00 144.10 ? 33  G   B "O3'" 1 
ATOM   649 C "C2'" . G   B 1 9  ? -3.882  8.910   2.223   1.00 142.96 ? 33  G   B "C2'" 1 
ATOM   650 O "O2'" . G   B 1 9  ? -4.646  10.100  2.079   1.00 135.88 ? 33  G   B "O2'" 1 
ATOM   651 C "C1'" . G   B 1 9  ? -2.795  9.149   3.270   1.00 141.26 ? 33  G   B "C1'" 1 
ATOM   652 N N9    . G   B 1 9  ? -1.586  8.332   3.012   1.00 142.34 ? 33  G   B N9    1 
ATOM   653 C C8    . G   B 1 9  ? -1.299  7.104   3.561   1.00 142.56 ? 33  G   B C8    1 
ATOM   654 N N7    . G   B 1 9  ? -0.162  6.605   3.160   1.00 140.65 ? 33  G   B N7    1 
ATOM   655 C C5    . G   B 1 9  ? 0.342   7.562   2.293   1.00 138.90 ? 33  G   B C5    1 
ATOM   656 C C6    . G   B 1 9  ? 1.547   7.572   1.548   1.00 139.77 ? 33  G   B C6    1 
ATOM   657 O O6    . G   B 1 9  ? 2.437   6.713   1.510   1.00 142.27 ? 33  G   B O6    1 
ATOM   658 N N1    . G   B 1 9  ? 1.668   8.729   0.789   1.00 139.96 ? 33  G   B N1    1 
ATOM   659 C C2    . G   B 1 9  ? 0.747   9.744   0.750   1.00 140.54 ? 33  G   B C2    1 
ATOM   660 N N2    . G   B 1 9  ? 1.055   10.778  -0.046  1.00 143.59 ? 33  G   B N2    1 
ATOM   661 N N3    . G   B 1 9  ? -0.383  9.748   1.437   1.00 137.96 ? 33  G   B N3    1 
ATOM   662 C C4    . G   B 1 9  ? -0.524  8.633   2.184   1.00 138.75 ? 33  G   B C4    1 
ATOM   663 P P     . U   B 1 10 ? -6.300  6.746   1.138   1.00 149.77 ? 34  U   B P     1 
ATOM   664 O OP1   . U   B 1 10 ? -7.733  6.882   0.781   1.00 157.95 ? 34  U   B OP1   1 
ATOM   665 O OP2   . U   B 1 10 ? -5.709  5.412   1.431   1.00 143.47 ? 34  U   B OP2   1 
ATOM   666 O "O5'" . U   B 1 10 ? -5.459  7.399   -0.042  1.00 140.26 ? 34  U   B "O5'" 1 
ATOM   667 C "C5'" . U   B 1 10 ? -5.907  8.579   -0.689  1.00 137.55 ? 34  U   B "C5'" 1 
ATOM   668 C "C4'" . U   B 1 10 ? -5.156  8.793   -1.972  1.00 140.08 ? 34  U   B "C4'" 1 
ATOM   669 O "O4'" . U   B 1 10 ? -3.786  9.169   -1.679  1.00 141.68 ? 34  U   B "O4'" 1 
ATOM   670 C "C3'" . U   B 1 10 ? -5.003  7.567   -2.853  1.00 141.03 ? 34  U   B "C3'" 1 
ATOM   671 O "O3'" . U   B 1 10 ? -6.157  7.260   -3.610  1.00 140.62 ? 34  U   B "O3'" 1 
ATOM   672 C "C2'" . U   B 1 10 ? -3.793  7.924   -3.699  1.00 136.69 ? 34  U   B "C2'" 1 
ATOM   673 O "O2'" . U   B 1 10 ? -4.147  8.824   -4.736  1.00 136.64 ? 34  U   B "O2'" 1 
ATOM   674 C "C1'" . U   B 1 10 ? -2.929  8.671   -2.688  1.00 138.05 ? 34  U   B "C1'" 1 
ATOM   675 N N1    . U   B 1 10 ? -1.907  7.785   -2.091  1.00 134.51 ? 34  U   B N1    1 
ATOM   676 C C2    . U   B 1 10 ? -0.802  7.529   -2.877  1.00 135.07 ? 34  U   B C2    1 
ATOM   677 O O2    . U   B 1 10 ? -0.648  7.994   -3.992  1.00 134.22 ? 34  U   B O2    1 
ATOM   678 N N3    . U   B 1 10 ? 0.130   6.707   -2.313  1.00 137.97 ? 34  U   B N3    1 
ATOM   679 C C4    . U   B 1 10 ? 0.066   6.124   -1.068  1.00 142.55 ? 34  U   B C4    1 
ATOM   680 O O4    . U   B 1 10 ? 0.996   5.403   -0.700  1.00 146.82 ? 34  U   B O4    1 
ATOM   681 C C5    . U   B 1 10 ? -1.116  6.432   -0.319  1.00 140.41 ? 34  U   B C5    1 
ATOM   682 C C6    . U   B 1 10 ? -2.046  7.234   -0.842  1.00 135.62 ? 34  U   B C6    1 
ATOM   683 P P     . C   B 1 11 ? -6.356  5.770   -4.175  1.00 138.76 ? 35  C   B P     1 
ATOM   684 O OP1   . C   B 1 11 ? -7.676  5.700   -4.853  1.00 133.50 ? 35  C   B OP1   1 
ATOM   685 O OP2   . C   B 1 11 ? -6.040  4.835   -3.065  1.00 139.50 ? 35  C   B OP2   1 
ATOM   686 O "O5'" . C   B 1 11 ? -5.232  5.624   -5.298  1.00 130.06 ? 35  C   B "O5'" 1 
ATOM   687 C "C5'" . C   B 1 11 ? -5.336  6.340   -6.521  1.00 126.66 ? 35  C   B "C5'" 1 
ATOM   688 C "C4'" . C   B 1 11 ? -4.019  6.408   -7.252  1.00 122.60 ? 35  C   B "C4'" 1 
ATOM   689 O "O4'" . C   B 1 11 ? -2.969  6.836   -6.344  1.00 118.44 ? 35  C   B "O4'" 1 
ATOM   690 C "C3'" . C   B 1 11 ? -3.497  5.101   -7.814  1.00 120.60 ? 35  C   B "C3'" 1 
ATOM   691 O "O3'" . C   B 1 11 ? -4.114  4.735   -9.035  1.00 118.46 ? 35  C   B "O3'" 1 
ATOM   692 C "C2'" . C   B 1 11 ? -2.005  5.373   -7.940  1.00 120.64 ? 35  C   B "C2'" 1 
ATOM   693 O "O2'" . C   B 1 11 ? -1.738  6.190   -9.068  1.00 121.89 ? 35  C   B "O2'" 1 
ATOM   694 C "C1'" . C   B 1 11 ? -1.756  6.206   -6.686  1.00 119.51 ? 35  C   B "C1'" 1 
ATOM   695 N N1    . C   B 1 11 ? -1.319  5.360   -5.552  1.00 124.13 ? 35  C   B N1    1 
ATOM   696 C C2    . C   B 1 11 ? 0.017   4.956   -5.531  1.00 126.44 ? 35  C   B C2    1 
ATOM   697 O O2    . C   B 1 11 ? 0.772   5.327   -6.442  1.00 126.21 ? 35  C   B O2    1 
ATOM   698 N N3    . C   B 1 11 ? 0.456   4.177   -4.519  1.00 127.42 ? 35  C   B N3    1 
ATOM   699 C C4    . C   B 1 11 ? -0.387  3.797   -3.560  1.00 127.78 ? 35  C   B C4    1 
ATOM   700 N N4    . C   B 1 11 ? 0.100   3.028   -2.585  1.00 128.27 ? 35  C   B N4    1 
ATOM   701 C C5    . C   B 1 11 ? -1.758  4.188   -3.554  1.00 129.08 ? 35  C   B C5    1 
ATOM   702 C C6    . C   B 1 11 ? -2.179  4.961   -4.565  1.00 126.96 ? 35  C   B C6    1 
ATOM   703 P P     . G   B 1 12 ? -4.221  3.185   -9.433  1.00 136.01 ? 36  G   B P     1 
ATOM   704 O OP1   . G   B 1 12 ? -5.037  3.063   -10.671 1.00 143.60 ? 36  G   B OP1   1 
ATOM   705 O OP2   . G   B 1 12 ? -4.630  2.450   -8.211  1.00 129.82 ? 36  G   B OP2   1 
ATOM   706 O "O5'" . G   B 1 12 ? -2.720  2.779   -9.787  1.00 127.59 ? 36  G   B "O5'" 1 
ATOM   707 C "C5'" . G   B 1 12 ? -2.059  3.360   -10.899 1.00 127.12 ? 36  G   B "C5'" 1 
ATOM   708 C "C4'" . G   B 1 12 ? -0.642  2.865   -11.035 1.00 125.10 ? 36  G   B "C4'" 1 
ATOM   709 O "O4'" . G   B 1 12 ? 0.168   3.345   -9.932  1.00 125.70 ? 36  G   B "O4'" 1 
ATOM   710 C "C3'" . G   B 1 12 ? -0.449  1.364   -10.991 1.00 126.69 ? 36  G   B "C3'" 1 
ATOM   711 O "O3'" . G   B 1 12 ? -0.776  0.725   -12.209 1.00 129.78 ? 36  G   B "O3'" 1 
ATOM   712 C "C2'" . G   B 1 12 ? 1.020   1.238   -10.616 1.00 127.26 ? 36  G   B "C2'" 1 
ATOM   713 O "O2'" . G   B 1 12 ? 1.845   1.502   -11.737 1.00 129.54 ? 36  G   B "O2'" 1 
ATOM   714 C "C1'" . G   B 1 12 ? 1.173   2.397   -9.635  1.00 128.66 ? 36  G   B "C1'" 1 
ATOM   715 N N9    . G   B 1 12 ? 1.005   1.949   -8.242  1.00 135.95 ? 36  G   B N9    1 
ATOM   716 C C8    . G   B 1 12 ? -0.061  2.211   -7.416  1.00 138.33 ? 36  G   B C8    1 
ATOM   717 N N7    . G   B 1 12 ? 0.069   1.676   -6.230  1.00 140.76 ? 36  G   B N7    1 
ATOM   718 C C5    . G   B 1 12 ? 1.293   1.020   -6.279  1.00 137.10 ? 36  G   B C5    1 
ATOM   719 C C6    . G   B 1 12 ? 1.965   0.260   -5.287  1.00 134.86 ? 36  G   B C6    1 
ATOM   720 O O6    . G   B 1 12 ? 1.601   0.012   -4.132  1.00 137.02 ? 36  G   B O6    1 
ATOM   721 N N1    . G   B 1 12 ? 3.185   -0.226  -5.749  1.00 133.01 ? 36  G   B N1    1 
ATOM   722 C C2    . G   B 1 12 ? 3.693   -0.017  -7.008  1.00 133.89 ? 36  G   B C2    1 
ATOM   723 N N2    . G   B 1 12 ? 4.887   -0.579  -7.258  1.00 129.87 ? 36  G   B N2    1 
ATOM   724 N N3    . G   B 1 12 ? 3.075   0.691   -7.945  1.00 137.67 ? 36  G   B N3    1 
ATOM   725 C C4    . G   B 1 12 ? 1.885   1.175   -7.517  1.00 137.14 ? 36  G   B C4    1 
ATOM   726 P P     . A   B 1 13 ? -1.218  -0.818  -12.202 1.00 127.58 ? 37  A   B P     1 
ATOM   727 O OP1   . A   B 1 13 ? -1.651  -1.180  -13.576 1.00 128.94 ? 37  A   B OP1   1 
ATOM   728 O OP2   . A   B 1 13 ? -2.125  -1.021  -11.043 1.00 121.83 ? 37  A   B OP2   1 
ATOM   729 O "O5'" . A   B 1 13 ? 0.130   -1.609  -11.908 1.00 125.32 ? 37  A   B "O5'" 1 
ATOM   730 C "C5'" . A   B 1 13 ? 1.204   -1.590  -12.835 1.00 123.70 ? 37  A   B "C5'" 1 
ATOM   731 C "C4'" . A   B 1 13 ? 2.411   -2.281  -12.264 1.00 120.58 ? 37  A   B "C4'" 1 
ATOM   732 O "O4'" . A   B 1 13 ? 2.830   -1.589  -11.063 1.00 121.41 ? 37  A   B "O4'" 1 
ATOM   733 C "C3'" . A   B 1 13 ? 2.170   -3.710  -11.811 1.00 119.57 ? 37  A   B "C3'" 1 
ATOM   734 O "O3'" . A   B 1 13 ? 2.296   -4.633  -12.870 1.00 119.59 ? 37  A   B "O3'" 1 
ATOM   735 C "C2'" . A   B 1 13 ? 3.206   -3.905  -10.719 1.00 117.44 ? 37  A   B "C2'" 1 
ATOM   736 O "O2'" . A   B 1 13 ? 4.475   -4.180  -11.289 1.00 115.97 ? 37  A   B "O2'" 1 
ATOM   737 C "C1'" . A   B 1 13 ? 3.244   -2.516  -10.087 1.00 121.24 ? 37  A   B "C1'" 1 
ATOM   738 N N9    . A   B 1 13 ? 2.329   -2.399  -8.943  1.00 121.92 ? 37  A   B N9    1 
ATOM   739 C C8    . A   B 1 13 ? 1.112   -1.766  -8.918  1.00 123.03 ? 37  A   B C8    1 
ATOM   740 N N7    . A   B 1 13 ? 0.519   -1.814  -7.753  1.00 122.30 ? 37  A   B N7    1 
ATOM   741 C C5    . A   B 1 13 ? 1.412   -2.527  -6.964  1.00 123.76 ? 37  A   B C5    1 
ATOM   742 C C6    . A   B 1 13 ? 1.375   -2.921  -5.617  1.00 125.83 ? 37  A   B C6    1 
ATOM   743 N N6    . A   B 1 13 ? 0.360   -2.641  -4.794  1.00 126.36 ? 37  A   B N6    1 
ATOM   744 N N1    . A   B 1 13 ? 2.429   -3.620  -5.140  1.00 125.49 ? 37  A   B N1    1 
ATOM   745 C C2    . A   B 1 13 ? 3.443   -3.899  -5.967  1.00 121.61 ? 37  A   B C2    1 
ATOM   746 N N3    . A   B 1 13 ? 3.595   -3.583  -7.248  1.00 119.10 ? 37  A   B N3    1 
ATOM   747 C C4    . A   B 1 13 ? 2.532   -2.894  -7.685  1.00 121.51 ? 37  A   B C4    1 
ATOM   748 P P     . C   B 1 14 ? 1.303   -5.884  -12.935 1.00 136.33 ? 38  C   B P     1 
ATOM   749 O OP1   . C   B 1 14 ? 1.593   -6.625  -14.193 1.00 130.65 ? 38  C   B OP1   1 
ATOM   750 O OP2   . C   B 1 14 ? -0.062  -5.371  -12.647 1.00 128.77 ? 38  C   B OP2   1 
ATOM   751 O "O5'" . C   B 1 14 ? 1.761   -6.788  -11.708 1.00 126.82 ? 38  C   B "O5'" 1 
ATOM   752 C "C5'" . C   B 1 14 ? 3.013   -7.450  -11.751 1.00 121.04 ? 38  C   B "C5'" 1 
ATOM   753 C "C4'" . C   B 1 14 ? 3.441   -7.954  -10.399 1.00 122.39 ? 38  C   B "C4'" 1 
ATOM   754 O "O4'" . C   B 1 14 ? 3.365   -6.896  -9.412  1.00 120.02 ? 38  C   B "O4'" 1 
ATOM   755 C "C3'" . C   B 1 14 ? 2.620   -9.070  -9.779  1.00 123.14 ? 38  C   B "C3'" 1 
ATOM   756 O "O3'" . C   B 1 14 ? 2.889   -10.339 -10.344 1.00 127.99 ? 38  C   B "O3'" 1 
ATOM   757 C "C2'" . C   B 1 14 ? 3.016   -8.976  -8.311  1.00 120.25 ? 38  C   B "C2'" 1 
ATOM   758 O "O2'" . C   B 1 14 ? 4.280   -9.583  -8.091  1.00 122.69 ? 38  C   B "O2'" 1 
ATOM   759 C "C1'" . C   B 1 14 ? 3.174   -7.463  -8.132  1.00 121.53 ? 38  C   B "C1'" 1 
ATOM   760 N N1    . C   B 1 14 ? 1.982   -6.876  -7.494  1.00 121.82 ? 38  C   B N1    1 
ATOM   761 C C2    . C   B 1 14 ? 1.840   -7.063  -6.114  1.00 123.95 ? 38  C   B C2    1 
ATOM   762 O O2    . C   B 1 14 ? 2.711   -7.679  -5.479  1.00 122.40 ? 38  C   B O2    1 
ATOM   763 N N3    . C   B 1 14 ? 0.755   -6.560  -5.496  1.00 126.39 ? 38  C   B N3    1 
ATOM   764 C C4    . C   B 1 14 ? -0.156  -5.903  -6.210  1.00 127.49 ? 38  C   B C4    1 
ATOM   765 N N4    . C   B 1 14 ? -1.213  -5.419  -5.555  1.00 130.17 ? 38  C   B N4    1 
ATOM   766 C C5    . C   B 1 14 ? -0.039  -5.707  -7.619  1.00 127.85 ? 38  C   B C5    1 
ATOM   767 C C6    . C   B 1 14 ? 1.039   -6.214  -8.224  1.00 123.51 ? 38  C   B C6    1 
ATOM   768 P P     . G   B 1 15 ? 1.813   -11.525 -10.210 1.00 117.28 ? 39  G   B P     1 
ATOM   769 O OP1   . G   B 1 15 ? 2.316   -12.689 -10.983 1.00 101.95 ? 39  G   B OP1   1 
ATOM   770 O OP2   . G   B 1 15 ? 0.488   -10.942 -10.543 1.00 114.28 ? 39  G   B OP2   1 
ATOM   771 O "O5'" . G   B 1 15 ? 1.810   -11.906 -8.656  1.00 108.90 ? 39  G   B "O5'" 1 
ATOM   772 C "C5'" . G   B 1 15 ? 2.911   -12.584 -8.059  1.00 109.02 ? 39  G   B "C5'" 1 
ATOM   773 C "C4'" . G   B 1 15 ? 2.686   -12.866 -6.589  1.00 104.90 ? 39  G   B "C4'" 1 
ATOM   774 O "O4'" . G   B 1 15 ? 2.607   -11.622 -5.843  1.00 102.43 ? 39  G   B "O4'" 1 
ATOM   775 C "C3'" . G   B 1 15 ? 1.404   -13.593 -6.230  1.00 102.19 ? 39  G   B "C3'" 1 
ATOM   776 O "O3'" . G   B 1 15 ? 1.494   -14.993 -6.423  1.00 107.75 ? 39  G   B "O3'" 1 
ATOM   777 C "C2'" . G   B 1 15 ? 1.179   -13.194 -4.776  1.00 95.98  ? 39  G   B "C2'" 1 
ATOM   778 O "O2'" . G   B 1 15 ? 1.993   -13.960 -3.904  1.00 87.57  ? 39  G   B "O2'" 1 
ATOM   779 C "C1'" . G   B 1 15 ? 1.697   -11.757 -4.775  1.00 96.67  ? 39  G   B "C1'" 1 
ATOM   780 N N9    . G   B 1 15 ? 0.610   -10.789 -4.978  1.00 101.00 ? 39  G   B N9    1 
ATOM   781 C C8    . G   B 1 15 ? 0.316   -10.106 -6.132  1.00 105.14 ? 39  G   B C8    1 
ATOM   782 N N7    . G   B 1 15 ? -0.712  -9.311  -6.009  1.00 105.84 ? 39  G   B N7    1 
ATOM   783 C C5    . G   B 1 15 ? -1.114  -9.485  -4.694  1.00 105.78 ? 39  G   B C5    1 
ATOM   784 C C6    . G   B 1 15 ? -2.181  -8.891  -3.979  1.00 105.82 ? 39  G   B C6    1 
ATOM   785 O O6    . G   B 1 15 ? -3.006  -8.066  -4.386  1.00 102.38 ? 39  G   B O6    1 
ATOM   786 N N1    . G   B 1 15 ? -2.231  -9.352  -2.669  1.00 107.96 ? 39  G   B N1    1 
ATOM   787 C C2    . G   B 1 15 ? -1.369  -10.269 -2.115  1.00 108.34 ? 39  G   B C2    1 
ATOM   788 N N2    . G   B 1 15 ? -1.583  -10.584 -0.827  1.00 108.27 ? 39  G   B N2    1 
ATOM   789 N N3    . G   B 1 15 ? -0.370  -10.837 -2.773  1.00 104.58 ? 39  G   B N3    1 
ATOM   790 C C4    . G   B 1 15 ? -0.308  -10.397 -4.045  1.00 103.56 ? 39  G   B C4    1 
ATOM   791 P P     . A   B 1 16 ? 0.371   -15.753 -7.281  1.00 129.79 ? 40  A   B P     1 
ATOM   792 O OP1   . A   B 1 16 ? 0.963   -16.999 -7.840  1.00 124.68 ? 40  A   B OP1   1 
ATOM   793 O OP2   . A   B 1 16 ? -0.247  -14.751 -8.189  1.00 124.60 ? 40  A   B OP2   1 
ATOM   794 O "O5'" . A   B 1 16 ? -0.714  -16.166 -6.195  1.00 131.23 ? 40  A   B "O5'" 1 
ATOM   795 C "C5'" . A   B 1 16 ? -0.356  -16.993 -5.100  1.00 130.43 ? 40  A   B "C5'" 1 
ATOM   796 C "C4'" . A   B 1 16 ? -0.919  -18.382 -5.257  1.00 132.28 ? 40  A   B "C4'" 1 
ATOM   797 O "O4'" . A   B 1 16 ? -0.052  -19.338 -4.608  1.00 134.57 ? 40  A   B "O4'" 1 
ATOM   798 C "C3'" . A   B 1 16 ? -2.287  -18.626 -4.637  1.00 128.47 ? 40  A   B "C3'" 1 
ATOM   799 O "O3'" . A   B 1 16 ? -3.341  -18.223 -5.495  1.00 123.21 ? 40  A   B "O3'" 1 
ATOM   800 C "C2'" . A   B 1 16 ? -2.291  -20.128 -4.370  1.00 129.44 ? 40  A   B "C2'" 1 
ATOM   801 O "O2'" . A   B 1 16 ? -2.724  -20.843 -5.517  1.00 128.08 ? 40  A   B "O2'" 1 
ATOM   802 C "C1'" . A   B 1 16 ? -0.806  -20.428 -4.134  1.00 135.24 ? 40  A   B "C1'" 1 
ATOM   803 N N9    . A   B 1 16 ? -0.489  -20.651 -2.715  1.00 138.96 ? 40  A   B N9    1 
ATOM   804 C C8    . A   B 1 16 ? -0.114  -19.756 -1.746  1.00 138.16 ? 40  A   B C8    1 
ATOM   805 N N7    . A   B 1 16 ? 0.099   -20.314 -0.575  1.00 142.03 ? 40  A   B N7    1 
ATOM   806 C C5    . A   B 1 16 ? -0.153  -21.666 -0.793  1.00 145.08 ? 40  A   B C5    1 
ATOM   807 C C6    . A   B 1 16 ? -0.109  -22.804 0.041   1.00 142.96 ? 40  A   B C6    1 
ATOM   808 N N6    . A   B 1 16 ? 0.220   -22.770 1.336   1.00 140.53 ? 40  A   B N6    1 
ATOM   809 N N1    . A   B 1 16 ? -0.420  -24.002 -0.510  1.00 141.06 ? 40  A   B N1    1 
ATOM   810 C C2    . A   B 1 16 ? -0.752  -24.046 -1.809  1.00 140.95 ? 40  A   B C2    1 
ATOM   811 N N3    . A   B 1 16 ? -0.830  -23.050 -2.691  1.00 140.04 ? 40  A   B N3    1 
ATOM   812 C C4    . A   B 1 16 ? -0.515  -21.879 -2.110  1.00 142.99 ? 40  A   B C4    1 
ATOM   813 P P     . A   B 1 17 ? -4.439  -17.161 -5.002  1.00 116.12 ? 41  A   B P     1 
ATOM   814 O OP1   . A   B 1 17 ? -5.076  -16.601 -6.222  1.00 117.02 ? 41  A   B OP1   1 
ATOM   815 O OP2   . A   B 1 17 ? -3.828  -16.271 -3.976  1.00 113.88 ? 41  A   B OP2   1 
ATOM   816 O "O5'" . A   B 1 17 ? -5.537  -18.048 -4.273  1.00 109.07 ? 41  A   B "O5'" 1 
ATOM   817 C "C5'" . A   B 1 17 ? -6.358  -18.950 -4.995  1.00 110.49 ? 41  A   B "C5'" 1 
ATOM   818 C "C4'" . A   B 1 17 ? -6.981  -19.930 -4.043  1.00 109.27 ? 41  A   B "C4'" 1 
ATOM   819 O "O4'" . A   B 1 17 ? -5.918  -20.642 -3.368  1.00 107.52 ? 41  A   B "O4'" 1 
ATOM   820 C "C3'" . A   B 1 17 ? -7.785  -19.284 -2.929  1.00 107.18 ? 41  A   B "C3'" 1 
ATOM   821 O "O3'" . A   B 1 17 ? -9.133  -19.079 -3.299  1.00 105.53 ? 41  A   B "O3'" 1 
ATOM   822 C "C2'" . A   B 1 17 ? -7.621  -20.243 -1.762  1.00 110.46 ? 41  A   B "C2'" 1 
ATOM   823 O "O2'" . A   B 1 17 ? -8.559  -21.301 -1.856  1.00 110.90 ? 41  A   B "O2'" 1 
ATOM   824 C "C1'" . A   B 1 17 ? -6.222  -20.806 -2.007  1.00 113.72 ? 41  A   B "C1'" 1 
ATOM   825 N N9    . A   B 1 17 ? -5.174  -20.111 -1.238  1.00 120.83 ? 41  A   B N9    1 
ATOM   826 C C8    . A   B 1 17 ? -4.801  -18.790 -1.298  1.00 122.96 ? 41  A   B C8    1 
ATOM   827 N N7    . A   B 1 17 ? -3.801  -18.482 -0.498  1.00 127.53 ? 41  A   B N7    1 
ATOM   828 C C5    . A   B 1 17 ? -3.480  -19.686 0.121   1.00 126.94 ? 41  A   B C5    1 
ATOM   829 C C6    . A   B 1 17 ? -2.509  -20.042 1.081   1.00 128.23 ? 41  A   B C6    1 
ATOM   830 N N6    . A   B 1 17 ? -1.633  -19.185 1.616   1.00 129.79 ? 41  A   B N6    1 
ATOM   831 N N1    . A   B 1 17 ? -2.465  -21.333 1.480   1.00 129.18 ? 41  A   B N1    1 
ATOM   832 C C2    . A   B 1 17 ? -3.334  -22.197 0.942   1.00 125.67 ? 41  A   B C2    1 
ATOM   833 N N3    . A   B 1 17 ? -4.291  -21.984 0.043   1.00 123.94 ? 41  A   B N3    1 
ATOM   834 C C4    . A   B 1 17 ? -4.312  -20.696 -0.339  1.00 123.54 ? 41  A   B C4    1 
ATOM   835 P P     . G   B 1 18 ? -9.747  -17.605 -3.250  1.00 100.40 ? 42  G   B P     1 
ATOM   836 O OP1   . G   B 1 18 ? -11.198 -17.701 -3.544  1.00 99.62  ? 42  G   B OP1   1 
ATOM   837 O OP2   . G   B 1 18 ? -8.869  -16.715 -4.048  1.00 102.77 ? 42  G   B OP2   1 
ATOM   838 O "O5'" . G   B 1 18 ? -9.579  -17.194 -1.727  1.00 101.52 ? 42  G   B "O5'" 1 
ATOM   839 C "C5'" . G   B 1 18 ? -10.335 -17.841 -0.721  1.00 103.30 ? 42  G   B "C5'" 1 
ATOM   840 C "C4'" . G   B 1 18 ? -10.854 -16.836 0.267   1.00 103.68 ? 42  G   B "C4'" 1 
ATOM   841 O "O4'" . G   B 1 18 ? -9.813  -15.860 0.532   1.00 104.09 ? 42  G   B "O4'" 1 
ATOM   842 C "C3'" . G   B 1 18 ? -12.032 -15.991 -0.195  1.00 100.95 ? 42  G   B "C3'" 1 
ATOM   843 O "O3'" . G   B 1 18 ? -13.282 -16.634 -0.060  1.00 95.22  ? 42  G   B "O3'" 1 
ATOM   844 C "C2'" . G   B 1 18 ? -11.897 -14.755 0.673   1.00 103.13 ? 42  G   B "C2'" 1 
ATOM   845 O "O2'" . G   B 1 18 ? -12.326 -15.042 1.994   1.00 103.09 ? 42  G   B "O2'" 1 
ATOM   846 C "C1'" . G   B 1 18 ? -10.385 -14.575 0.685   1.00 105.11 ? 42  G   B "C1'" 1 
ATOM   847 N N9    . G   B 1 18 ? -9.934  -13.725 -0.432  1.00 106.79 ? 42  G   B N9    1 
ATOM   848 C C8    . G   B 1 18 ? -9.059  -14.093 -1.423  1.00 107.75 ? 42  G   B C8    1 
ATOM   849 N N7    . G   B 1 18 ? -8.843  -13.137 -2.284  1.00 111.07 ? 42  G   B N7    1 
ATOM   850 C C5    . G   B 1 18 ? -9.619  -12.075 -1.846  1.00 110.47 ? 42  G   B C5    1 
ATOM   851 C C6    . G   B 1 18 ? -9.787  -10.775 -2.390  1.00 112.05 ? 42  G   B C6    1 
ATOM   852 O O6    . G   B 1 18 ? -9.264  -10.283 -3.393  1.00 116.07 ? 42  G   B O6    1 
ATOM   853 N N1    . G   B 1 18 ? -10.660 -10.012 -1.634  1.00 111.40 ? 42  G   B N1    1 
ATOM   854 C C2    . G   B 1 18 ? -11.295 -10.446 -0.504  1.00 113.52 ? 42  G   B C2    1 
ATOM   855 N N2    . G   B 1 18 ? -12.104 -9.556  0.081   1.00 120.26 ? 42  G   B N2    1 
ATOM   856 N N3    . G   B 1 18 ? -11.153 -11.654 0.015   1.00 109.30 ? 42  G   B N3    1 
ATOM   857 C C4    . G   B 1 18 ? -10.301 -12.418 -0.702  1.00 108.44 ? 42  G   B C4    1 
ATOM   858 P P     . U   B 1 19 ? -14.500 -16.185 -1.005  1.00 101.89 ? 43  U   B P     1 
ATOM   859 O OP1   . U   B 1 19 ? -15.700 -16.983 -0.667  1.00 110.65 ? 43  U   B OP1   1 
ATOM   860 O OP2   . U   B 1 19 ? -13.973 -16.169 -2.386  1.00 107.05 ? 43  U   B OP2   1 
ATOM   861 O "O5'" . U   B 1 19 ? -14.791 -14.674 -0.602  1.00 108.18 ? 43  U   B "O5'" 1 
ATOM   862 C "C5'" . U   B 1 19 ? -15.453 -14.360 0.612   1.00 112.37 ? 43  U   B "C5'" 1 
ATOM   863 C "C4'" . U   B 1 19 ? -15.931 -12.928 0.630   1.00 120.64 ? 43  U   B "C4'" 1 
ATOM   864 O "O4'" . U   B 1 19 ? -14.828 -12.029 0.356   1.00 120.02 ? 43  U   B "O4'" 1 
ATOM   865 C "C3'" . U   B 1 19 ? -16.985 -12.555 -0.401  1.00 125.38 ? 43  U   B "C3'" 1 
ATOM   866 O "O3'" . U   B 1 19 ? -18.291 -12.928 0.011   1.00 127.80 ? 43  U   B "O3'" 1 
ATOM   867 C "C2'" . U   B 1 19 ? -16.803 -11.046 -0.539  1.00 125.82 ? 43  U   B "C2'" 1 
ATOM   868 O "O2'" . U   B 1 19 ? -17.468 -10.362 0.511   1.00 125.87 ? 43  U   B "O2'" 1 
ATOM   869 C "C1'" . U   B 1 19 ? -15.295 -10.887 -0.329  1.00 121.75 ? 43  U   B "C1'" 1 
ATOM   870 N N1    . U   B 1 19 ? -14.544 -10.759 -1.595  1.00 118.73 ? 43  U   B N1    1 
ATOM   871 C C2    . U   B 1 19 ? -14.550 -9.548  -2.265  1.00 123.51 ? 43  U   B C2    1 
ATOM   872 O O2    . U   B 1 19 ? -15.166 -8.563  -1.886  1.00 126.79 ? 43  U   B O2    1 
ATOM   873 N N3    . U   B 1 19 ? -13.804 -9.540  -3.416  1.00 122.92 ? 43  U   B N3    1 
ATOM   874 C C4    . U   B 1 19 ? -13.070 -10.586 -3.941  1.00 121.34 ? 43  U   B C4    1 
ATOM   875 O O4    . U   B 1 19 ? -12.450 -10.430 -4.991  1.00 126.45 ? 43  U   B O4    1 
ATOM   876 C C5    . U   B 1 19 ? -13.110 -11.792 -3.182  1.00 117.45 ? 43  U   B C5    1 
ATOM   877 C C6    . U   B 1 19 ? -13.827 -11.832 -2.061  1.00 115.99 ? 43  U   B C6    1 
ATOM   878 P P     . C   B 1 20 ? -19.409 -13.354 -1.062  1.00 138.94 ? 44  C   B P     1 
ATOM   879 O OP1   . C   B 1 20 ? -20.584 -13.862 -0.303  1.00 137.06 ? 44  C   B OP1   1 
ATOM   880 O OP2   . C   B 1 20 ? -18.763 -14.244 -2.064  1.00 134.40 ? 44  C   B OP2   1 
ATOM   881 O "O5'" . C   B 1 20 ? -19.814 -11.980 -1.772  1.00 139.29 ? 44  C   B "O5'" 1 
ATOM   882 C "C5'" . C   B 1 20 ? -20.421 -10.924 -1.036  1.00 137.63 ? 44  C   B "C5'" 1 
ATOM   883 C "C4'" . C   B 1 20 ? -20.492 -9.635  -1.828  1.00 138.75 ? 44  C   B "C4'" 1 
ATOM   884 O "O4'" . C   B 1 20 ? -19.164 -9.093  -2.042  1.00 139.53 ? 44  C   B "O4'" 1 
ATOM   885 C "C3'" . C   B 1 20 ? -21.083 -9.723  -3.226  1.00 138.56 ? 44  C   B "C3'" 1 
ATOM   886 O "O3'" . C   B 1 20 ? -22.502 -9.747  -3.213  1.00 143.54 ? 44  C   B "O3'" 1 
ATOM   887 C "C2'" . C   B 1 20 ? -20.506 -8.490  -3.916  1.00 134.71 ? 44  C   B "C2'" 1 
ATOM   888 O "O2'" . C   B 1 20 ? -21.259 -7.333  -3.588  1.00 136.87 ? 44  C   B "O2'" 1 
ATOM   889 C "C1'" . C   B 1 20 ? -19.128 -8.373  -3.257  1.00 137.90 ? 44  C   B "C1'" 1 
ATOM   890 N N1    . C   B 1 20 ? -18.038 -8.906  -4.107  1.00 140.42 ? 44  C   B N1    1 
ATOM   891 C C2    . C   B 1 20 ? -17.431 -8.076  -5.060  1.00 140.41 ? 44  C   B C2    1 
ATOM   892 O O2    . C   B 1 20 ? -17.815 -6.905  -5.186  1.00 139.75 ? 44  C   B O2    1 
ATOM   893 N N3    . C   B 1 20 ? -16.431 -8.571  -5.825  1.00 139.39 ? 44  C   B N3    1 
ATOM   894 C C4    . C   B 1 20 ? -16.035 -9.836  -5.668  1.00 138.76 ? 44  C   B C4    1 
ATOM   895 N N4    . C   B 1 20 ? -15.046 -10.285 -6.444  1.00 141.05 ? 44  C   B N4    1 
ATOM   896 C C5    . C   B 1 20 ? -16.632 -10.701 -4.708  1.00 134.88 ? 44  C   B C5    1 
ATOM   897 C C6    . C   B 1 20 ? -17.618 -10.197 -3.958  1.00 137.13 ? 44  C   B C6    1 
ATOM   898 P P     . G   B 1 21 ? -23.319 -10.500 -4.375  1.00 135.48 ? 45  G   B P     1 
ATOM   899 O OP1   . G   B 1 21 ? -24.765 -10.371 -4.053  1.00 135.82 ? 45  G   B OP1   1 
ATOM   900 O OP2   . G   B 1 21 ? -22.733 -11.850 -4.559  1.00 133.45 ? 45  G   B OP2   1 
ATOM   901 O "O5'" . G   B 1 21 ? -23.017 -9.634  -5.678  1.00 124.24 ? 45  G   B "O5'" 1 
ATOM   902 C "C5'" . G   B 1 21 ? -23.505 -8.308  -5.780  1.00 129.72 ? 45  G   B "C5'" 1 
ATOM   903 C "C4'" . G   B 1 21 ? -22.931 -7.576  -6.966  1.00 134.67 ? 45  G   B "C4'" 1 
ATOM   904 O "O4'" . G   B 1 21 ? -21.488 -7.493  -6.867  1.00 131.58 ? 45  G   B "O4'" 1 
ATOM   905 C "C3'" . G   B 1 21 ? -23.157 -8.196  -8.333  1.00 142.76 ? 45  G   B "C3'" 1 
ATOM   906 O "O3'" . G   B 1 21 ? -24.478 -8.004  -8.820  1.00 150.66 ? 45  G   B "O3'" 1 
ATOM   907 C "C2'" . G   B 1 21 ? -22.079 -7.518  -9.173  1.00 143.72 ? 45  G   B "C2'" 1 
ATOM   908 O "O2'" . G   B 1 21 ? -22.476 -6.207  -9.551  1.00 145.74 ? 45  G   B "O2'" 1 
ATOM   909 C "C1'" . G   B 1 21 ? -20.931 -7.399  -8.164  1.00 135.42 ? 45  G   B "C1'" 1 
ATOM   910 N N9    . G   B 1 21 ? -19.926 -8.459  -8.352  1.00 131.73 ? 45  G   B N9    1 
ATOM   911 C C8    . G   B 1 21 ? -19.658 -9.540  -7.551  1.00 129.94 ? 45  G   B C8    1 
ATOM   912 N N7    . G   B 1 21 ? -18.703 -10.292 -8.029  1.00 128.29 ? 45  G   B N7    1 
ATOM   913 C C5    . G   B 1 21 ? -18.322 -9.675  -9.213  1.00 130.29 ? 45  G   B C5    1 
ATOM   914 C C6    . G   B 1 21 ? -17.333 -10.029 -10.169 1.00 134.33 ? 45  G   B C6    1 
ATOM   915 O O6    . G   B 1 21 ? -16.560 -10.995 -10.162 1.00 137.34 ? 45  G   B O6    1 
ATOM   916 N N1    . G   B 1 21 ? -17.290 -9.116  -11.216 1.00 136.08 ? 45  G   B N1    1 
ATOM   917 C C2    . G   B 1 21 ? -18.090 -8.009  -11.335 1.00 137.47 ? 45  G   B C2    1 
ATOM   918 N N2    . G   B 1 21 ? -17.899 -7.249  -12.423 1.00 142.95 ? 45  G   B N2    1 
ATOM   919 N N3    . G   B 1 21 ? -19.014 -7.669  -10.454 1.00 133.48 ? 45  G   B N3    1 
ATOM   920 C C4    . G   B 1 21 ? -19.072 -8.541  -9.427  1.00 131.33 ? 45  G   B C4    1 
ATOM   921 P P     . C   B 1 22 ? -25.215 -9.160  -9.668  1.00 164.52 ? 46  C   B P     1 
ATOM   922 O OP1   . C   B 1 22 ? -26.653 -8.793  -9.787  1.00 171.98 ? 46  C   B OP1   1 
ATOM   923 O OP2   . C   B 1 22 ? -24.876 -10.474 -9.067  1.00 157.62 ? 46  C   B OP2   1 
ATOM   924 O "O5'" . C   B 1 22 ? -24.525 -9.083  -11.108 1.00 170.78 ? 46  C   B "O5'" 1 
ATOM   925 C "C5'" . C   B 1 22 ? -24.430 -7.845  -11.802 1.00 178.44 ? 46  C   B "C5'" 1 
ATOM   926 C "C4'" . C   B 1 22 ? -23.613 -7.931  -13.075 1.00 181.44 ? 46  C   B "C4'" 1 
ATOM   927 O "O4'" . C   B 1 22 ? -22.195 -8.038  -12.787 1.00 176.36 ? 46  C   B "O4'" 1 
ATOM   928 C "C3'" . C   B 1 22 ? -23.883 -9.108  -13.999 1.00 190.94 ? 46  C   B "C3'" 1 
ATOM   929 O "O3'" . C   B 1 22 ? -25.070 -8.957  -14.761 1.00 212.25 ? 46  C   B "O3'" 1 
ATOM   930 C "C2'" . C   B 1 22 ? -22.617 -9.150  -14.850 1.00 185.88 ? 46  C   B "C2'" 1 
ATOM   931 O "O2'" . C   B 1 22 ? -22.661 -8.162  -15.868 1.00 192.74 ? 46  C   B "O2'" 1 
ATOM   932 C "C1'" . C   B 1 22 ? -21.548 -8.735  -13.836 1.00 176.13 ? 46  C   B "C1'" 1 
ATOM   933 N N1    . C   B 1 22 ? -20.815 -9.899  -13.286 1.00 166.77 ? 46  C   B N1    1 
ATOM   934 C C2    . C   B 1 22 ? -19.857 -10.518 -14.101 1.00 162.53 ? 46  C   B C2    1 
ATOM   935 O O2    . C   B 1 22 ? -19.653 -10.088 -15.250 1.00 165.81 ? 46  C   B O2    1 
ATOM   936 N N3    . C   B 1 22 ? -19.170 -11.577 -13.619 1.00 154.96 ? 46  C   B N3    1 
ATOM   937 C C4    . C   B 1 22 ? -19.408 -12.014 -12.382 1.00 153.15 ? 46  C   B C4    1 
ATOM   938 N N4    . C   B 1 22 ? -18.706 -13.062 -11.950 1.00 152.83 ? 46  C   B N4    1 
ATOM   939 C C5    . C   B 1 22 ? -20.373 -11.404 -11.530 1.00 153.89 ? 46  C   B C5    1 
ATOM   940 C C6    . C   B 1 22 ? -21.046 -10.356 -12.018 1.00 159.57 ? 46  C   B C6    1 
HETATM 941 C C11   . PAR C 2 .  ? -4.821  -11.393 -5.213  1.00 125.56 ? 101 PAR B C11   1 
HETATM 942 O O11   . PAR C 2 .  ? -5.720  -12.398 -5.779  1.00 125.38 ? 101 PAR B O11   1 
HETATM 943 C C21   . PAR C 2 .  ? -3.565  -11.321 -6.191  1.00 124.65 ? 101 PAR B C21   1 
HETATM 944 N N21   . PAR C 2 .  ? -3.984  -10.886 -7.526  1.00 125.74 ? 101 PAR B N21   1 
HETATM 945 C C31   . PAR C 2 .  ? -2.848  -12.758 -6.218  1.00 120.70 ? 101 PAR B C31   1 
HETATM 946 O O31   . PAR C 2 .  ? -1.692  -12.747 -7.083  1.00 120.00 ? 101 PAR B O31   1 
HETATM 947 C C41   . PAR C 2 .  ? -2.467  -13.103 -4.768  1.00 123.14 ? 101 PAR B C41   1 
HETATM 948 O O41   . PAR C 2 .  ? -1.844  -14.342 -4.753  1.00 129.30 ? 101 PAR B O41   1 
HETATM 949 C C51   . PAR C 2 .  ? -3.772  -13.110 -3.850  1.00 121.41 ? 101 PAR B C51   1 
HETATM 950 O O51   . PAR C 2 .  ? -4.422  -11.832 -3.860  1.00 124.47 ? 101 PAR B O51   1 
HETATM 951 C C61   . PAR C 2 .  ? -3.451  -13.423 -2.416  1.00 125.84 ? 101 PAR B C61   1 
HETATM 952 O O61   . PAR C 2 .  ? -4.678  -13.408 -1.685  1.00 127.25 ? 101 PAR B O61   1 
HETATM 953 C C12   . PAR C 2 .  ? -10.020 -12.675 -6.877  1.00 125.86 ? 101 PAR B C12   1 
HETATM 954 N N12   . PAR C 2 .  ? -11.463 -12.643 -6.775  1.00 129.90 ? 101 PAR B N12   1 
HETATM 955 C C22   . PAR C 2 .  ? -9.419  -13.647 -5.789  1.00 122.33 ? 101 PAR B C22   1 
HETATM 956 C C32   . PAR C 2 .  ? -7.853  -13.696 -5.876  1.00 127.69 ? 101 PAR B C32   1 
HETATM 957 N N32   . PAR C 2 .  ? -7.337  -14.600 -4.849  1.00 129.49 ? 101 PAR B N32   1 
HETATM 958 C C42   . PAR C 2 .  ? -7.187  -12.262 -5.677  1.00 128.16 ? 101 PAR B C42   1 
HETATM 959 C C52   . PAR C 2 .  ? -7.761  -11.326 -6.779  1.00 127.73 ? 101 PAR B C52   1 
HETATM 960 O O52   . PAR C 2 .  ? -7.077  -10.002 -6.528  1.00 128.74 ? 101 PAR B O52   1 
HETATM 961 C C62   . PAR C 2 .  ? -9.379  -11.226 -6.641  1.00 128.95 ? 101 PAR B C62   1 
HETATM 962 O O62   . PAR C 2 .  ? -10.037 -10.412 -7.664  1.00 131.81 ? 101 PAR B O62   1 
HETATM 963 C C13   . PAR C 2 .  ? -7.069  -9.222  -7.654  1.00 130.03 ? 101 PAR B C13   1 
HETATM 964 C C23   . PAR C 2 .  ? -6.399  -7.932  -7.456  1.00 131.32 ? 101 PAR B C23   1 
HETATM 965 O O23   . PAR C 2 .  ? -7.238  -7.144  -6.674  1.00 133.83 ? 101 PAR B O23   1 
HETATM 966 C C33   . PAR C 2 .  ? -6.095  -7.526  -8.914  1.00 131.63 ? 101 PAR B C33   1 
HETATM 967 O O33   . PAR C 2 .  ? -6.797  -6.286  -9.157  1.00 135.88 ? 101 PAR B O33   1 
HETATM 968 C C43   . PAR C 2 .  ? -6.620  -8.652  -9.743  1.00 136.17 ? 101 PAR B C43   1 
HETATM 969 O O43   . PAR C 2 .  ? -6.366  -9.731  -8.775  1.00 135.50 ? 101 PAR B O43   1 
HETATM 970 C C53   . PAR C 2 .  ? -5.763  -8.870  -11.044 1.00 146.66 ? 101 PAR B C53   1 
HETATM 971 O O53   . PAR C 2 .  ? -6.252  -9.951  -11.893 1.00 151.52 ? 101 PAR B O53   1 
HETATM 972 C C14   . PAR C 2 .  ? -6.237  -5.397  -10.171 1.00 139.00 ? 101 PAR B C14   1 
HETATM 973 C C24   . PAR C 2 .  ? -7.140  -4.058  -10.235 1.00 143.47 ? 101 PAR B C24   1 
HETATM 974 N N24   . PAR C 2 .  ? -8.556  -4.433  -10.548 1.00 142.69 ? 101 PAR B N24   1 
HETATM 975 C C34   . PAR C 2 .  ? -6.514  -3.084  -11.351 1.00 142.71 ? 101 PAR B C34   1 
HETATM 976 O O34   . PAR C 2 .  ? -5.141  -2.792  -10.951 1.00 145.98 ? 101 PAR B O34   1 
HETATM 977 C C44   . PAR C 2 .  ? -6.558  -3.808  -12.771 1.00 142.95 ? 101 PAR B C44   1 
HETATM 978 O O44   . PAR C 2 .  ? -7.976  -4.057  -13.111 1.00 144.95 ? 101 PAR B O44   1 
HETATM 979 C C54   . PAR C 2 .  ? -5.689  -5.185  -12.667 1.00 137.42 ? 101 PAR B C54   1 
HETATM 980 O O54   . PAR C 2 .  ? -6.247  -6.054  -11.567 1.00 130.00 ? 101 PAR B O54   1 
HETATM 981 C C64   . PAR C 2 .  ? -5.724  -5.932  -14.041 1.00 140.76 ? 101 PAR B C64   1 
HETATM 982 N N64   . PAR C 2 .  ? -5.906  -7.410  -13.894 1.00 133.80 ? 101 PAR B N64   1 
HETATM 983 O O     . HOH D 3 .  ? 11.496  2.929   -0.999  1.00 123.16 ? 101 HOH A O     1 
HETATM 984 O O     . HOH D 3 .  ? -17.178 -0.703  -13.817 1.00 84.55  ? 102 HOH A O     1 
HETATM 985 O O     . HOH D 3 .  ? 11.825  -1.230  2.812   1.00 59.07  ? 103 HOH A O     1 
HETATM 986 O O     . HOH D 3 .  ? -3.801  -1.824  7.593   1.00 77.94  ? 104 HOH A O     1 
HETATM 987 O O     . HOH E 3 .  ? -0.925  -16.158 -10.232 1.00 74.61  ? 201 HOH B O     1 
HETATM 988 O O     . HOH E 3 .  ? 0.800   -14.586 -12.908 1.00 66.02  ? 202 HOH B O     1 
HETATM 989 O O     . HOH E 3 .  ? 22.836  25.418  9.892   1.00 72.44  ? 203 HOH B O     1 
HETATM 990 O O     . HOH E 3 .  ? -6.669  -13.986 -11.671 1.00 71.98  ? 204 HOH B O     1 
# 
loop_
_pdbx_poly_seq_scheme.asym_id 
_pdbx_poly_seq_scheme.entity_id 
_pdbx_poly_seq_scheme.seq_id 
_pdbx_poly_seq_scheme.mon_id 
_pdbx_poly_seq_scheme.ndb_seq_num 
_pdbx_poly_seq_scheme.pdb_seq_num 
_pdbx_poly_seq_scheme.auth_seq_num 
_pdbx_poly_seq_scheme.pdb_mon_id 
_pdbx_poly_seq_scheme.auth_mon_id 
_pdbx_poly_seq_scheme.pdb_strand_id 
_pdbx_poly_seq_scheme.pdb_ins_code 
_pdbx_poly_seq_scheme.hetero 
A 1 1  U   1  2  2  U   U   A . n 
A 1 2  G   2  3  3  G   G   A . n 
A 1 3  C   3  4  4  C   C   A . n 
A 1 4  G   4  5  5  G   G   A . n 
A 1 5  U   5  6  6  U   U   A . n 
A 1 6  C   6  7  7  C   C   A . n 
A 1 7  1MA 7  8  8  1MA 1MA A . n 
A 1 8  C   8  9  9  C   C   A . n 
A 1 9  G   9  10 10 G   G   A . n 
A 1 10 U   10 11 11 U   U   A . n 
A 1 11 C   11 12 12 C   C   A . n 
A 1 12 G   12 13 13 G   G   A . n 
A 1 13 A   13 14 14 A   A   A . n 
A 1 14 C   14 15 15 C   C   A . n 
A 1 15 G   15 16 16 G   G   A . n 
A 1 16 A   16 17 17 A   A   A . n 
A 1 17 A   17 18 18 A   A   A . n 
A 1 18 G   18 19 19 G   G   A . n 
A 1 19 U   19 20 20 U   U   A . n 
A 1 20 C   20 21 21 C   C   A . n 
A 1 21 G   21 22 22 G   G   A . n 
A 1 22 C   22 23 23 C   C   A . n 
B 1 1  U   1  25 25 U   U   B . n 
B 1 2  G   2  26 26 G   G   B . n 
B 1 3  C   3  27 27 C   C   B . n 
B 1 4  G   4  28 28 G   G   B . n 
B 1 5  U   5  29 29 U   U   B . n 
B 1 6  C   6  30 30 C   C   B . n 
B 1 7  1MA 7  31 31 1MA 1MA B . n 
B 1 8  C   8  32 32 C   C   B . n 
B 1 9  G   9  33 33 G   G   B . n 
B 1 10 U   10 34 34 U   U   B . n 
B 1 11 C   11 35 35 C   C   B . n 
B 1 12 G   12 36 36 G   G   B . n 
B 1 13 A   13 37 37 A   A   B . n 
B 1 14 C   14 38 38 C   C   B . n 
B 1 15 G   15 39 39 G   G   B . n 
B 1 16 A   16 40 40 A   A   B . n 
B 1 17 A   17 41 41 A   A   B . n 
B 1 18 G   18 42 42 G   G   B . n 
B 1 19 U   19 43 43 U   U   B . n 
B 1 20 C   20 44 44 C   C   B . n 
B 1 21 G   21 45 45 G   G   B . n 
B 1 22 C   22 46 46 C   C   B . n 
# 
loop_
_pdbx_nonpoly_scheme.asym_id 
_pdbx_nonpoly_scheme.entity_id 
_pdbx_nonpoly_scheme.mon_id 
_pdbx_nonpoly_scheme.ndb_seq_num 
_pdbx_nonpoly_scheme.pdb_seq_num 
_pdbx_nonpoly_scheme.auth_seq_num 
_pdbx_nonpoly_scheme.pdb_mon_id 
_pdbx_nonpoly_scheme.auth_mon_id 
_pdbx_nonpoly_scheme.pdb_strand_id 
_pdbx_nonpoly_scheme.pdb_ins_code 
C 2 PAR 1 101 101 PAR PAR B . 
D 3 HOH 1 101 101 HOH HOH A . 
D 3 HOH 2 102 103 HOH HOH A . 
D 3 HOH 3 103 102 HOH HOH A . 
D 3 HOH 4 104 104 HOH HOH A . 
E 3 HOH 1 201 201 HOH HOH B . 
E 3 HOH 2 202 202 HOH HOH B . 
E 3 HOH 3 203 203 HOH HOH B . 
E 3 HOH 4 204 204 HOH HOH B . 
# 
_pdbx_struct_assembly.id                   1 
_pdbx_struct_assembly.details              author_and_software_defined_assembly 
_pdbx_struct_assembly.method_details       PISA 
_pdbx_struct_assembly.oligomeric_details   dimeric 
_pdbx_struct_assembly.oligomeric_count     2 
# 
_pdbx_struct_assembly_gen.assembly_id       1 
_pdbx_struct_assembly_gen.oper_expression   1 
_pdbx_struct_assembly_gen.asym_id_list      A,B,C,D,E 
# 
loop_
_pdbx_struct_assembly_prop.biol_id 
_pdbx_struct_assembly_prop.type 
_pdbx_struct_assembly_prop.value 
_pdbx_struct_assembly_prop.details 
1 'ABSA (A^2)' 4220 ? 
1 MORE         -30  ? 
1 'SSA (A^2)'  8240 ? 
# 
_pdbx_struct_oper_list.id                   1 
_pdbx_struct_oper_list.type                 'identity operation' 
_pdbx_struct_oper_list.name                 1_555 
_pdbx_struct_oper_list.symmetry_operation   x,y,z 
_pdbx_struct_oper_list.matrix[1][1]         1.0000000000 
_pdbx_struct_oper_list.matrix[1][2]         0.0000000000 
_pdbx_struct_oper_list.matrix[1][3]         0.0000000000 
_pdbx_struct_oper_list.vector[1]            0.0000000000 
_pdbx_struct_oper_list.matrix[2][1]         0.0000000000 
_pdbx_struct_oper_list.matrix[2][2]         1.0000000000 
_pdbx_struct_oper_list.matrix[2][3]         0.0000000000 
_pdbx_struct_oper_list.vector[2]            0.0000000000 
_pdbx_struct_oper_list.matrix[3][1]         0.0000000000 
_pdbx_struct_oper_list.matrix[3][2]         0.0000000000 
_pdbx_struct_oper_list.matrix[3][3]         1.0000000000 
_pdbx_struct_oper_list.vector[3]            0.0000000000 
# 
loop_
_pdbx_audit_revision_history.ordinal 
_pdbx_audit_revision_history.data_content_type 
_pdbx_audit_revision_history.major_revision 
_pdbx_audit_revision_history.minor_revision 
_pdbx_audit_revision_history.revision_date 
1 'Structure model' 1 0 2018-03-21 
2 'Structure model' 1 1 2023-11-22 
# 
_pdbx_audit_revision_details.ordinal             1 
_pdbx_audit_revision_details.revision_ordinal    1 
_pdbx_audit_revision_details.data_content_type   'Structure model' 
_pdbx_audit_revision_details.provider            repository 
_pdbx_audit_revision_details.type                'Initial release' 
_pdbx_audit_revision_details.description         ? 
_pdbx_audit_revision_details.details             ? 
# 
loop_
_pdbx_audit_revision_group.ordinal 
_pdbx_audit_revision_group.revision_ordinal 
_pdbx_audit_revision_group.data_content_type 
_pdbx_audit_revision_group.group 
1 2 'Structure model' 'Data collection'        
2 2 'Structure model' 'Database references'    
3 2 'Structure model' 'Refinement description' 
4 2 'Structure model' 'Structure summary'      
# 
loop_
_pdbx_audit_revision_category.ordinal 
_pdbx_audit_revision_category.revision_ordinal 
_pdbx_audit_revision_category.data_content_type 
_pdbx_audit_revision_category.category 
1 2 'Structure model' chem_comp                     
2 2 'Structure model' chem_comp_atom                
3 2 'Structure model' chem_comp_bond                
4 2 'Structure model' database_2                    
5 2 'Structure model' pdbx_initial_refinement_model 
# 
loop_
_pdbx_audit_revision_item.ordinal 
_pdbx_audit_revision_item.revision_ordinal 
_pdbx_audit_revision_item.data_content_type 
_pdbx_audit_revision_item.item 
1 2 'Structure model' '_chem_comp.pdbx_synonyms'            
2 2 'Structure model' '_database_2.pdbx_DOI'                
3 2 'Structure model' '_database_2.pdbx_database_accession' 
# 
loop_
_software.citation_id 
_software.classification 
_software.compiler_name 
_software.compiler_version 
_software.contact_author 
_software.contact_author_email 
_software.date 
_software.description 
_software.dependencies 
_software.hardware 
_software.language 
_software.location 
_software.mods 
_software.name 
_software.os 
_software.os_version 
_software.type 
_software.version 
_software.pdbx_ordinal 
? refinement        ? ? ? ? ? ? ? ? ? ? ? PHENIX       ? ? ? 1.8.3_1479 1 
? 'data extraction' ? ? ? ? ? ? ? ? ? ? ? PDB_EXTRACT  ? ? ? 3.22       2 
? 'data scaling'    ? ? ? ? ? ? ? ? ? ? ? CrystalClear ? ? ? .          3 
? phasing           ? ? ? ? ? ? ? ? ? ? ? PHENIX       ? ? ? .          4 
? 'model building'  ? ? ? ? ? ? ? ? ? ? ? Coot         ? ? ? .          5 
? 'data reduction'  ? ? ? ? ? ? ? ? ? ? ? d*TREK       ? ? ? .          6 
? 'data scaling'    ? ? ? ? ? ? ? ? ? ? ? d*TREK       ? ? ? .          7 
? phasing           ? ? ? ? ? ? ? ? ? ? ? PHASER       ? ? ? .          8 
# 
loop_
_pdbx_validate_symm_contact.id 
_pdbx_validate_symm_contact.PDB_model_num 
_pdbx_validate_symm_contact.auth_atom_id_1 
_pdbx_validate_symm_contact.auth_asym_id_1 
_pdbx_validate_symm_contact.auth_comp_id_1 
_pdbx_validate_symm_contact.auth_seq_id_1 
_pdbx_validate_symm_contact.PDB_ins_code_1 
_pdbx_validate_symm_contact.label_alt_id_1 
_pdbx_validate_symm_contact.site_symmetry_1 
_pdbx_validate_symm_contact.auth_atom_id_2 
_pdbx_validate_symm_contact.auth_asym_id_2 
_pdbx_validate_symm_contact.auth_comp_id_2 
_pdbx_validate_symm_contact.auth_seq_id_2 
_pdbx_validate_symm_contact.PDB_ins_code_2 
_pdbx_validate_symm_contact.label_alt_id_2 
_pdbx_validate_symm_contact.site_symmetry_2 
_pdbx_validate_symm_contact.dist 
1 1 OP1   B U 25 ? ? 1_555 "O3'" B C 46 ? ? 1_654 1.22 
2 1 "O2'" A U 2  ? ? 1_555 "O2'" A C 23 ? ? 1_456 2.11 
# 
loop_
_chem_comp_atom.comp_id 
_chem_comp_atom.atom_id 
_chem_comp_atom.type_symbol 
_chem_comp_atom.pdbx_aromatic_flag 
_chem_comp_atom.pdbx_stereo_config 
_chem_comp_atom.pdbx_ordinal 
1MA P      P N N 1   
1MA OP1    O N N 2   
1MA OP2    O N N 3   
1MA OP3    O N N 4   
1MA "O5'"  O N N 5   
1MA "C5'"  C N N 6   
1MA "C4'"  C N R 7   
1MA "O4'"  O N N 8   
1MA "C3'"  C N S 9   
1MA "O3'"  O N N 10  
1MA "C2'"  C N R 11  
1MA "O2'"  O N N 12  
1MA "C1'"  C N R 13  
1MA N9     N Y N 14  
1MA C8     C Y N 15  
1MA N7     N Y N 16  
1MA C5     C Y N 17  
1MA C6     C N N 18  
1MA N6     N N N 19  
1MA N1     N N N 20  
1MA CM1    C N N 21  
1MA C2     C N N 22  
1MA N3     N N N 23  
1MA C4     C Y N 24  
1MA HOP2   H N N 25  
1MA HOP3   H N N 26  
1MA "H5'"  H N N 27  
1MA "H5''" H N N 28  
1MA "H4'"  H N N 29  
1MA "H3'"  H N N 30  
1MA "HO3'" H N N 31  
1MA "H2'"  H N N 32  
1MA "HO2'" H N N 33  
1MA "H1'"  H N N 34  
1MA H8     H N N 35  
1MA HN61   H N N 36  
1MA HM11   H N N 37  
1MA HM12   H N N 38  
1MA HM13   H N N 39  
1MA H2     H N N 40  
A   OP3    O N N 41  
A   P      P N N 42  
A   OP1    O N N 43  
A   OP2    O N N 44  
A   "O5'"  O N N 45  
A   "C5'"  C N N 46  
A   "C4'"  C N R 47  
A   "O4'"  O N N 48  
A   "C3'"  C N S 49  
A   "O3'"  O N N 50  
A   "C2'"  C N R 51  
A   "O2'"  O N N 52  
A   "C1'"  C N R 53  
A   N9     N Y N 54  
A   C8     C Y N 55  
A   N7     N Y N 56  
A   C5     C Y N 57  
A   C6     C Y N 58  
A   N6     N N N 59  
A   N1     N Y N 60  
A   C2     C Y N 61  
A   N3     N Y N 62  
A   C4     C Y N 63  
A   HOP3   H N N 64  
A   HOP2   H N N 65  
A   "H5'"  H N N 66  
A   "H5''" H N N 67  
A   "H4'"  H N N 68  
A   "H3'"  H N N 69  
A   "HO3'" H N N 70  
A   "H2'"  H N N 71  
A   "HO2'" H N N 72  
A   "H1'"  H N N 73  
A   H8     H N N 74  
A   H61    H N N 75  
A   H62    H N N 76  
A   H2     H N N 77  
C   OP3    O N N 78  
C   P      P N N 79  
C   OP1    O N N 80  
C   OP2    O N N 81  
C   "O5'"  O N N 82  
C   "C5'"  C N N 83  
C   "C4'"  C N R 84  
C   "O4'"  O N N 85  
C   "C3'"  C N S 86  
C   "O3'"  O N N 87  
C   "C2'"  C N R 88  
C   "O2'"  O N N 89  
C   "C1'"  C N R 90  
C   N1     N N N 91  
C   C2     C N N 92  
C   O2     O N N 93  
C   N3     N N N 94  
C   C4     C N N 95  
C   N4     N N N 96  
C   C5     C N N 97  
C   C6     C N N 98  
C   HOP3   H N N 99  
C   HOP2   H N N 100 
C   "H5'"  H N N 101 
C   "H5''" H N N 102 
C   "H4'"  H N N 103 
C   "H3'"  H N N 104 
C   "HO3'" H N N 105 
C   "H2'"  H N N 106 
C   "HO2'" H N N 107 
C   "H1'"  H N N 108 
C   H41    H N N 109 
C   H42    H N N 110 
C   H5     H N N 111 
C   H6     H N N 112 
G   OP3    O N N 113 
G   P      P N N 114 
G   OP1    O N N 115 
G   OP2    O N N 116 
G   "O5'"  O N N 117 
G   "C5'"  C N N 118 
G   "C4'"  C N R 119 
G   "O4'"  O N N 120 
G   "C3'"  C N S 121 
G   "O3'"  O N N 122 
G   "C2'"  C N R 123 
G   "O2'"  O N N 124 
G   "C1'"  C N R 125 
G   N9     N Y N 126 
G   C8     C Y N 127 
G   N7     N Y N 128 
G   C5     C Y N 129 
G   C6     C N N 130 
G   O6     O N N 131 
G   N1     N N N 132 
G   C2     C N N 133 
G   N2     N N N 134 
G   N3     N N N 135 
G   C4     C Y N 136 
G   HOP3   H N N 137 
G   HOP2   H N N 138 
G   "H5'"  H N N 139 
G   "H5''" H N N 140 
G   "H4'"  H N N 141 
G   "H3'"  H N N 142 
G   "HO3'" H N N 143 
G   "H2'"  H N N 144 
G   "HO2'" H N N 145 
G   "H1'"  H N N 146 
G   H8     H N N 147 
G   H1     H N N 148 
G   H21    H N N 149 
G   H22    H N N 150 
HOH O      O N N 151 
HOH H1     H N N 152 
HOH H2     H N N 153 
PAR C11    C N S 154 
PAR O11    O N N 155 
PAR C21    C N R 156 
PAR N21    N N N 157 
PAR C31    C N R 158 
PAR O31    O N N 159 
PAR C41    C N S 160 
PAR O41    O N N 161 
PAR C51    C N R 162 
PAR O51    O N N 163 
PAR C61    C N N 164 
PAR O61    O N N 165 
PAR C12    C N R 166 
PAR N12    N N N 167 
PAR C22    C N N 168 
PAR C32    C N S 169 
PAR N32    N N N 170 
PAR C42    C N R 171 
PAR C52    C N R 172 
PAR O52    O N N 173 
PAR C62    C N S 174 
PAR O62    O N N 175 
PAR C13    C N S 176 
PAR C23    C N R 177 
PAR O23    O N N 178 
PAR C33    C N S 179 
PAR O33    O N N 180 
PAR C43    C N R 181 
PAR O43    O N N 182 
PAR C53    C N N 183 
PAR O53    O N N 184 
PAR C14    C N R 185 
PAR C24    C N R 186 
PAR N24    N N N 187 
PAR C34    C N R 188 
PAR O34    O N N 189 
PAR C44    C N S 190 
PAR O44    O N N 191 
PAR C54    C N S 192 
PAR O54    O N N 193 
PAR C64    C N N 194 
PAR N64    N N N 195 
PAR H11    H N N 196 
PAR H21    H N N 197 
PAR HN21   H N N 198 
PAR HN22   H N N 199 
PAR H31    H N N 200 
PAR HO31   H N N 201 
PAR H41    H N N 202 
PAR HO41   H N N 203 
PAR H51    H N N 204 
PAR H611   H N N 205 
PAR H612   H N N 206 
PAR HO61   H N N 207 
PAR H12    H N N 208 
PAR H121   H N N 209 
PAR H122   H N N 210 
PAR H221   H N N 211 
PAR H222   H N N 212 
PAR H32    H N N 213 
PAR H321   H N N 214 
PAR H322   H N N 215 
PAR H42    H N N 216 
PAR H52    H N N 217 
PAR H62    H N N 218 
PAR HO62   H N N 219 
PAR H13    H N N 220 
PAR H23    H N N 221 
PAR HO23   H N N 222 
PAR H33    H N N 223 
PAR H43    H N N 224 
PAR H531   H N N 225 
PAR H532   H N N 226 
PAR HO53   H N N 227 
PAR H14    H N N 228 
PAR H24    H N N 229 
PAR H241   H N N 230 
PAR H242   H N N 231 
PAR H34    H N N 232 
PAR HO34   H N N 233 
PAR H44    H N N 234 
PAR HO44   H N N 235 
PAR H54    H N N 236 
PAR H641   H N N 237 
PAR H642   H N N 238 
PAR HN61   H N N 239 
PAR HN62   H N N 240 
U   OP3    O N N 241 
U   P      P N N 242 
U   OP1    O N N 243 
U   OP2    O N N 244 
U   "O5'"  O N N 245 
U   "C5'"  C N N 246 
U   "C4'"  C N R 247 
U   "O4'"  O N N 248 
U   "C3'"  C N S 249 
U   "O3'"  O N N 250 
U   "C2'"  C N R 251 
U   "O2'"  O N N 252 
U   "C1'"  C N R 253 
U   N1     N N N 254 
U   C2     C N N 255 
U   O2     O N N 256 
U   N3     N N N 257 
U   C4     C N N 258 
U   O4     O N N 259 
U   C5     C N N 260 
U   C6     C N N 261 
U   HOP3   H N N 262 
U   HOP2   H N N 263 
U   "H5'"  H N N 264 
U   "H5''" H N N 265 
U   "H4'"  H N N 266 
U   "H3'"  H N N 267 
U   "HO3'" H N N 268 
U   "H2'"  H N N 269 
U   "HO2'" H N N 270 
U   "H1'"  H N N 271 
U   H3     H N N 272 
U   H5     H N N 273 
U   H6     H N N 274 
# 
loop_
_chem_comp_bond.comp_id 
_chem_comp_bond.atom_id_1 
_chem_comp_bond.atom_id_2 
_chem_comp_bond.value_order 
_chem_comp_bond.pdbx_aromatic_flag 
_chem_comp_bond.pdbx_stereo_config 
_chem_comp_bond.pdbx_ordinal 
1MA P     OP1    doub N N 1   
1MA P     OP2    sing N N 2   
1MA P     OP3    sing N N 3   
1MA P     "O5'"  sing N N 4   
1MA OP2   HOP2   sing N N 5   
1MA OP3   HOP3   sing N N 6   
1MA "O5'" "C5'"  sing N N 7   
1MA "C5'" "C4'"  sing N N 8   
1MA "C5'" "H5'"  sing N N 9   
1MA "C5'" "H5''" sing N N 10  
1MA "C4'" "O4'"  sing N N 11  
1MA "C4'" "C3'"  sing N N 12  
1MA "C4'" "H4'"  sing N N 13  
1MA "O4'" "C1'"  sing N N 14  
1MA "C3'" "O3'"  sing N N 15  
1MA "C3'" "C2'"  sing N N 16  
1MA "C3'" "H3'"  sing N N 17  
1MA "O3'" "HO3'" sing N N 18  
1MA "C2'" "O2'"  sing N N 19  
1MA "C2'" "C1'"  sing N N 20  
1MA "C2'" "H2'"  sing N N 21  
1MA "O2'" "HO2'" sing N N 22  
1MA "C1'" N9     sing N N 23  
1MA "C1'" "H1'"  sing N N 24  
1MA N9    C8     sing Y N 25  
1MA N9    C4     sing Y N 26  
1MA C8    N7     doub Y N 27  
1MA C8    H8     sing N N 28  
1MA N7    C5     sing Y N 29  
1MA C5    C6     sing N N 30  
1MA C5    C4     doub Y N 31  
1MA C6    N6     doub N N 32  
1MA C6    N1     sing N N 33  
1MA N6    HN61   sing N N 34  
1MA N1    CM1    sing N N 35  
1MA N1    C2     sing N N 36  
1MA CM1   HM11   sing N N 37  
1MA CM1   HM12   sing N N 38  
1MA CM1   HM13   sing N N 39  
1MA C2    N3     doub N N 40  
1MA C2    H2     sing N N 41  
1MA N3    C4     sing N N 42  
A   OP3   P      sing N N 43  
A   OP3   HOP3   sing N N 44  
A   P     OP1    doub N N 45  
A   P     OP2    sing N N 46  
A   P     "O5'"  sing N N 47  
A   OP2   HOP2   sing N N 48  
A   "O5'" "C5'"  sing N N 49  
A   "C5'" "C4'"  sing N N 50  
A   "C5'" "H5'"  sing N N 51  
A   "C5'" "H5''" sing N N 52  
A   "C4'" "O4'"  sing N N 53  
A   "C4'" "C3'"  sing N N 54  
A   "C4'" "H4'"  sing N N 55  
A   "O4'" "C1'"  sing N N 56  
A   "C3'" "O3'"  sing N N 57  
A   "C3'" "C2'"  sing N N 58  
A   "C3'" "H3'"  sing N N 59  
A   "O3'" "HO3'" sing N N 60  
A   "C2'" "O2'"  sing N N 61  
A   "C2'" "C1'"  sing N N 62  
A   "C2'" "H2'"  sing N N 63  
A   "O2'" "HO2'" sing N N 64  
A   "C1'" N9     sing N N 65  
A   "C1'" "H1'"  sing N N 66  
A   N9    C8     sing Y N 67  
A   N9    C4     sing Y N 68  
A   C8    N7     doub Y N 69  
A   C8    H8     sing N N 70  
A   N7    C5     sing Y N 71  
A   C5    C6     sing Y N 72  
A   C5    C4     doub Y N 73  
A   C6    N6     sing N N 74  
A   C6    N1     doub Y N 75  
A   N6    H61    sing N N 76  
A   N6    H62    sing N N 77  
A   N1    C2     sing Y N 78  
A   C2    N3     doub Y N 79  
A   C2    H2     sing N N 80  
A   N3    C4     sing Y N 81  
C   OP3   P      sing N N 82  
C   OP3   HOP3   sing N N 83  
C   P     OP1    doub N N 84  
C   P     OP2    sing N N 85  
C   P     "O5'"  sing N N 86  
C   OP2   HOP2   sing N N 87  
C   "O5'" "C5'"  sing N N 88  
C   "C5'" "C4'"  sing N N 89  
C   "C5'" "H5'"  sing N N 90  
C   "C5'" "H5''" sing N N 91  
C   "C4'" "O4'"  sing N N 92  
C   "C4'" "C3'"  sing N N 93  
C   "C4'" "H4'"  sing N N 94  
C   "O4'" "C1'"  sing N N 95  
C   "C3'" "O3'"  sing N N 96  
C   "C3'" "C2'"  sing N N 97  
C   "C3'" "H3'"  sing N N 98  
C   "O3'" "HO3'" sing N N 99  
C   "C2'" "O2'"  sing N N 100 
C   "C2'" "C1'"  sing N N 101 
C   "C2'" "H2'"  sing N N 102 
C   "O2'" "HO2'" sing N N 103 
C   "C1'" N1     sing N N 104 
C   "C1'" "H1'"  sing N N 105 
C   N1    C2     sing N N 106 
C   N1    C6     sing N N 107 
C   C2    O2     doub N N 108 
C   C2    N3     sing N N 109 
C   N3    C4     doub N N 110 
C   C4    N4     sing N N 111 
C   C4    C5     sing N N 112 
C   N4    H41    sing N N 113 
C   N4    H42    sing N N 114 
C   C5    C6     doub N N 115 
C   C5    H5     sing N N 116 
C   C6    H6     sing N N 117 
G   OP3   P      sing N N 118 
G   OP3   HOP3   sing N N 119 
G   P     OP1    doub N N 120 
G   P     OP2    sing N N 121 
G   P     "O5'"  sing N N 122 
G   OP2   HOP2   sing N N 123 
G   "O5'" "C5'"  sing N N 124 
G   "C5'" "C4'"  sing N N 125 
G   "C5'" "H5'"  sing N N 126 
G   "C5'" "H5''" sing N N 127 
G   "C4'" "O4'"  sing N N 128 
G   "C4'" "C3'"  sing N N 129 
G   "C4'" "H4'"  sing N N 130 
G   "O4'" "C1'"  sing N N 131 
G   "C3'" "O3'"  sing N N 132 
G   "C3'" "C2'"  sing N N 133 
G   "C3'" "H3'"  sing N N 134 
G   "O3'" "HO3'" sing N N 135 
G   "C2'" "O2'"  sing N N 136 
G   "C2'" "C1'"  sing N N 137 
G   "C2'" "H2'"  sing N N 138 
G   "O2'" "HO2'" sing N N 139 
G   "C1'" N9     sing N N 140 
G   "C1'" "H1'"  sing N N 141 
G   N9    C8     sing Y N 142 
G   N9    C4     sing Y N 143 
G   C8    N7     doub Y N 144 
G   C8    H8     sing N N 145 
G   N7    C5     sing Y N 146 
G   C5    C6     sing N N 147 
G   C5    C4     doub Y N 148 
G   C6    O6     doub N N 149 
G   C6    N1     sing N N 150 
G   N1    C2     sing N N 151 
G   N1    H1     sing N N 152 
G   C2    N2     sing N N 153 
G   C2    N3     doub N N 154 
G   N2    H21    sing N N 155 
G   N2    H22    sing N N 156 
G   N3    C4     sing N N 157 
HOH O     H1     sing N N 158 
HOH O     H2     sing N N 159 
PAR C11   O11    sing N N 160 
PAR C11   C21    sing N N 161 
PAR C11   O51    sing N N 162 
PAR C11   H11    sing N N 163 
PAR O11   C42    sing N N 164 
PAR C21   N21    sing N N 165 
PAR C21   C31    sing N N 166 
PAR C21   H21    sing N N 167 
PAR N21   HN21   sing N N 168 
PAR N21   HN22   sing N N 169 
PAR C31   O31    sing N N 170 
PAR C31   C41    sing N N 171 
PAR C31   H31    sing N N 172 
PAR O31   HO31   sing N N 173 
PAR C41   O41    sing N N 174 
PAR C41   C51    sing N N 175 
PAR C41   H41    sing N N 176 
PAR O41   HO41   sing N N 177 
PAR C51   O51    sing N N 178 
PAR C51   C61    sing N N 179 
PAR C51   H51    sing N N 180 
PAR C61   O61    sing N N 181 
PAR C61   H611   sing N N 182 
PAR C61   H612   sing N N 183 
PAR O61   HO61   sing N N 184 
PAR C12   N12    sing N N 185 
PAR C12   C22    sing N N 186 
PAR C12   C62    sing N N 187 
PAR C12   H12    sing N N 188 
PAR N12   H121   sing N N 189 
PAR N12   H122   sing N N 190 
PAR C22   C32    sing N N 191 
PAR C22   H221   sing N N 192 
PAR C22   H222   sing N N 193 
PAR C32   N32    sing N N 194 
PAR C32   C42    sing N N 195 
PAR C32   H32    sing N N 196 
PAR N32   H321   sing N N 197 
PAR N32   H322   sing N N 198 
PAR C42   C52    sing N N 199 
PAR C42   H42    sing N N 200 
PAR C52   O52    sing N N 201 
PAR C52   C62    sing N N 202 
PAR C52   H52    sing N N 203 
PAR O52   C13    sing N N 204 
PAR C62   O62    sing N N 205 
PAR C62   H62    sing N N 206 
PAR O62   HO62   sing N N 207 
PAR C13   C23    sing N N 208 
PAR C13   O43    sing N N 209 
PAR C13   H13    sing N N 210 
PAR C23   O23    sing N N 211 
PAR C23   C33    sing N N 212 
PAR C23   H23    sing N N 213 
PAR O23   HO23   sing N N 214 
PAR C33   O33    sing N N 215 
PAR C33   C43    sing N N 216 
PAR C33   H33    sing N N 217 
PAR O33   C14    sing N N 218 
PAR C43   O43    sing N N 219 
PAR C43   C53    sing N N 220 
PAR C43   H43    sing N N 221 
PAR C53   O53    sing N N 222 
PAR C53   H531   sing N N 223 
PAR C53   H532   sing N N 224 
PAR O53   HO53   sing N N 225 
PAR C14   C24    sing N N 226 
PAR C14   O54    sing N N 227 
PAR C14   H14    sing N N 228 
PAR C24   N24    sing N N 229 
PAR C24   C34    sing N N 230 
PAR C24   H24    sing N N 231 
PAR N24   H241   sing N N 232 
PAR N24   H242   sing N N 233 
PAR C34   O34    sing N N 234 
PAR C34   C44    sing N N 235 
PAR C34   H34    sing N N 236 
PAR O34   HO34   sing N N 237 
PAR C44   O44    sing N N 238 
PAR C44   C54    sing N N 239 
PAR C44   H44    sing N N 240 
PAR O44   HO44   sing N N 241 
PAR C54   O54    sing N N 242 
PAR C54   C64    sing N N 243 
PAR C54   H54    sing N N 244 
PAR C64   N64    sing N N 245 
PAR C64   H641   sing N N 246 
PAR C64   H642   sing N N 247 
PAR N64   HN61   sing N N 248 
PAR N64   HN62   sing N N 249 
U   OP3   P      sing N N 250 
U   OP3   HOP3   sing N N 251 
U   P     OP1    doub N N 252 
U   P     OP2    sing N N 253 
U   P     "O5'"  sing N N 254 
U   OP2   HOP2   sing N N 255 
U   "O5'" "C5'"  sing N N 256 
U   "C5'" "C4'"  sing N N 257 
U   "C5'" "H5'"  sing N N 258 
U   "C5'" "H5''" sing N N 259 
U   "C4'" "O4'"  sing N N 260 
U   "C4'" "C3'"  sing N N 261 
U   "C4'" "H4'"  sing N N 262 
U   "O4'" "C1'"  sing N N 263 
U   "C3'" "O3'"  sing N N 264 
U   "C3'" "C2'"  sing N N 265 
U   "C3'" "H3'"  sing N N 266 
U   "O3'" "HO3'" sing N N 267 
U   "C2'" "O2'"  sing N N 268 
U   "C2'" "C1'"  sing N N 269 
U   "C2'" "H2'"  sing N N 270 
U   "O2'" "HO2'" sing N N 271 
U   "C1'" N1     sing N N 272 
U   "C1'" "H1'"  sing N N 273 
U   N1    C2     sing N N 274 
U   N1    C6     sing N N 275 
U   C2    O2     doub N N 276 
U   C2    N3     sing N N 277 
U   N3    C4     sing N N 278 
U   N3    H3     sing N N 279 
U   C4    O4     doub N N 280 
U   C4    C5     sing N N 281 
U   C5    C6     doub N N 282 
U   C5    H5     sing N N 283 
U   C6    H6     sing N N 284 
# 
loop_
_ndb_struct_conf_na.entry_id 
_ndb_struct_conf_na.feature 
5ZEJ 'double helix'        
5ZEJ 'a-form double helix' 
# 
loop_
_ndb_struct_na_base_pair.model_number 
_ndb_struct_na_base_pair.i_label_asym_id 
_ndb_struct_na_base_pair.i_label_comp_id 
_ndb_struct_na_base_pair.i_label_seq_id 
_ndb_struct_na_base_pair.i_symmetry 
_ndb_struct_na_base_pair.j_label_asym_id 
_ndb_struct_na_base_pair.j_label_comp_id 
_ndb_struct_na_base_pair.j_label_seq_id 
_ndb_struct_na_base_pair.j_symmetry 
_ndb_struct_na_base_pair.shear 
_ndb_struct_na_base_pair.stretch 
_ndb_struct_na_base_pair.stagger 
_ndb_struct_na_base_pair.buckle 
_ndb_struct_na_base_pair.propeller 
_ndb_struct_na_base_pair.opening 
_ndb_struct_na_base_pair.pair_number 
_ndb_struct_na_base_pair.pair_name 
_ndb_struct_na_base_pair.i_auth_asym_id 
_ndb_struct_na_base_pair.i_auth_seq_id 
_ndb_struct_na_base_pair.i_PDB_ins_code 
_ndb_struct_na_base_pair.j_auth_asym_id 
_ndb_struct_na_base_pair.j_auth_seq_id 
_ndb_struct_na_base_pair.j_PDB_ins_code 
_ndb_struct_na_base_pair.hbond_type_28 
_ndb_struct_na_base_pair.hbond_type_12 
1 A G 2  1_555 B C 22 1_555 0.409  -0.197 -0.127 5.987   10.430  -1.363 1  A_G3:C46_B  A 3  ? B 46 ? 19 1 
1 A C 3  1_555 B G 21 1_555 0.743  -0.429 -1.169 8.621   -4.140  -0.294 2  A_C4:G45_B  A 4  ? B 45 ? 19 1 
1 A G 4  1_555 B C 20 1_555 0.517  -0.024 -0.801 -16.743 -4.443  -1.590 3  A_G5:C44_B  A 5  ? B 44 ? 19 1 
1 A C 6  1_555 B G 18 1_555 0.564  -0.285 0.133  -6.864  -0.775  1.219  4  A_C7:G42_B  A 7  ? B 42 ? 19 1 
1 A C 8  1_555 B G 15 1_555 0.661  0.009  0.231  11.303  -18.443 8.197  5  A_C9:G39_B  A 9  ? B 39 ? 19 1 
1 A G 9  1_555 B C 14 1_555 -0.134 -0.145 -0.116 -2.685  -13.933 -0.866 6  A_G10:C38_B A 10 ? B 38 ? 19 1 
1 A U 10 1_555 B A 13 1_555 0.099  -0.001 -0.556 5.894   -12.127 3.460  7  A_U11:A37_B A 11 ? B 37 ? 20 1 
1 A C 11 1_555 B G 12 1_555 0.756  -0.240 0.624  -3.286  1.724   -0.436 8  A_C12:G36_B A 12 ? B 36 ? 19 1 
1 A G 12 1_555 B C 11 1_555 -0.243 0.548  -0.502 1.639   -10.398 -0.395 9  A_G13:C35_B A 13 ? B 35 ? 19 1 
1 A A 13 1_555 B U 10 1_555 0.425  0.089  0.500  9.151   15.267  -2.314 10 A_A14:U34_B A 14 ? B 34 ? 20 1 
1 A C 14 1_555 B G 9  1_555 -0.087 -0.096 -0.318 -2.405  -12.677 4.038  11 A_C15:G33_B A 15 ? B 33 ? 19 1 
1 A G 15 1_555 B C 8  1_555 -0.007 -0.103 -0.492 -15.210 -13.874 3.007  12 A_G16:C32_B A 16 ? B 32 ? 19 1 
1 A G 18 1_555 B C 6  1_555 -0.189 0.186  0.256  4.233   -10.578 8.927  13 A_G19:C30_B A 19 ? B 30 ? 19 1 
1 A U 19 1_555 B U 5  1_555 1.254  -1.040 -0.383 10.860  -24.626 4.077  14 A_U20:U29_B A 20 ? B 29 ? ?  ? 
1 A C 20 1_555 B G 4  1_555 0.147  -0.093 -0.346 14.183  -15.850 3.076  15 A_C21:G28_B A 21 ? B 28 ? 19 1 
1 A G 21 1_555 B C 3  1_555 0.136  0.193  -0.065 1.065   -9.285  -5.488 16 A_G22:C27_B A 22 ? B 27 ? 19 1 
1 A C 22 1_555 B G 2  1_555 0.402  0.230  0.013  10.148  -8.607  -5.929 17 A_C23:G26_B A 23 ? B 26 ? 19 1 
# 
loop_
_ndb_struct_na_base_pair_step.model_number 
_ndb_struct_na_base_pair_step.i_label_asym_id_1 
_ndb_struct_na_base_pair_step.i_label_comp_id_1 
_ndb_struct_na_base_pair_step.i_label_seq_id_1 
_ndb_struct_na_base_pair_step.i_symmetry_1 
_ndb_struct_na_base_pair_step.j_label_asym_id_1 
_ndb_struct_na_base_pair_step.j_label_comp_id_1 
_ndb_struct_na_base_pair_step.j_label_seq_id_1 
_ndb_struct_na_base_pair_step.j_symmetry_1 
_ndb_struct_na_base_pair_step.i_label_asym_id_2 
_ndb_struct_na_base_pair_step.i_label_comp_id_2 
_ndb_struct_na_base_pair_step.i_label_seq_id_2 
_ndb_struct_na_base_pair_step.i_symmetry_2 
_ndb_struct_na_base_pair_step.j_label_asym_id_2 
_ndb_struct_na_base_pair_step.j_label_comp_id_2 
_ndb_struct_na_base_pair_step.j_label_seq_id_2 
_ndb_struct_na_base_pair_step.j_symmetry_2 
_ndb_struct_na_base_pair_step.shift 
_ndb_struct_na_base_pair_step.slide 
_ndb_struct_na_base_pair_step.rise 
_ndb_struct_na_base_pair_step.tilt 
_ndb_struct_na_base_pair_step.roll 
_ndb_struct_na_base_pair_step.twist 
_ndb_struct_na_base_pair_step.x_displacement 
_ndb_struct_na_base_pair_step.y_displacement 
_ndb_struct_na_base_pair_step.helical_rise 
_ndb_struct_na_base_pair_step.inclination 
_ndb_struct_na_base_pair_step.tip 
_ndb_struct_na_base_pair_step.helical_twist 
_ndb_struct_na_base_pair_step.step_number 
_ndb_struct_na_base_pair_step.step_name 
_ndb_struct_na_base_pair_step.i_auth_asym_id_1 
_ndb_struct_na_base_pair_step.i_auth_seq_id_1 
_ndb_struct_na_base_pair_step.i_PDB_ins_code_1 
_ndb_struct_na_base_pair_step.j_auth_asym_id_1 
_ndb_struct_na_base_pair_step.j_auth_seq_id_1 
_ndb_struct_na_base_pair_step.j_PDB_ins_code_1 
_ndb_struct_na_base_pair_step.i_auth_asym_id_2 
_ndb_struct_na_base_pair_step.i_auth_seq_id_2 
_ndb_struct_na_base_pair_step.i_PDB_ins_code_2 
_ndb_struct_na_base_pair_step.j_auth_asym_id_2 
_ndb_struct_na_base_pair_step.j_auth_seq_id_2 
_ndb_struct_na_base_pair_step.j_PDB_ins_code_2 
1 A G 2  1_555 B C 22 1_555 A C 3  1_555 B G 21 1_555 -0.337 -2.024 3.404 5.550   3.187  33.745 -3.931 1.445  3.112 5.429  -9.455  
34.329 1  AA_G3C4:G45C46_BB   A 3  ? B 46 ? A 4  ? B 45 ? 
1 A C 3  1_555 B G 21 1_555 A G 4  1_555 B C 20 1_555 -0.540 -1.574 4.349 0.542   12.029 28.993 -5.720 1.126  3.430 22.824 -1.028  
31.344 2  AA_C4G5:C44G45_BB   A 4  ? B 45 ? A 5  ? B 44 ? 
1 A G 4  1_555 B C 20 1_555 A C 6  1_555 B G 18 1_555 1.073  -4.104 6.118 -0.713  2.179  64.820 -3.995 -1.055 5.981 2.032  0.665   
64.856 3  AA_G5C7:G42C44_BB   A 5  ? B 44 ? A 7  ? B 42 ? 
1 A C 6  1_555 B G 18 1_555 A C 8  1_555 B G 15 1_555 1.954  -3.954 5.749 -5.075  18.211 73.590 -4.113 -1.841 4.686 14.964 4.170   
75.645 4  AA_C7C9:G39G42_BB   A 7  ? B 42 ? A 9  ? B 39 ? 
1 A C 8  1_555 B G 15 1_555 A G 9  1_555 B C 14 1_555 -0.274 -1.604 3.130 0.376   14.902 31.207 -4.673 0.512  2.160 25.929 -0.654  
34.505 5  AA_C9G10:C38G39_BB  A 9  ? B 39 ? A 10 ? B 38 ? 
1 A G 9  1_555 B C 14 1_555 A U 10 1_555 B A 13 1_555 -0.093 -1.737 3.044 1.794   3.734  30.466 -3.935 0.492  2.806 7.065  -3.395  
30.740 6  AA_G10U11:A37C38_BB A 10 ? B 38 ? A 11 ? B 37 ? 
1 A U 10 1_555 B A 13 1_555 A C 11 1_555 B G 12 1_555 -0.063 -1.268 3.542 -6.313  8.428  36.487 -3.076 -0.746 3.150 13.127 9.834   
37.927 7  AA_U11C12:G36A37_BB A 11 ? B 37 ? A 12 ? B 36 ? 
1 A C 11 1_555 B G 12 1_555 A G 12 1_555 B C 11 1_555 -0.139 -1.632 2.739 9.566   10.205 29.613 -4.234 1.497  1.950 18.708 -17.537 
32.684 8  AA_C12G13:C35G36_BB A 12 ? B 36 ? A 13 ? B 35 ? 
1 A G 12 1_555 B C 11 1_555 A A 13 1_555 B U 10 1_555 -0.589 -1.395 2.902 -10.882 7.668  31.617 -3.421 -0.493 2.564 13.358 18.956  
34.239 9  AA_G13A14:U34C35_BB A 13 ? B 35 ? A 14 ? B 34 ? 
1 A A 13 1_555 B U 10 1_555 A C 14 1_555 B G 9  1_555 0.056  -1.962 3.569 5.897   13.881 30.157 -5.589 0.838  2.428 24.823 -10.546 
33.640 10 AA_A14C15:G33U34_BB A 14 ? B 34 ? A 15 ? B 33 ? 
1 A C 14 1_555 B G 9  1_555 A G 15 1_555 B C 8  1_555 0.464  -1.318 3.617 -0.417  15.820 32.629 -4.397 -0.807 2.707 26.317 0.694   
36.171 11 AA_C15G16:C32G33_BB A 15 ? B 33 ? A 16 ? B 32 ? 
1 A G 15 1_555 B C 8  1_555 A G 18 1_555 B C 6  1_555 -1.912 -2.763 6.144 -0.969  7.839  71.884 -2.822 1.562  5.880 6.658  0.823   
72.258 12 AA_G16G19:C30C32_BB A 16 ? B 32 ? A 19 ? B 30 ? 
1 A G 18 1_555 B C 6  1_555 A U 19 1_555 B U 5  1_555 -0.388 -1.169 3.024 6.536   3.971  39.193 -2.125 1.245  2.799 5.852  -9.632  
39.903 13 AA_G19U20:U29C30_BB A 19 ? B 30 ? A 20 ? B 29 ? 
1 A U 19 1_555 B U 5  1_555 A C 20 1_555 B G 4  1_555 0.414  -1.159 3.145 1.492   6.851  31.586 -3.205 -0.498 2.854 12.396 -2.699  
32.336 14 AA_U20C21:G28U29_BB A 20 ? B 29 ? A 21 ? B 28 ? 
1 A C 20 1_555 B G 4  1_555 A G 21 1_555 B C 3  1_555 -1.516 -2.186 3.455 -3.769  15.279 30.645 -5.932 2.015  2.304 26.806 6.612   
34.363 15 AA_C21G22:C27G28_BB A 21 ? B 28 ? A 22 ? B 27 ? 
1 A G 21 1_555 B C 3  1_555 A C 22 1_555 B G 2  1_555 0.162  -1.369 3.363 2.354   -2.046 30.038 -2.194 0.188  3.449 -3.935 -4.526  
30.196 16 AA_G22C23:G26C27_BB A 22 ? B 27 ? A 23 ? B 26 ? 
# 
loop_
_pdbx_audit_support.funding_organization 
_pdbx_audit_support.country 
_pdbx_audit_support.grant_number 
_pdbx_audit_support.ordinal 
'Ministry of Education, Culture, Sports, Science and Technology (Japan)' Japan 23790054   1 
'Ministry of Education, Culture, Sports, Science and Technology (Japan)' Japan 26860025   2 
'Ministry of Education, Culture, Sports, Science and Technology (Japan)' Japan 17K08248   3 
'Kurata Grant'                                                           Japan '2013- 20' 4 
'Ichiro Kanehara Foundation'                                             Japan 15KI192    5 
'Japan Science Society'                                                  Japan 28-325     6 
'Ministry of Education, Culture, Sports, Science and Technology (Japan)' Japan 17K08248   7 
# 
loop_
_pdbx_entity_nonpoly.entity_id 
_pdbx_entity_nonpoly.name 
_pdbx_entity_nonpoly.comp_id 
2 PAROMOMYCIN PAR 
3 water       HOH 
# 
_pdbx_initial_refinement_model.id               1 
_pdbx_initial_refinement_model.entity_id_list   ? 
_pdbx_initial_refinement_model.type             'experimental model' 
_pdbx_initial_refinement_model.source_name      PDB 
_pdbx_initial_refinement_model.accession_code   3TD1 
_pdbx_initial_refinement_model.details          ? 
# 
_pdbx_struct_assembly_auth_evidence.id                     1 
_pdbx_struct_assembly_auth_evidence.assembly_id            1 
_pdbx_struct_assembly_auth_evidence.experimental_support   none 
_pdbx_struct_assembly_auth_evidence.details                ? 
# 
